data_7Z4D
#
_entry.id   7Z4D
#
_cell.length_a   88.636
_cell.length_b   95.509
_cell.length_c   169.797
_cell.angle_alpha   80.830
_cell.angle_beta   78.040
_cell.angle_gamma   62.340
#
_symmetry.space_group_name_H-M   'P 1'
#
loop_
_entity.id
_entity.type
_entity.pdbx_description
1 polymer sgRNA
2 polymer 'CRISPR-associated endonuclease Cas9/Csn1'
3 polymer 'Target strand of 10 nucleotide complementary DNA substrate'
4 polymer 'Non-target strand of 10 nucleotide complementary DNA substrate'
5 non-polymer 'POTASSIUM ION'
6 water water
#
loop_
_entity_poly.entity_id
_entity_poly.type
_entity_poly.pdbx_seq_one_letter_code
_entity_poly.pdbx_strand_id
1 'polyribonucleotide'
;GGGACGCAUAAAGAUGAGACGCGUUUUAGAGCUAGAAAUAGCAAGUUAAAAUAAGGCUAGUCCGUUAUCAACUUGAAAAA
GUGA
;
A,F
2 'polypeptide(L)'
;MDKKYSIGLAIGTNSVGWAVITDEYKVPSKKFKVLGNTDRHSIKKNLIGALLFDSGETAEATRLKRTARRRYTRRKNRIC
YLQEIFSNEMAKVDDSFFHRLEESFLVEEDKKHERHPIFGNIVDEVAYHEKYPTIYHLRKKLVDSTDKADLRLIYLALAH
MIKFRGHFLIEGDLNPDNSDVDKLFIQLVQTYNQLFEENPINASGVDAKAILSARLSKSRRLENLIAQLPGEKKNGLFGN
LIALSLGLTPNFKSNFDLAEDAKLQLSKDTYDDDLDNLLAQIGDQYADLFLAAKNLSDAILLSDILRVNTEITKAPLSAS
MIKRYDEHHQDLTLLKALVRQQLPEKYKEIFFDQSKNGYAGYIDGGASQEEFYKFIKPILEKMDGTEELLVKLNREDLLR
KQRTFDNGSIPHQIHLGELHAILRRQEDFYPFLKDNREKIEKILTFRIPYYVGPLARGNSRFAWMTRKSEETITPWNFEE
VVDKGASAQSFIERMTNFDKNLPNEKVLPKHSLLYEYFTVYNELTKVKYVTEGMRKPAFLSGEQKKAIVDLLFKTNRKVT
VKQLKEDYFKKIECFDSVEISGVEDRFNASLGTYHDLLKIIKDKDFLDNEENEDILEDIVLTLTLFEDREMIEERLKTYA
HLFDDKVMKQLKRRRYTGWGRLSRKLINGIRDKQSGKTILDFLKSDGFANRNFMQLIHDDSLTFKEDIQKAQVSGQGDSL
HEHIANLAGSPAIKKGILQTVKVVDELVKVMGRHKPENIVIEMARENQTTQKGQKNSRERMKRIEEGIKELGSQILKEHP
VENTQLQNEKLYLYYLQNGRDMYVDQELDINRLSDYDVDAIVPQSFLKDDSIDNKVLTRSDKNRGKSDNVPSEEVVKKMK
NYWRQLLNAKLITQRKFDNLTKAERGGLSELDKAGFIKRQLVETRQITKHVAQILDSRMNTKYDENDKLIREVKVITLKS
KLVSDFRKDFQFYKVREINNYHHAHDAYLNAVVGTALIKKYPKLESEFVYGDYKVYDVRKMIAKSEQEIGKATAKYFFYS
NIMNFFKTEITLANGEIRKRPLIETNGETGEIVWDKGRDFATVRKVLSMPQVNIVKKTEVQTGGFSKESILPKRNSDKLI
ARKKDWDPKKYGGFDSPTVAYSVLVVAKVEKGKSKKLKSVKELLGITIMERSSFEKNPIDFLEAKGYKEVKKDLIIKLPK
YSLFELENGRKRMLASAGELQKGNELALPSKYVNFLYLASHYEKLKGSPEDNEQKQLFVEQHKHYLDEIIEQISEFSKRV
ILADANLDKVLSAYNKHRDKPIREQAENIIHLFTLTNLGAPAAFKYFDTTIDRKRYTSTKEVLDATLIHQSITGLYETRI
DLSQLGGD
;
B,E
3 'polydeoxyribonucleotide'
;(DC)(DG)(DT)(DG)(DA)(DT)(DT)(DC)(DC)(DA)(DG)(DC)(DG)(DT)(DC)(DT)(DC)(DA)(DT)(DC)
(DG)(DT)(DC)(DT)(DA)(DC)(DA)(DT)(DA)(DG)
;
C,G
4 'polydeoxyribonucleotide'
;(DC)(DT)(DA)(DT)(DG)(DT)(DA)(DG)(DA)(DC)(DA)(DC)(DG)(DC)(DT)(DA)(DT)(DT)(DA)(DT)
(DT)(DG)(DG)(DA)(DA)(DT)(DC)(DA)(DC)(DG)
;
D,H
#
loop_
_chem_comp.id
_chem_comp.type
_chem_comp.name
_chem_comp.formula
A RNA linking ADENOSINE-5'-MONOPHOSPHATE 'C10 H14 N5 O7 P'
C RNA linking CYTIDINE-5'-MONOPHOSPHATE 'C9 H14 N3 O8 P'
DA DNA linking 2'-DEOXYADENOSINE-5'-MONOPHOSPHATE 'C10 H14 N5 O6 P'
DC DNA linking 2'-DEOXYCYTIDINE-5'-MONOPHOSPHATE 'C9 H14 N3 O7 P'
DG DNA linking 2'-DEOXYGUANOSINE-5'-MONOPHOSPHATE 'C10 H14 N5 O7 P'
DT DNA linking THYMIDINE-5'-MONOPHOSPHATE 'C10 H15 N2 O8 P'
G RNA linking GUANOSINE-5'-MONOPHOSPHATE 'C10 H14 N5 O8 P'
K non-polymer 'POTASSIUM ION' 'K 1'
U RNA linking URIDINE-5'-MONOPHOSPHATE 'C9 H13 N2 O9 P'
#
# COMPACT_ATOMS: atom_id res chain seq x y z
N ASP B 2 -21.50 52.48 -17.33
CA ASP B 2 -21.87 51.36 -16.47
C ASP B 2 -23.08 51.69 -15.59
N LYS B 3 -23.94 52.58 -16.06
CA LYS B 3 -25.07 53.07 -15.26
C LYS B 3 -26.37 52.34 -15.58
N LYS B 4 -26.84 52.40 -16.82
CA LYS B 4 -28.17 51.94 -17.19
C LYS B 4 -28.05 50.97 -18.35
N TYR B 5 -28.30 49.68 -18.08
CA TYR B 5 -28.12 48.64 -19.07
C TYR B 5 -29.07 47.48 -18.76
N SER B 6 -29.28 46.63 -19.76
CA SER B 6 -30.11 45.44 -19.61
C SER B 6 -29.37 44.24 -20.16
N ILE B 7 -29.75 43.05 -19.69
CA ILE B 7 -29.10 41.81 -20.07
C ILE B 7 -30.12 40.90 -20.72
N GLY B 8 -29.77 40.34 -21.87
CA GLY B 8 -30.59 39.34 -22.56
C GLY B 8 -29.90 37.99 -22.50
N LEU B 9 -30.67 36.95 -22.19
CA LEU B 9 -30.15 35.60 -21.98
C LEU B 9 -30.94 34.61 -22.80
N ALA B 10 -30.23 33.60 -23.33
CA ALA B 10 -30.80 32.51 -24.10
C ALA B 10 -30.24 31.21 -23.54
N ILE B 11 -31.04 30.54 -22.72
CA ILE B 11 -30.61 29.36 -21.98
C ILE B 11 -30.95 28.11 -22.78
N GLY B 12 -29.96 27.23 -22.95
CA GLY B 12 -30.14 26.03 -23.74
C GLY B 12 -29.55 24.79 -23.11
N THR B 13 -29.59 23.68 -23.84
CA THR B 13 -29.04 22.43 -23.33
C THR B 13 -27.52 22.39 -23.42
N ASN B 14 -26.94 23.09 -24.40
CA ASN B 14 -25.50 23.09 -24.59
C ASN B 14 -24.90 24.49 -24.67
N SER B 15 -25.70 25.54 -24.53
CA SER B 15 -25.19 26.89 -24.71
C SER B 15 -26.03 27.88 -23.91
N VAL B 16 -25.38 28.96 -23.52
CA VAL B 16 -26.03 30.10 -22.88
C VAL B 16 -25.58 31.34 -23.63
N GLY B 17 -26.47 31.92 -24.42
CA GLY B 17 -26.18 33.19 -25.07
C GLY B 17 -26.47 34.35 -24.14
N TRP B 18 -25.63 35.37 -24.20
CA TRP B 18 -25.76 36.54 -23.35
C TRP B 18 -25.43 37.80 -24.13
N ALA B 19 -26.12 38.88 -23.77
CA ALA B 19 -25.86 40.17 -24.42
C ALA B 19 -26.23 41.30 -23.48
N VAL B 20 -25.49 42.40 -23.58
CA VAL B 20 -25.74 43.61 -22.80
C VAL B 20 -26.17 44.71 -23.75
N ILE B 21 -27.28 45.37 -23.44
CA ILE B 21 -27.80 46.45 -24.26
C ILE B 21 -27.93 47.71 -23.41
N THR B 22 -27.96 48.85 -24.11
CA THR B 22 -28.08 50.17 -23.51
C THR B 22 -29.48 50.74 -23.76
N ASP B 23 -29.60 52.06 -23.64
CA ASP B 23 -30.90 52.72 -23.85
C ASP B 23 -31.36 52.60 -25.29
N GLU B 24 -30.44 52.75 -26.25
CA GLU B 24 -30.77 52.74 -27.67
C GLU B 24 -30.64 51.36 -28.30
N TYR B 25 -30.73 50.30 -27.50
CA TYR B 25 -30.63 48.92 -27.98
C TYR B 25 -29.29 48.64 -28.64
N LYS B 26 -28.25 49.32 -28.19
CA LYS B 26 -26.89 49.13 -28.69
C LYS B 26 -26.09 48.26 -27.72
N VAL B 27 -25.14 47.52 -28.27
CA VAL B 27 -24.27 46.63 -27.49
C VAL B 27 -22.98 47.39 -27.20
N PRO B 28 -22.65 47.66 -25.93
CA PRO B 28 -21.41 48.38 -25.63
C PRO B 28 -20.16 47.59 -25.98
N SER B 29 -19.01 48.22 -25.80
CA SER B 29 -17.72 47.57 -25.98
C SER B 29 -16.72 48.20 -25.04
N LYS B 30 -15.83 47.38 -24.48
CA LYS B 30 -14.86 47.86 -23.52
C LYS B 30 -13.46 47.34 -23.85
N LYS B 31 -12.46 48.02 -23.30
CA LYS B 31 -11.10 47.51 -23.27
C LYS B 31 -10.90 46.71 -21.99
N PHE B 32 -10.61 45.44 -22.12
CA PHE B 32 -10.33 44.56 -21.00
C PHE B 32 -8.84 44.27 -20.94
N LYS B 33 -8.30 44.26 -19.73
CA LYS B 33 -6.90 43.95 -19.54
C LYS B 33 -6.60 42.52 -19.98
N VAL B 34 -5.39 42.30 -20.48
CA VAL B 34 -4.92 40.99 -20.87
C VAL B 34 -3.72 40.65 -19.99
N LEU B 35 -3.91 39.69 -19.08
CA LEU B 35 -2.83 39.27 -18.21
C LEU B 35 -1.94 38.27 -18.93
N GLY B 36 -0.76 38.02 -18.36
CA GLY B 36 0.12 37.02 -18.90
C GLY B 36 1.48 37.55 -19.32
N ASN B 37 2.19 36.77 -20.14
CA ASN B 37 3.54 37.12 -20.58
C ASN B 37 3.57 37.48 -22.07
N THR B 38 2.43 37.88 -22.64
CA THR B 38 2.38 38.28 -24.03
C THR B 38 2.73 39.77 -24.18
N ASP B 39 2.88 40.21 -25.42
CA ASP B 39 3.10 41.61 -25.71
C ASP B 39 1.82 42.42 -25.78
N ARG B 40 0.66 41.77 -25.69
CA ARG B 40 -0.62 42.46 -25.63
C ARG B 40 -1.09 42.56 -24.19
N HIS B 41 -1.39 43.78 -23.75
CA HIS B 41 -1.80 44.05 -22.39
C HIS B 41 -3.27 44.44 -22.27
N SER B 42 -3.97 44.57 -23.39
CA SER B 42 -5.40 44.88 -23.37
C SER B 42 -6.00 44.48 -24.71
N ILE B 43 -7.32 44.37 -24.74
CA ILE B 43 -8.02 43.94 -25.95
C ILE B 43 -9.43 44.52 -25.92
N LYS B 44 -9.98 44.76 -27.11
CA LYS B 44 -11.33 45.31 -27.24
C LYS B 44 -12.34 44.18 -27.36
N LYS B 45 -13.42 44.26 -26.58
CA LYS B 45 -14.44 43.23 -26.54
C LYS B 45 -15.81 43.88 -26.59
N ASN B 46 -16.67 43.37 -27.49
CA ASN B 46 -18.08 43.68 -27.42
C ASN B 46 -18.72 42.92 -26.26
N LEU B 47 -19.66 43.56 -25.57
CA LEU B 47 -20.37 42.93 -24.47
C LEU B 47 -21.53 42.10 -25.02
N ILE B 48 -21.16 41.04 -25.74
CA ILE B 48 -22.11 40.09 -26.31
C ILE B 48 -21.35 38.82 -26.63
N GLY B 49 -21.98 37.68 -26.36
CA GLY B 49 -21.31 36.42 -26.64
C GLY B 49 -22.17 35.23 -26.27
N ALA B 50 -21.55 34.06 -26.23
CA ALA B 50 -22.25 32.83 -25.93
C ALA B 50 -21.28 31.80 -25.37
N LEU B 51 -21.67 31.18 -24.27
CA LEU B 51 -20.89 30.14 -23.62
C LEU B 51 -21.37 28.78 -24.10
N LEU B 52 -20.46 27.97 -24.63
CA LEU B 52 -20.75 26.63 -25.10
C LEU B 52 -20.19 25.60 -24.13
N PHE B 53 -20.90 24.49 -23.98
CA PHE B 53 -20.49 23.46 -23.04
C PHE B 53 -21.12 22.13 -23.45
N ASP B 54 -20.43 21.04 -23.11
CA ASP B 54 -20.98 19.72 -23.36
C ASP B 54 -22.22 19.48 -22.50
N SER B 55 -23.09 18.59 -22.97
CA SER B 55 -24.37 18.36 -22.31
C SER B 55 -24.17 17.85 -20.89
N GLY B 56 -25.06 18.27 -19.99
CA GLY B 56 -25.08 17.69 -18.66
C GLY B 56 -25.68 16.29 -18.72
N GLU B 57 -24.97 15.33 -18.12
CA GLU B 57 -25.36 13.94 -18.19
C GLU B 57 -26.28 13.58 -17.02
N THR B 58 -27.13 12.58 -17.25
CA THR B 58 -27.96 12.03 -16.18
C THR B 58 -27.20 10.90 -15.48
N ALA B 59 -27.71 10.53 -14.31
CA ALA B 59 -27.08 9.49 -13.49
C ALA B 59 -27.55 8.08 -13.82
N GLU B 60 -28.35 7.91 -14.88
CA GLU B 60 -28.92 6.59 -15.17
C GLU B 60 -27.84 5.55 -15.42
N ALA B 61 -26.91 5.84 -16.33
CA ALA B 61 -25.85 4.89 -16.64
C ALA B 61 -25.01 4.57 -15.40
N THR B 62 -24.71 5.59 -14.60
CA THR B 62 -23.94 5.36 -13.38
C THR B 62 -24.67 4.45 -12.43
N ARG B 63 -25.99 4.64 -12.28
CA ARG B 63 -26.75 3.78 -11.37
C ARG B 63 -26.86 2.36 -11.90
N LEU B 64 -27.02 2.20 -13.22
CA LEU B 64 -27.06 0.85 -13.78
C LEU B 64 -25.75 0.12 -13.56
N LYS B 65 -24.63 0.82 -13.73
CA LYS B 65 -23.34 0.19 -13.47
C LYS B 65 -23.16 -0.11 -11.98
N ARG B 66 -23.67 0.76 -11.10
CA ARG B 66 -23.58 0.51 -9.67
C ARG B 66 -24.36 -0.76 -9.30
N THR B 67 -25.59 -0.89 -9.80
CA THR B 67 -26.38 -2.07 -9.49
C THR B 67 -25.75 -3.33 -10.08
N ALA B 68 -25.17 -3.23 -11.28
CA ALA B 68 -24.46 -4.37 -11.84
C ALA B 68 -23.30 -4.79 -10.96
N ARG B 69 -22.56 -3.80 -10.43
CA ARG B 69 -21.47 -4.09 -9.51
C ARG B 69 -21.96 -4.84 -8.28
N ARG B 70 -23.05 -4.34 -7.67
CA ARG B 70 -23.60 -5.02 -6.51
C ARG B 70 -24.04 -6.45 -6.83
N ARG B 71 -24.63 -6.64 -8.00
CA ARG B 71 -25.11 -7.97 -8.37
C ARG B 71 -23.95 -8.94 -8.58
N TYR B 72 -22.88 -8.49 -9.22
CA TYR B 72 -21.71 -9.35 -9.38
C TYR B 72 -21.09 -9.69 -8.03
N THR B 73 -21.00 -8.70 -7.14
CA THR B 73 -20.47 -8.94 -5.81
C THR B 73 -21.29 -10.00 -5.07
N ARG B 74 -22.61 -9.87 -5.12
CA ARG B 74 -23.46 -10.78 -4.36
C ARG B 74 -23.53 -12.17 -4.98
N ARG B 75 -23.41 -12.27 -6.31
CA ARG B 75 -23.32 -13.59 -6.93
C ARG B 75 -22.03 -14.31 -6.51
N LYS B 76 -20.91 -13.58 -6.55
CA LYS B 76 -19.67 -14.15 -6.03
C LYS B 76 -19.84 -14.59 -4.57
N ASN B 77 -20.55 -13.80 -3.77
CA ASN B 77 -20.72 -14.15 -2.37
C ASN B 77 -21.55 -15.41 -2.19
N ARG B 78 -22.61 -15.59 -2.99
CA ARG B 78 -23.39 -16.81 -2.84
C ARG B 78 -22.59 -18.03 -3.28
N ILE B 79 -21.80 -17.91 -4.35
CA ILE B 79 -20.93 -19.02 -4.73
C ILE B 79 -19.94 -19.33 -3.61
N CYS B 80 -19.44 -18.29 -2.93
CA CYS B 80 -18.51 -18.50 -1.83
C CYS B 80 -19.21 -19.19 -0.66
N TYR B 81 -20.47 -18.85 -0.41
CA TYR B 81 -21.25 -19.55 0.61
C TYR B 81 -21.32 -21.04 0.28
N LEU B 82 -21.64 -21.35 -0.97
CA LEU B 82 -21.73 -22.75 -1.38
C LEU B 82 -20.40 -23.48 -1.15
N GLN B 83 -19.30 -22.86 -1.55
CA GLN B 83 -18.00 -23.50 -1.36
C GLN B 83 -17.66 -23.67 0.12
N GLU B 84 -18.04 -22.69 0.95
CA GLU B 84 -17.82 -22.81 2.38
C GLU B 84 -18.58 -24.00 2.95
N ILE B 85 -19.79 -24.26 2.44
CA ILE B 85 -20.55 -25.41 2.91
C ILE B 85 -19.84 -26.71 2.53
N PHE B 86 -19.30 -26.77 1.32
CA PHE B 86 -18.65 -27.97 0.80
C PHE B 86 -17.21 -28.13 1.29
N SER B 87 -16.69 -27.19 2.09
CA SER B 87 -15.27 -27.10 2.38
C SER B 87 -14.67 -28.43 2.83
N ASN B 88 -15.13 -28.95 3.96
CA ASN B 88 -14.43 -30.05 4.64
C ASN B 88 -14.52 -31.34 3.85
N GLU B 89 -15.73 -31.70 3.40
CA GLU B 89 -15.87 -32.94 2.64
C GLU B 89 -15.15 -32.87 1.29
N MET B 90 -15.15 -31.69 0.66
CA MET B 90 -14.40 -31.54 -0.58
C MET B 90 -12.90 -31.69 -0.34
N ALA B 91 -12.41 -31.14 0.78
CA ALA B 91 -11.01 -31.34 1.13
C ALA B 91 -10.72 -32.82 1.37
N LYS B 92 -11.69 -33.55 1.91
CA LYS B 92 -11.54 -34.99 2.05
C LYS B 92 -11.52 -35.70 0.70
N VAL B 93 -12.20 -35.15 -0.30
CA VAL B 93 -12.25 -35.77 -1.62
C VAL B 93 -11.11 -35.29 -2.52
N ASP B 94 -10.99 -33.98 -2.70
CA ASP B 94 -9.99 -33.40 -3.61
C ASP B 94 -9.52 -32.10 -3.00
N ASP B 95 -8.32 -32.11 -2.43
CA ASP B 95 -7.83 -30.96 -1.66
C ASP B 95 -7.63 -29.71 -2.50
N SER B 96 -7.53 -29.85 -3.83
CA SER B 96 -7.24 -28.71 -4.70
C SER B 96 -8.29 -28.53 -5.80
N PHE B 97 -9.52 -29.02 -5.59
CA PHE B 97 -10.58 -28.82 -6.57
C PHE B 97 -10.94 -27.34 -6.68
N PHE B 98 -11.20 -26.69 -5.55
CA PHE B 98 -11.60 -25.29 -5.57
C PHE B 98 -10.46 -24.39 -6.04
N HIS B 99 -9.22 -24.74 -5.70
CA HIS B 99 -8.06 -24.00 -6.22
C HIS B 99 -8.06 -23.99 -7.73
N ARG B 100 -8.19 -25.17 -8.35
CA ARG B 100 -8.19 -25.24 -9.80
C ARG B 100 -9.37 -24.50 -10.40
N LEU B 101 -10.53 -24.54 -9.72
CA LEU B 101 -11.65 -23.77 -10.22
C LEU B 101 -11.43 -22.28 -10.10
N GLU B 102 -10.51 -21.84 -9.24
CA GLU B 102 -10.23 -20.42 -9.12
C GLU B 102 -9.16 -19.95 -10.09
N GLU B 103 -8.22 -20.81 -10.47
CA GLU B 103 -7.15 -20.46 -11.40
C GLU B 103 -7.43 -20.94 -12.82
N SER B 104 -8.69 -21.19 -13.17
CA SER B 104 -9.03 -21.66 -14.50
C SER B 104 -8.64 -20.63 -15.57
N PHE B 105 -8.77 -19.35 -15.25
CA PHE B 105 -8.51 -18.31 -16.23
C PHE B 105 -7.04 -18.23 -16.63
N LEU B 106 -6.14 -18.56 -15.71
CA LEU B 106 -4.72 -18.41 -15.96
C LEU B 106 -4.23 -19.36 -17.04
N VAL B 107 -3.11 -18.99 -17.67
CA VAL B 107 -2.44 -19.88 -18.59
C VAL B 107 -1.63 -20.91 -17.81
N GLU B 108 -1.29 -22.02 -18.47
CA GLU B 108 -0.60 -23.10 -17.76
C GLU B 108 0.72 -22.66 -17.15
N GLU B 109 1.41 -21.70 -17.79
CA GLU B 109 2.64 -21.17 -17.21
C GLU B 109 2.40 -20.60 -15.82
N ASP B 110 1.31 -19.84 -15.65
CA ASP B 110 1.01 -19.21 -14.38
C ASP B 110 0.13 -20.07 -13.49
N LYS B 111 -0.41 -21.18 -14.01
CA LYS B 111 -1.18 -22.10 -13.20
C LYS B 111 -0.29 -22.78 -12.17
N LYS B 112 -0.80 -22.91 -10.95
CA LYS B 112 -0.05 -23.57 -9.88
C LYS B 112 -0.43 -25.03 -9.70
N HIS B 113 -1.54 -25.47 -10.27
CA HIS B 113 -1.97 -26.86 -10.22
C HIS B 113 -2.15 -27.38 -11.65
N GLU B 114 -2.64 -28.62 -11.75
CA GLU B 114 -2.85 -29.24 -13.05
C GLU B 114 -3.91 -28.48 -13.85
N ARG B 115 -3.75 -28.48 -15.18
CA ARG B 115 -4.56 -27.64 -16.04
C ARG B 115 -6.02 -28.09 -16.16
N HIS B 116 -6.35 -29.30 -15.74
CA HIS B 116 -7.71 -29.80 -15.91
C HIS B 116 -8.53 -29.50 -14.66
N PRO B 117 -9.60 -28.70 -14.77
CA PRO B 117 -10.27 -28.20 -13.55
C PRO B 117 -10.92 -29.29 -12.72
N ILE B 118 -11.73 -30.14 -13.33
CA ILE B 118 -12.65 -30.98 -12.57
C ILE B 118 -11.90 -32.09 -11.84
N PHE B 119 -11.08 -32.85 -12.58
CA PHE B 119 -10.47 -34.04 -12.01
C PHE B 119 -8.96 -33.99 -11.89
N GLY B 120 -8.29 -33.03 -12.53
CA GLY B 120 -6.85 -32.92 -12.36
C GLY B 120 -6.03 -33.93 -13.12
N ASN B 121 -6.62 -34.58 -14.13
CA ASN B 121 -5.88 -35.47 -15.00
C ASN B 121 -6.62 -35.58 -16.32
N ILE B 122 -5.85 -35.77 -17.40
CA ILE B 122 -6.41 -35.67 -18.75
C ILE B 122 -7.47 -36.73 -18.98
N VAL B 123 -7.24 -37.96 -18.50
CA VAL B 123 -8.12 -39.08 -18.83
C VAL B 123 -9.51 -38.85 -18.25
N ASP B 124 -9.58 -38.55 -16.95
CA ASP B 124 -10.89 -38.34 -16.32
C ASP B 124 -11.60 -37.12 -16.90
N GLU B 125 -10.85 -36.08 -17.29
CA GLU B 125 -11.46 -34.90 -17.88
C GLU B 125 -12.09 -35.23 -19.23
N VAL B 126 -11.34 -35.91 -20.10
CA VAL B 126 -11.89 -36.34 -21.38
C VAL B 126 -13.10 -37.24 -21.17
N ALA B 127 -13.03 -38.13 -20.18
CA ALA B 127 -14.14 -39.03 -19.90
C ALA B 127 -15.39 -38.26 -19.48
N TYR B 128 -15.23 -37.24 -18.62
CA TYR B 128 -16.37 -36.45 -18.21
C TYR B 128 -16.98 -35.70 -19.37
N HIS B 129 -16.14 -35.12 -20.23
CA HIS B 129 -16.66 -34.36 -21.36
C HIS B 129 -17.32 -35.26 -22.39
N GLU B 130 -16.84 -36.50 -22.53
CA GLU B 130 -17.51 -37.45 -23.41
C GLU B 130 -18.85 -37.91 -22.84
N LYS B 131 -18.88 -38.24 -21.54
CA LYS B 131 -20.10 -38.76 -20.93
C LYS B 131 -21.14 -37.66 -20.77
N TYR B 132 -20.72 -36.46 -20.33
CA TYR B 132 -21.61 -35.32 -20.14
C TYR B 132 -21.13 -34.20 -21.05
N PRO B 133 -21.67 -34.10 -22.26
CA PRO B 133 -21.17 -33.08 -23.20
C PRO B 133 -21.41 -31.64 -22.73
N THR B 134 -22.54 -31.37 -22.08
CA THR B 134 -22.80 -30.07 -21.50
C THR B 134 -23.03 -30.21 -20.01
N ILE B 135 -23.20 -29.07 -19.32
CA ILE B 135 -23.49 -29.11 -17.90
C ILE B 135 -24.90 -29.63 -17.66
N TYR B 136 -25.80 -29.45 -18.63
CA TYR B 136 -27.18 -29.87 -18.44
C TYR B 136 -27.34 -31.38 -18.45
N HIS B 137 -26.48 -32.09 -19.20
CA HIS B 137 -26.47 -33.54 -19.11
C HIS B 137 -26.17 -33.99 -17.69
N LEU B 138 -25.16 -33.37 -17.05
CA LEU B 138 -24.82 -33.74 -15.68
C LEU B 138 -25.93 -33.33 -14.72
N ARG B 139 -26.57 -32.19 -14.97
CA ARG B 139 -27.69 -31.77 -14.11
C ARG B 139 -28.82 -32.81 -14.16
N LYS B 140 -29.20 -33.23 -15.37
CA LYS B 140 -30.26 -34.23 -15.49
C LYS B 140 -29.84 -35.56 -14.88
N LYS B 141 -28.60 -35.99 -15.11
CA LYS B 141 -28.13 -37.25 -14.53
C LYS B 141 -28.20 -37.20 -13.00
N LEU B 142 -27.73 -36.11 -12.40
CA LEU B 142 -27.77 -36.01 -10.95
C LEU B 142 -29.20 -35.88 -10.44
N VAL B 143 -30.11 -35.35 -11.26
CA VAL B 143 -31.51 -35.27 -10.85
C VAL B 143 -32.15 -36.65 -10.85
N ASP B 144 -31.90 -37.45 -11.88
CA ASP B 144 -32.64 -38.69 -12.07
C ASP B 144 -31.97 -39.91 -11.46
N SER B 145 -30.64 -39.99 -11.52
CA SER B 145 -29.96 -41.19 -11.07
C SER B 145 -30.05 -41.34 -9.55
N THR B 146 -29.95 -42.58 -9.09
CA THR B 146 -29.96 -42.91 -7.67
C THR B 146 -28.59 -43.33 -7.14
N ASP B 147 -27.60 -43.49 -8.00
CA ASP B 147 -26.28 -43.92 -7.56
C ASP B 147 -25.56 -42.79 -6.82
N LYS B 148 -24.68 -43.17 -5.91
CA LYS B 148 -23.80 -42.18 -5.30
C LYS B 148 -22.97 -41.52 -6.38
N ALA B 149 -22.78 -40.21 -6.27
CA ALA B 149 -22.12 -39.42 -7.29
C ALA B 149 -20.91 -38.72 -6.72
N ASP B 150 -19.94 -38.46 -7.59
CA ASP B 150 -18.75 -37.71 -7.19
C ASP B 150 -19.15 -36.36 -6.65
N LEU B 151 -18.62 -36.01 -5.47
CA LEU B 151 -18.99 -34.76 -4.82
C LEU B 151 -18.65 -33.56 -5.68
N ARG B 152 -17.63 -33.68 -6.54
CA ARG B 152 -17.23 -32.57 -7.39
C ARG B 152 -18.29 -32.27 -8.44
N LEU B 153 -18.85 -33.30 -9.07
CA LEU B 153 -19.91 -33.08 -10.04
C LEU B 153 -21.16 -32.53 -9.36
N ILE B 154 -21.43 -32.98 -8.13
CA ILE B 154 -22.53 -32.41 -7.35
C ILE B 154 -22.32 -30.91 -7.16
N TYR B 155 -21.13 -30.53 -6.71
CA TYR B 155 -20.85 -29.10 -6.54
C TYR B 155 -21.00 -28.36 -7.86
N LEU B 156 -20.52 -28.94 -8.96
CA LEU B 156 -20.59 -28.24 -10.24
C LEU B 156 -22.03 -27.97 -10.65
N ALA B 157 -22.90 -28.98 -10.50
CA ALA B 157 -24.31 -28.78 -10.84
C ALA B 157 -24.96 -27.74 -9.93
N LEU B 158 -24.78 -27.88 -8.61
CA LEU B 158 -25.40 -26.95 -7.69
C LEU B 158 -24.88 -25.53 -7.89
N ALA B 159 -23.59 -25.39 -8.18
CA ALA B 159 -22.99 -24.07 -8.39
C ALA B 159 -23.47 -23.45 -9.69
N HIS B 160 -23.64 -24.27 -10.74
CA HIS B 160 -24.20 -23.72 -11.97
C HIS B 160 -25.62 -23.23 -11.75
N MET B 161 -26.41 -23.97 -10.96
CA MET B 161 -27.77 -23.53 -10.66
C MET B 161 -27.78 -22.27 -9.82
N ILE B 162 -26.87 -22.16 -8.85
CA ILE B 162 -26.87 -21.03 -7.93
C ILE B 162 -26.28 -19.78 -8.60
N LYS B 163 -25.30 -19.96 -9.49
CA LYS B 163 -24.70 -18.82 -10.17
C LYS B 163 -25.67 -18.19 -11.17
N PHE B 164 -26.47 -19.03 -11.85
CA PHE B 164 -27.46 -18.58 -12.83
C PHE B 164 -28.78 -19.22 -12.42
N ARG B 165 -29.58 -18.49 -11.64
CA ARG B 165 -30.72 -19.08 -10.96
C ARG B 165 -32.08 -18.76 -11.58
N GLY B 166 -32.17 -17.75 -12.44
CA GLY B 166 -33.43 -17.38 -13.05
C GLY B 166 -34.18 -16.30 -12.29
N HIS B 167 -35.26 -15.81 -12.92
CA HIS B 167 -35.91 -14.61 -12.42
C HIS B 167 -36.81 -14.94 -11.22
N PHE B 168 -37.20 -13.88 -10.50
CA PHE B 168 -38.04 -13.97 -9.31
C PHE B 168 -39.35 -13.25 -9.51
N LEU B 169 -39.89 -13.26 -10.73
CA LEU B 169 -41.07 -12.47 -11.03
C LEU B 169 -42.37 -13.18 -10.67
N ILE B 170 -42.33 -14.49 -10.42
CA ILE B 170 -43.51 -15.26 -10.04
C ILE B 170 -43.44 -15.53 -8.54
N GLU B 171 -44.51 -15.21 -7.84
CA GLU B 171 -44.57 -15.40 -6.40
C GLU B 171 -45.18 -16.77 -6.09
N GLY B 172 -44.55 -17.48 -5.15
CA GLY B 172 -45.01 -18.80 -4.74
C GLY B 172 -44.25 -19.91 -5.43
N ASP B 173 -44.70 -21.13 -5.16
CA ASP B 173 -44.10 -22.34 -5.72
C ASP B 173 -44.70 -22.64 -7.08
N LEU B 174 -43.97 -23.44 -7.86
CA LEU B 174 -44.38 -23.79 -9.21
C LEU B 174 -43.89 -25.19 -9.53
N ASN B 175 -44.70 -25.93 -10.28
CA ASN B 175 -44.39 -27.31 -10.66
C ASN B 175 -44.82 -27.53 -12.10
N PRO B 176 -44.14 -28.44 -12.81
CA PRO B 176 -44.60 -28.80 -14.16
C PRO B 176 -45.88 -29.62 -14.18
N ASP B 177 -46.46 -29.91 -13.01
CA ASP B 177 -47.78 -30.54 -12.97
C ASP B 177 -48.83 -29.61 -13.59
N ASN B 178 -48.70 -28.31 -13.34
CA ASN B 178 -49.60 -27.31 -13.92
C ASN B 178 -49.03 -26.83 -15.26
N SER B 179 -48.88 -27.78 -16.18
CA SER B 179 -48.36 -27.49 -17.51
C SER B 179 -49.42 -27.73 -18.58
N VAL B 181 -51.21 -27.29 -21.12
CA VAL B 181 -52.10 -26.17 -21.31
C VAL B 181 -53.54 -26.66 -21.50
N ASP B 182 -53.67 -27.74 -22.26
CA ASP B 182 -55.00 -28.29 -22.56
C ASP B 182 -55.73 -28.69 -21.28
N LYS B 183 -55.04 -29.36 -20.35
CA LYS B 183 -55.71 -29.84 -19.15
C LYS B 183 -56.17 -28.69 -18.27
N LEU B 184 -55.33 -27.68 -18.09
CA LEU B 184 -55.73 -26.56 -17.24
C LEU B 184 -56.79 -25.70 -17.89
N PHE B 185 -56.77 -25.57 -19.22
CA PHE B 185 -57.86 -24.90 -19.92
C PHE B 185 -59.17 -25.66 -19.73
N ILE B 186 -59.12 -26.99 -19.87
CA ILE B 186 -60.30 -27.82 -19.65
C ILE B 186 -60.83 -27.62 -18.23
N GLN B 187 -59.94 -27.58 -17.24
CA GLN B 187 -60.40 -27.44 -15.87
C GLN B 187 -60.95 -26.05 -15.60
N LEU B 188 -60.36 -25.02 -16.21
CA LEU B 188 -60.92 -23.68 -16.13
C LEU B 188 -62.32 -23.62 -16.72
N VAL B 189 -62.52 -24.30 -17.86
CA VAL B 189 -63.85 -24.33 -18.47
C VAL B 189 -64.82 -25.08 -17.56
N GLN B 190 -64.37 -26.15 -16.93
CA GLN B 190 -65.21 -26.88 -15.98
C GLN B 190 -65.63 -25.98 -14.82
N THR B 191 -64.67 -25.23 -14.26
CA THR B 191 -64.98 -24.34 -13.15
C THR B 191 -65.97 -23.26 -13.57
N TYR B 192 -65.76 -22.67 -14.75
CA TYR B 192 -66.67 -21.64 -15.24
C TYR B 192 -68.07 -22.21 -15.43
N ASN B 193 -68.19 -23.39 -16.05
CA ASN B 193 -69.50 -23.98 -16.26
C ASN B 193 -70.16 -24.38 -14.94
N GLN B 194 -69.36 -24.74 -13.94
CA GLN B 194 -69.92 -25.00 -12.61
C GLN B 194 -70.48 -23.72 -11.99
N LEU B 195 -69.72 -22.62 -12.05
CA LEU B 195 -70.20 -21.37 -11.47
C LEU B 195 -71.33 -20.79 -12.31
N PHE B 196 -71.34 -21.02 -13.61
CA PHE B 196 -72.34 -20.47 -14.51
C PHE B 196 -73.03 -21.63 -15.22
N GLU B 197 -73.91 -22.31 -14.49
CA GLU B 197 -74.66 -23.42 -15.05
C GLU B 197 -75.57 -22.94 -16.17
N GLU B 198 -76.31 -21.86 -15.91
CA GLU B 198 -77.29 -21.37 -16.87
C GLU B 198 -76.64 -20.90 -18.15
N ASN B 199 -75.36 -20.50 -18.09
CA ASN B 199 -74.62 -20.01 -19.25
C ASN B 199 -73.34 -20.81 -19.41
N PRO B 200 -73.41 -22.02 -19.96
CA PRO B 200 -72.20 -22.83 -20.11
C PRO B 200 -71.48 -22.54 -21.42
N ILE B 201 -70.19 -22.85 -21.43
CA ILE B 201 -69.32 -22.64 -22.58
C ILE B 201 -68.86 -23.99 -23.09
N ASN B 202 -68.77 -24.12 -24.42
CA ASN B 202 -68.39 -25.37 -25.07
C ASN B 202 -66.90 -25.31 -25.43
N ALA B 203 -66.13 -26.24 -24.89
CA ALA B 203 -64.70 -26.31 -25.14
C ALA B 203 -64.31 -27.41 -26.13
N SER B 204 -65.30 -28.08 -26.73
CA SER B 204 -65.00 -29.14 -27.68
C SER B 204 -64.39 -28.57 -28.95
N GLY B 205 -63.40 -29.28 -29.50
CA GLY B 205 -62.71 -28.84 -30.69
C GLY B 205 -61.91 -27.57 -30.56
N VAL B 206 -61.70 -27.08 -29.34
CA VAL B 206 -60.95 -25.86 -29.09
C VAL B 206 -59.56 -26.29 -28.59
N ASP B 207 -58.60 -26.35 -29.50
CA ASP B 207 -57.23 -26.74 -29.18
C ASP B 207 -56.58 -25.62 -28.37
N ALA B 208 -56.60 -25.74 -27.05
CA ALA B 208 -56.07 -24.66 -26.20
C ALA B 208 -54.55 -24.59 -26.25
N LYS B 209 -53.87 -25.73 -26.28
CA LYS B 209 -52.42 -25.76 -26.30
C LYS B 209 -51.86 -24.94 -27.47
N ALA B 210 -52.30 -25.26 -28.69
CA ALA B 210 -51.74 -24.60 -29.87
C ALA B 210 -52.13 -23.13 -29.92
N ILE B 211 -53.36 -22.79 -29.53
CA ILE B 211 -53.84 -21.42 -29.66
C ILE B 211 -53.16 -20.51 -28.64
N LEU B 212 -53.07 -20.97 -27.38
CA LEU B 212 -52.47 -20.15 -26.34
C LEU B 212 -50.95 -20.22 -26.30
N SER B 213 -50.34 -21.23 -26.91
CA SER B 213 -48.89 -21.35 -26.93
C SER B 213 -48.24 -20.91 -28.23
N ALA B 214 -49.04 -20.51 -29.23
CA ALA B 214 -48.44 -19.95 -30.43
C ALA B 214 -47.65 -18.70 -30.07
N ARG B 215 -46.38 -18.66 -30.47
CA ARG B 215 -45.50 -17.57 -30.06
C ARG B 215 -45.85 -16.32 -30.86
N LEU B 216 -46.84 -15.59 -30.36
CA LEU B 216 -47.36 -14.36 -30.95
C LEU B 216 -47.75 -13.44 -29.80
N SER B 217 -48.27 -12.26 -30.14
CA SER B 217 -48.63 -11.33 -29.10
C SER B 217 -49.84 -11.83 -28.30
N LYS B 218 -50.01 -11.27 -27.11
CA LYS B 218 -51.05 -11.73 -26.20
C LYS B 218 -52.44 -11.40 -26.72
N SER B 219 -52.69 -10.13 -27.04
CA SER B 219 -54.00 -9.72 -27.53
C SER B 219 -54.42 -10.53 -28.76
N ARG B 220 -53.46 -10.90 -29.61
CA ARG B 220 -53.79 -11.70 -30.79
C ARG B 220 -54.19 -13.12 -30.40
N ARG B 221 -53.45 -13.73 -29.45
CA ARG B 221 -53.85 -15.04 -28.95
C ARG B 221 -55.25 -15.00 -28.35
N LEU B 222 -55.55 -13.92 -27.62
CA LEU B 222 -56.88 -13.76 -27.02
C LEU B 222 -57.95 -13.66 -28.11
N GLU B 223 -57.69 -12.87 -29.15
CA GLU B 223 -58.62 -12.77 -30.27
C GLU B 223 -58.85 -14.14 -30.90
N ASN B 224 -57.77 -14.91 -31.10
CA ASN B 224 -57.89 -16.24 -31.70
C ASN B 224 -58.76 -17.15 -30.83
N LEU B 225 -58.51 -17.16 -29.53
CA LEU B 225 -59.27 -18.05 -28.66
C LEU B 225 -60.72 -17.63 -28.56
N ILE B 226 -61.00 -16.33 -28.53
CA ILE B 226 -62.38 -15.86 -28.45
C ILE B 226 -63.12 -16.18 -29.74
N ALA B 227 -62.43 -16.07 -30.88
CA ALA B 227 -63.06 -16.43 -32.16
C ALA B 227 -63.49 -17.89 -32.17
N GLN B 228 -62.77 -18.76 -31.45
CA GLN B 228 -63.14 -20.17 -31.38
C GLN B 228 -64.35 -20.42 -30.48
N LEU B 229 -64.85 -19.41 -29.79
CA LEU B 229 -66.01 -19.53 -28.91
C LEU B 229 -67.11 -18.63 -29.44
N PRO B 230 -68.03 -19.16 -30.26
CA PRO B 230 -69.13 -18.33 -30.77
C PRO B 230 -70.08 -17.96 -29.65
N GLY B 231 -70.54 -16.70 -29.67
CA GLY B 231 -71.39 -16.22 -28.60
C GLY B 231 -70.65 -15.71 -27.40
N GLU B 232 -69.33 -15.53 -27.50
CA GLU B 232 -68.51 -15.05 -26.40
C GLU B 232 -67.59 -13.96 -26.94
N LYS B 233 -67.28 -12.99 -26.09
CA LYS B 233 -66.51 -11.83 -26.52
C LYS B 233 -65.23 -11.68 -25.70
N LYS B 234 -64.26 -10.98 -26.31
CA LYS B 234 -63.00 -10.69 -25.63
C LYS B 234 -63.20 -9.95 -24.32
N ASN B 235 -64.19 -9.05 -24.29
CA ASN B 235 -64.51 -8.29 -23.08
C ASN B 235 -65.47 -9.03 -22.16
N GLY B 236 -65.83 -10.28 -22.48
CA GLY B 236 -66.66 -11.07 -21.61
C GLY B 236 -65.88 -11.61 -20.44
N LEU B 237 -66.60 -12.28 -19.53
CA LEU B 237 -65.97 -12.81 -18.32
C LEU B 237 -64.93 -13.86 -18.66
N PHE B 238 -65.30 -14.86 -19.46
CA PHE B 238 -64.34 -15.88 -19.87
C PHE B 238 -63.22 -15.26 -20.69
N GLY B 239 -63.55 -14.30 -21.55
CA GLY B 239 -62.51 -13.57 -22.27
C GLY B 239 -61.58 -12.83 -21.34
N ASN B 240 -62.13 -12.21 -20.29
CA ASN B 240 -61.28 -11.52 -19.32
C ASN B 240 -60.41 -12.50 -18.55
N LEU B 241 -60.90 -13.70 -18.27
CA LEU B 241 -60.08 -14.71 -17.62
C LEU B 241 -58.95 -15.16 -18.52
N ILE B 242 -59.23 -15.37 -19.81
CA ILE B 242 -58.18 -15.73 -20.76
C ILE B 242 -57.17 -14.60 -20.88
N ALA B 243 -57.62 -13.34 -20.80
CA ALA B 243 -56.71 -12.22 -20.82
C ALA B 243 -55.83 -12.21 -19.58
N LEU B 244 -56.42 -12.43 -18.40
CA LEU B 244 -55.64 -12.48 -17.16
C LEU B 244 -54.63 -13.61 -17.20
N SER B 245 -55.00 -14.76 -17.77
CA SER B 245 -54.06 -15.87 -17.88
C SER B 245 -52.95 -15.56 -18.87
N LEU B 246 -53.27 -14.85 -19.96
CA LEU B 246 -52.25 -14.52 -20.94
C LEU B 246 -51.27 -13.46 -20.45
N GLY B 247 -51.62 -12.73 -19.40
CA GLY B 247 -50.77 -11.69 -18.86
C GLY B 247 -51.28 -10.27 -19.07
N LEU B 248 -52.35 -10.09 -19.83
CA LEU B 248 -52.93 -8.77 -20.01
C LEU B 248 -53.57 -8.29 -18.71
N THR B 249 -54.00 -7.03 -18.71
CA THR B 249 -54.63 -6.41 -17.55
C THR B 249 -56.10 -6.15 -17.84
N PRO B 250 -56.99 -7.10 -17.56
CA PRO B 250 -58.43 -6.87 -17.74
C PRO B 250 -59.07 -6.23 -16.51
N ASN B 251 -60.17 -5.54 -16.77
CA ASN B 251 -60.97 -4.93 -15.71
C ASN B 251 -62.30 -5.65 -15.61
N PHE B 252 -62.57 -6.25 -14.44
CA PHE B 252 -63.81 -6.98 -14.19
C PHE B 252 -64.91 -6.06 -13.67
N LYS B 253 -64.84 -4.77 -13.98
CA LYS B 253 -65.83 -3.80 -13.50
C LYS B 253 -67.13 -3.88 -14.30
N SER B 254 -67.04 -4.19 -15.59
CA SER B 254 -68.24 -4.30 -16.41
C SER B 254 -68.90 -5.67 -16.27
N ASN B 255 -68.09 -6.73 -16.17
CA ASN B 255 -68.63 -8.08 -16.13
C ASN B 255 -69.44 -8.34 -14.86
N PHE B 256 -68.98 -7.83 -13.71
CA PHE B 256 -69.67 -8.02 -12.45
C PHE B 256 -70.44 -6.79 -11.98
N ASP B 257 -70.66 -5.81 -12.87
CA ASP B 257 -71.38 -4.59 -12.53
C ASP B 257 -70.83 -3.95 -11.26
N LEU B 258 -69.68 -3.30 -11.37
CA LEU B 258 -69.05 -2.61 -10.27
C LEU B 258 -69.07 -1.11 -10.51
N ALA B 259 -68.79 -0.35 -9.44
CA ALA B 259 -68.60 1.08 -9.57
C ALA B 259 -67.15 1.50 -9.45
N GLU B 260 -66.30 0.67 -8.85
CA GLU B 260 -64.87 0.91 -8.79
C GLU B 260 -64.18 0.10 -9.87
N ASP B 261 -63.02 0.59 -10.32
CA ASP B 261 -62.26 -0.09 -11.37
C ASP B 261 -61.24 -1.00 -10.71
N ALA B 262 -61.49 -2.31 -10.76
CA ALA B 262 -60.63 -3.33 -10.15
C ALA B 262 -59.82 -4.00 -11.26
N LYS B 263 -58.69 -3.39 -11.60
CA LYS B 263 -57.78 -3.95 -12.59
C LYS B 263 -56.92 -5.05 -11.96
N LEU B 264 -56.77 -6.15 -12.69
CA LEU B 264 -56.04 -7.31 -12.19
C LEU B 264 -54.95 -7.72 -13.18
N GLN B 265 -53.72 -7.82 -12.69
CA GLN B 265 -52.60 -8.38 -13.44
C GLN B 265 -51.87 -9.37 -12.55
N LEU B 266 -51.60 -10.56 -13.09
CA LEU B 266 -51.00 -11.63 -12.28
C LEU B 266 -49.56 -11.31 -11.90
N SER B 267 -48.85 -10.52 -12.71
CA SER B 267 -47.44 -10.26 -12.46
C SER B 267 -47.23 -9.26 -11.32
N LYS B 268 -48.17 -8.34 -11.13
CA LYS B 268 -48.03 -7.32 -10.10
C LYS B 268 -47.97 -7.96 -8.71
N ASP B 269 -47.26 -7.27 -7.80
CA ASP B 269 -47.14 -7.75 -6.43
C ASP B 269 -48.44 -7.58 -5.66
N THR B 270 -49.35 -6.74 -6.15
CA THR B 270 -50.61 -6.46 -5.47
C THR B 270 -51.69 -7.49 -5.78
N TYR B 271 -51.45 -8.46 -6.67
CA TYR B 271 -52.51 -9.35 -7.11
C TYR B 271 -53.15 -10.10 -5.95
N ASP B 272 -52.34 -10.54 -4.98
CA ASP B 272 -52.89 -11.23 -3.82
C ASP B 272 -53.96 -10.38 -3.14
N ASP B 273 -53.67 -9.10 -2.96
CA ASP B 273 -54.63 -8.19 -2.32
C ASP B 273 -55.71 -7.71 -3.29
N ASP B 274 -55.38 -7.57 -4.57
CA ASP B 274 -56.38 -7.15 -5.56
C ASP B 274 -57.49 -8.18 -5.69
N LEU B 275 -57.13 -9.47 -5.70
CA LEU B 275 -58.13 -10.51 -5.77
C LEU B 275 -59.02 -10.50 -4.54
N ASP B 276 -58.45 -10.28 -3.35
CA ASP B 276 -59.26 -10.20 -2.15
C ASP B 276 -60.20 -9.00 -2.19
N ASN B 277 -59.75 -7.88 -2.75
CA ASN B 277 -60.64 -6.73 -2.95
C ASN B 277 -61.83 -7.12 -3.83
N LEU B 278 -61.54 -7.66 -5.01
CA LEU B 278 -62.60 -8.04 -5.93
C LEU B 278 -63.54 -9.08 -5.31
N LEU B 279 -62.99 -10.00 -4.51
CA LEU B 279 -63.83 -11.01 -3.87
C LEU B 279 -64.67 -10.42 -2.73
N ALA B 280 -64.17 -9.37 -2.07
CA ALA B 280 -65.00 -8.66 -1.12
C ALA B 280 -66.14 -7.93 -1.81
N GLN B 281 -65.97 -7.61 -3.10
CA GLN B 281 -67.10 -7.06 -3.84
C GLN B 281 -68.01 -8.10 -4.48
N ILE B 282 -67.49 -9.28 -4.80
CA ILE B 282 -68.27 -10.28 -5.54
C ILE B 282 -68.52 -11.56 -4.77
N GLY B 283 -67.80 -11.85 -3.71
CA GLY B 283 -68.05 -13.12 -3.05
C GLY B 283 -66.96 -14.13 -3.31
N ASP B 284 -66.71 -14.97 -2.32
CA ASP B 284 -65.60 -15.92 -2.37
C ASP B 284 -65.88 -17.12 -3.26
N GLN B 285 -67.11 -17.30 -3.75
CA GLN B 285 -67.42 -18.44 -4.61
C GLN B 285 -66.79 -18.33 -5.98
N TYR B 286 -66.12 -17.23 -6.28
CA TYR B 286 -65.42 -17.10 -7.54
C TYR B 286 -63.92 -17.23 -7.38
N ALA B 287 -63.43 -17.46 -6.15
CA ALA B 287 -61.98 -17.53 -5.96
C ALA B 287 -61.41 -18.67 -6.78
N ASP B 288 -62.07 -19.83 -6.75
CA ASP B 288 -61.60 -20.98 -7.48
C ASP B 288 -61.35 -20.59 -8.93
N LEU B 289 -62.25 -19.79 -9.50
CA LEU B 289 -62.15 -19.47 -10.91
C LEU B 289 -60.86 -18.70 -11.18
N PHE B 290 -60.62 -17.63 -10.42
CA PHE B 290 -59.40 -16.87 -10.66
C PHE B 290 -58.16 -17.71 -10.37
N LEU B 291 -58.21 -18.59 -9.37
CA LEU B 291 -57.05 -19.43 -9.13
C LEU B 291 -56.81 -20.37 -10.31
N ALA B 292 -57.87 -20.92 -10.89
CA ALA B 292 -57.70 -21.70 -12.12
C ALA B 292 -57.06 -20.86 -13.21
N ALA B 293 -57.50 -19.60 -13.35
CA ALA B 293 -56.88 -18.73 -14.33
C ALA B 293 -55.38 -18.61 -14.08
N LYS B 294 -54.98 -18.42 -12.82
CA LYS B 294 -53.55 -18.33 -12.54
C LYS B 294 -52.85 -19.62 -12.93
N ASN B 295 -53.46 -20.76 -12.63
CA ASN B 295 -52.87 -22.02 -13.05
C ASN B 295 -52.66 -22.04 -14.55
N LEU B 296 -53.66 -21.59 -15.31
CA LEU B 296 -53.51 -21.55 -16.77
C LEU B 296 -52.32 -20.68 -17.16
N SER B 297 -52.15 -19.53 -16.50
CA SER B 297 -51.00 -18.70 -16.81
C SER B 297 -49.71 -19.45 -16.57
N ASP B 298 -49.61 -20.10 -15.40
CA ASP B 298 -48.43 -20.92 -15.15
C ASP B 298 -48.23 -21.91 -16.29
N ALA B 299 -49.31 -22.59 -16.71
CA ALA B 299 -49.17 -23.57 -17.78
C ALA B 299 -48.55 -22.93 -19.01
N ILE B 300 -49.08 -21.78 -19.42
CA ILE B 300 -48.58 -21.16 -20.64
C ILE B 300 -47.09 -20.91 -20.52
N LEU B 301 -46.69 -20.25 -19.43
CA LEU B 301 -45.27 -19.96 -19.24
C LEU B 301 -44.44 -21.24 -19.28
N LEU B 302 -44.83 -22.25 -18.50
CA LEU B 302 -44.03 -23.46 -18.46
C LEU B 302 -44.01 -24.15 -19.82
N SER B 303 -45.15 -24.19 -20.53
CA SER B 303 -45.13 -24.82 -21.86
C SER B 303 -44.26 -24.05 -22.85
N ASP B 304 -44.15 -22.72 -22.71
CA ASP B 304 -43.24 -21.97 -23.56
C ASP B 304 -41.77 -22.24 -23.20
N ILE B 305 -41.49 -22.62 -21.96
CA ILE B 305 -40.11 -22.84 -21.54
C ILE B 305 -39.70 -24.30 -21.70
N LEU B 306 -40.53 -25.23 -21.23
CA LEU B 306 -40.20 -26.64 -21.20
C LEU B 306 -40.80 -27.33 -22.44
N ARG B 307 -39.93 -27.94 -23.25
CA ARG B 307 -40.33 -28.64 -24.46
C ARG B 307 -40.13 -30.16 -24.33
N VAL B 308 -40.38 -30.72 -23.16
CA VAL B 308 -40.24 -32.15 -22.94
C VAL B 308 -41.33 -32.62 -21.98
N ASN B 309 -41.65 -33.92 -22.08
CA ASN B 309 -42.63 -34.50 -21.17
C ASN B 309 -42.11 -34.47 -19.74
N THR B 310 -42.94 -33.96 -18.83
CA THR B 310 -42.55 -33.73 -17.45
C THR B 310 -42.76 -34.94 -16.56
N GLU B 311 -43.10 -36.11 -17.12
CA GLU B 311 -43.29 -37.32 -16.33
C GLU B 311 -42.11 -38.28 -16.44
N ILE B 312 -41.29 -38.17 -17.48
CA ILE B 312 -40.18 -39.09 -17.65
C ILE B 312 -38.99 -38.68 -16.79
N THR B 313 -38.86 -37.39 -16.48
CA THR B 313 -37.75 -36.89 -15.69
C THR B 313 -38.23 -35.73 -14.84
N LYS B 314 -37.63 -35.58 -13.66
CA LYS B 314 -37.88 -34.43 -12.81
C LYS B 314 -37.00 -33.24 -13.18
N ALA B 315 -36.37 -33.28 -14.36
CA ALA B 315 -35.52 -32.19 -14.85
C ALA B 315 -36.01 -31.81 -16.24
N PRO B 316 -37.12 -31.08 -16.32
CA PRO B 316 -37.64 -30.72 -17.65
C PRO B 316 -36.79 -29.70 -18.37
N LEU B 317 -36.20 -28.75 -17.64
CA LEU B 317 -35.39 -27.71 -18.27
C LEU B 317 -34.09 -28.27 -18.82
N SER B 318 -33.37 -29.05 -18.01
CA SER B 318 -32.17 -29.70 -18.49
C SER B 318 -32.48 -30.63 -19.66
N ALA B 319 -33.63 -31.30 -19.61
CA ALA B 319 -34.03 -32.17 -20.72
C ALA B 319 -34.29 -31.36 -21.99
N SER B 320 -34.88 -30.17 -21.85
CA SER B 320 -35.11 -29.34 -23.02
C SER B 320 -33.81 -28.81 -23.60
N MET B 321 -32.86 -28.46 -22.72
CA MET B 321 -31.54 -28.05 -23.19
C MET B 321 -30.84 -29.19 -23.92
N ILE B 322 -30.95 -30.42 -23.39
CA ILE B 322 -30.35 -31.56 -24.06
C ILE B 322 -31.03 -31.83 -25.39
N LYS B 323 -32.34 -31.60 -25.47
CA LYS B 323 -33.06 -31.68 -26.74
C LYS B 323 -32.49 -30.67 -27.73
N ARG B 324 -32.29 -29.43 -27.29
CA ARG B 324 -31.60 -28.43 -28.11
C ARG B 324 -30.28 -28.96 -28.63
N TYR B 325 -29.48 -29.54 -27.74
CA TYR B 325 -28.15 -30.03 -28.12
C TYR B 325 -28.25 -31.14 -29.16
N ASP B 326 -29.16 -32.09 -28.93
CA ASP B 326 -29.29 -33.22 -29.86
C ASP B 326 -29.77 -32.76 -31.23
N GLU B 327 -30.75 -31.85 -31.26
CA GLU B 327 -31.20 -31.34 -32.55
C GLU B 327 -30.11 -30.54 -33.24
N HIS B 328 -29.32 -29.78 -32.48
CA HIS B 328 -28.18 -29.07 -33.04
C HIS B 328 -27.22 -30.04 -33.70
N HIS B 329 -26.89 -31.14 -33.00
CA HIS B 329 -25.98 -32.13 -33.53
C HIS B 329 -26.51 -32.74 -34.82
N GLN B 330 -27.77 -33.19 -34.81
CA GLN B 330 -28.33 -33.84 -35.98
C GLN B 330 -28.42 -32.89 -37.16
N ASP B 331 -28.91 -31.67 -36.93
CA ASP B 331 -29.05 -30.70 -38.01
C ASP B 331 -27.71 -30.25 -38.54
N LEU B 332 -26.68 -30.15 -37.69
CA LEU B 332 -25.36 -29.80 -38.19
C LEU B 332 -24.78 -30.92 -39.04
N THR B 333 -24.96 -32.17 -38.63
CA THR B 333 -24.53 -33.29 -39.47
C THR B 333 -25.21 -33.25 -40.82
N LEU B 334 -26.54 -33.08 -40.83
CA LEU B 334 -27.28 -33.03 -42.07
C LEU B 334 -26.85 -31.85 -42.95
N LEU B 335 -26.66 -30.68 -42.33
CA LEU B 335 -26.26 -29.50 -43.09
C LEU B 335 -24.87 -29.68 -43.69
N LYS B 336 -23.93 -30.24 -42.93
CA LYS B 336 -22.61 -30.50 -43.47
C LYS B 336 -22.69 -31.45 -44.66
N ALA B 337 -23.48 -32.52 -44.54
CA ALA B 337 -23.63 -33.44 -45.66
C ALA B 337 -24.21 -32.75 -46.88
N LEU B 338 -25.28 -31.98 -46.68
CA LEU B 338 -25.95 -31.31 -47.80
C LEU B 338 -25.02 -30.31 -48.48
N VAL B 339 -24.27 -29.54 -47.70
CA VAL B 339 -23.36 -28.56 -48.29
C VAL B 339 -22.21 -29.26 -49.01
N ARG B 340 -21.70 -30.36 -48.44
CA ARG B 340 -20.68 -31.14 -49.12
C ARG B 340 -21.18 -31.67 -50.46
N GLN B 341 -22.47 -32.01 -50.53
CA GLN B 341 -22.99 -32.60 -51.77
C GLN B 341 -23.35 -31.52 -52.80
N GLN B 342 -24.10 -30.50 -52.40
CA GLN B 342 -24.70 -29.57 -53.35
C GLN B 342 -23.91 -28.30 -53.57
N LEU B 343 -23.49 -27.62 -52.51
CA LEU B 343 -22.79 -26.33 -52.59
C LEU B 343 -21.39 -26.46 -52.02
N PRO B 344 -20.51 -27.23 -52.67
CA PRO B 344 -19.21 -27.55 -52.06
C PRO B 344 -18.24 -26.38 -52.00
N GLU B 345 -18.43 -25.33 -52.81
CA GLU B 345 -17.49 -24.22 -52.80
C GLU B 345 -17.66 -23.33 -51.58
N LYS B 346 -18.86 -23.28 -51.00
CA LYS B 346 -19.10 -22.44 -49.84
C LYS B 346 -18.69 -23.10 -48.52
N TYR B 347 -18.45 -24.41 -48.52
CA TYR B 347 -18.22 -25.14 -47.28
C TYR B 347 -17.16 -24.49 -46.40
N LYS B 348 -16.02 -24.13 -46.99
CA LYS B 348 -14.96 -23.50 -46.20
C LYS B 348 -15.43 -22.17 -45.62
N GLU B 349 -16.08 -21.33 -46.46
CA GLU B 349 -16.60 -20.06 -45.98
C GLU B 349 -17.60 -20.26 -44.83
N ILE B 350 -18.36 -21.36 -44.86
CA ILE B 350 -19.41 -21.56 -43.87
C ILE B 350 -18.85 -22.11 -42.56
N PHE B 351 -17.86 -23.01 -42.65
CA PHE B 351 -17.41 -23.75 -41.46
C PHE B 351 -15.97 -23.47 -41.07
N PHE B 352 -15.34 -22.43 -41.63
CA PHE B 352 -13.97 -22.11 -41.27
C PHE B 352 -13.68 -20.62 -41.19
N ASP B 353 -14.52 -19.75 -41.73
CA ASP B 353 -14.25 -18.32 -41.79
C ASP B 353 -15.03 -17.63 -40.67
N GLN B 354 -14.36 -17.42 -39.53
CA GLN B 354 -14.99 -16.72 -38.42
C GLN B 354 -15.39 -15.30 -38.78
N SER B 355 -14.74 -14.71 -39.80
CA SER B 355 -15.12 -13.38 -40.23
C SER B 355 -16.48 -13.37 -40.90
N LYS B 356 -16.89 -14.48 -41.50
CA LYS B 356 -18.22 -14.61 -42.08
C LYS B 356 -19.23 -15.01 -41.01
N ASN B 357 -20.50 -14.80 -41.31
CA ASN B 357 -21.58 -15.11 -40.39
C ASN B 357 -22.13 -16.51 -40.58
N GLY B 358 -21.32 -17.44 -41.07
CA GLY B 358 -21.70 -18.83 -41.15
C GLY B 358 -21.61 -19.51 -39.80
N TYR B 359 -21.60 -20.85 -39.82
CA TYR B 359 -21.47 -21.60 -38.59
C TYR B 359 -20.16 -21.31 -37.89
N ALA B 360 -19.11 -21.00 -38.65
CA ALA B 360 -17.82 -20.67 -38.04
C ALA B 360 -17.90 -19.37 -37.27
N GLY B 361 -18.44 -18.32 -37.91
CA GLY B 361 -18.66 -17.07 -37.20
C GLY B 361 -19.77 -17.13 -36.19
N TYR B 362 -20.67 -18.11 -36.31
CA TYR B 362 -21.74 -18.26 -35.34
C TYR B 362 -21.24 -18.88 -34.04
N ILE B 363 -20.31 -19.83 -34.14
CA ILE B 363 -19.76 -20.47 -32.95
C ILE B 363 -18.53 -19.74 -32.44
N ASP B 364 -17.52 -19.55 -33.31
CA ASP B 364 -16.27 -18.96 -32.89
C ASP B 364 -16.16 -17.47 -33.13
N GLY B 365 -16.82 -16.95 -34.17
CA GLY B 365 -16.86 -15.52 -34.39
C GLY B 365 -17.91 -14.86 -33.52
N GLY B 366 -18.05 -13.55 -33.71
CA GLY B 366 -19.01 -12.81 -32.93
C GLY B 366 -20.41 -12.76 -33.50
N ALA B 367 -20.71 -13.58 -34.50
CA ALA B 367 -22.02 -13.53 -35.15
C ALA B 367 -23.12 -14.01 -34.22
N SER B 368 -24.23 -13.29 -34.21
CA SER B 368 -25.38 -13.65 -33.40
C SER B 368 -26.23 -14.70 -34.11
N GLN B 369 -27.16 -15.30 -33.35
CA GLN B 369 -28.09 -16.26 -33.92
C GLN B 369 -28.89 -15.64 -35.06
N GLU B 370 -29.33 -14.40 -34.87
CA GLU B 370 -30.06 -13.70 -35.92
C GLU B 370 -29.18 -13.48 -37.15
N GLU B 371 -27.93 -13.05 -36.94
CA GLU B 371 -27.02 -12.85 -38.05
C GLU B 371 -26.74 -14.16 -38.78
N PHE B 372 -26.57 -15.25 -38.03
CA PHE B 372 -26.32 -16.54 -38.66
C PHE B 372 -27.53 -17.02 -39.46
N TYR B 373 -28.73 -16.85 -38.91
CA TYR B 373 -29.94 -17.21 -39.65
C TYR B 373 -30.07 -16.40 -40.93
N LYS B 374 -29.82 -15.08 -40.84
CA LYS B 374 -29.89 -14.25 -42.04
C LYS B 374 -28.84 -14.66 -43.07
N PHE B 375 -27.67 -15.08 -42.62
CA PHE B 375 -26.62 -15.49 -43.55
C PHE B 375 -26.94 -16.83 -44.21
N ILE B 376 -27.58 -17.75 -43.48
CA ILE B 376 -27.72 -19.12 -43.97
C ILE B 376 -29.09 -19.43 -44.56
N LYS B 377 -30.07 -18.54 -44.39
CA LYS B 377 -31.38 -18.79 -45.00
C LYS B 377 -31.33 -18.93 -46.52
N PRO B 378 -30.65 -18.05 -47.27
CA PRO B 378 -30.55 -18.28 -48.72
C PRO B 378 -29.80 -19.54 -49.08
N ILE B 379 -28.78 -19.92 -48.30
CA ILE B 379 -28.04 -21.14 -48.58
C ILE B 379 -28.94 -22.35 -48.41
N LEU B 380 -29.82 -22.32 -47.41
CA LEU B 380 -30.78 -23.40 -47.24
C LEU B 380 -31.82 -23.40 -48.35
N GLU B 381 -32.26 -22.22 -48.78
CA GLU B 381 -33.24 -22.14 -49.85
C GLU B 381 -32.67 -22.63 -51.18
N LYS B 382 -31.37 -22.48 -51.40
CA LYS B 382 -30.76 -22.90 -52.66
C LYS B 382 -30.64 -24.41 -52.79
N MET B 383 -30.65 -25.15 -51.68
CA MET B 383 -30.36 -26.58 -51.71
C MET B 383 -31.65 -27.39 -51.60
N ASP B 384 -31.50 -28.71 -51.50
CA ASP B 384 -32.60 -29.65 -51.39
C ASP B 384 -32.50 -30.41 -50.08
N GLY B 385 -33.66 -30.75 -49.52
CA GLY B 385 -33.70 -31.41 -48.23
C GLY B 385 -33.61 -30.47 -47.06
N THR B 386 -33.81 -29.17 -47.27
CA THR B 386 -33.68 -28.17 -46.23
C THR B 386 -35.04 -27.64 -45.79
N GLU B 387 -36.08 -28.46 -45.94
CA GLU B 387 -37.43 -28.02 -45.61
C GLU B 387 -37.63 -27.95 -44.09
N GLU B 388 -37.30 -29.03 -43.38
CA GLU B 388 -37.42 -29.03 -41.93
C GLU B 388 -36.43 -28.05 -41.30
N LEU B 389 -35.24 -27.92 -41.89
CA LEU B 389 -34.28 -26.94 -41.40
C LEU B 389 -34.82 -25.53 -41.54
N LEU B 390 -35.50 -25.24 -42.65
CA LEU B 390 -36.08 -23.91 -42.84
C LEU B 390 -37.27 -23.69 -41.90
N VAL B 391 -38.06 -24.73 -41.65
CA VAL B 391 -39.14 -24.62 -40.66
C VAL B 391 -38.57 -24.28 -39.29
N LYS B 392 -37.49 -24.96 -38.90
CA LYS B 392 -36.85 -24.65 -37.62
C LYS B 392 -36.22 -23.26 -37.62
N LEU B 393 -35.74 -22.80 -38.78
CA LEU B 393 -35.14 -21.47 -38.86
C LEU B 393 -36.20 -20.39 -38.68
N ASN B 394 -37.34 -20.52 -39.38
CA ASN B 394 -38.41 -19.55 -39.22
C ASN B 394 -39.09 -19.65 -37.87
N ARG B 395 -38.94 -20.77 -37.16
CA ARG B 395 -39.38 -20.91 -35.79
C ARG B 395 -38.33 -20.42 -34.80
N GLU B 396 -37.21 -19.88 -35.28
CA GLU B 396 -36.10 -19.47 -34.42
C GLU B 396 -35.64 -20.63 -33.53
N ASP B 397 -35.48 -21.80 -34.16
CA ASP B 397 -35.20 -23.03 -33.42
C ASP B 397 -34.26 -23.96 -34.19
N LEU B 398 -33.31 -23.39 -34.93
CA LEU B 398 -32.37 -24.17 -35.72
C LEU B 398 -30.95 -23.98 -35.18
N LEU B 399 -30.28 -25.09 -34.89
CA LEU B 399 -28.89 -25.07 -34.42
C LEU B 399 -28.72 -24.19 -33.19
N ARG B 400 -29.68 -24.26 -32.28
CA ARG B 400 -29.70 -23.36 -31.13
C ARG B 400 -28.61 -23.73 -30.12
N LYS B 401 -28.16 -22.74 -29.38
CA LYS B 401 -27.27 -22.96 -28.25
C LYS B 401 -28.08 -23.06 -26.97
N GLN B 402 -27.46 -23.62 -25.94
CA GLN B 402 -28.16 -23.78 -24.67
C GLN B 402 -28.25 -22.45 -23.90
N ARG B 403 -27.17 -21.68 -23.85
CA ARG B 403 -27.16 -20.39 -23.18
C ARG B 403 -27.41 -19.30 -24.22
N THR B 404 -28.58 -18.68 -24.15
CA THR B 404 -29.01 -17.73 -25.17
C THR B 404 -29.77 -16.58 -24.51
N PHE B 405 -30.17 -15.61 -25.33
CA PHE B 405 -30.74 -14.36 -24.84
C PHE B 405 -32.13 -14.55 -24.23
N ASP B 406 -32.88 -15.57 -24.66
CA ASP B 406 -34.25 -15.73 -24.21
C ASP B 406 -34.37 -16.53 -22.92
N ASN B 407 -33.27 -17.11 -22.42
CA ASN B 407 -33.31 -17.87 -21.18
C ASN B 407 -33.72 -16.99 -20.00
N GLY B 408 -33.90 -15.69 -20.24
CA GLY B 408 -34.50 -14.80 -19.27
C GLY B 408 -35.92 -15.17 -18.89
N SER B 409 -36.53 -16.13 -19.60
CA SER B 409 -37.88 -16.57 -19.25
C SER B 409 -37.89 -17.50 -18.05
N ILE B 410 -36.81 -18.24 -17.83
CA ILE B 410 -36.74 -19.28 -16.79
C ILE B 410 -36.88 -18.68 -15.40
N PRO B 411 -37.92 -19.02 -14.64
CA PRO B 411 -38.02 -18.56 -13.27
C PRO B 411 -37.12 -19.38 -12.35
N HIS B 412 -36.83 -18.80 -11.18
CA HIS B 412 -35.94 -19.47 -10.24
C HIS B 412 -36.53 -20.76 -9.69
N GLN B 413 -37.85 -20.93 -9.81
CA GLN B 413 -38.49 -22.13 -9.30
C GLN B 413 -38.02 -23.38 -10.04
N ILE B 414 -37.72 -23.27 -11.33
CA ILE B 414 -37.32 -24.44 -12.10
C ILE B 414 -35.93 -24.92 -11.69
N HIS B 415 -34.95 -23.99 -11.73
CA HIS B 415 -33.62 -24.32 -11.23
C HIS B 415 -33.68 -24.81 -9.79
N LEU B 416 -34.54 -24.22 -8.96
CA LEU B 416 -34.66 -24.65 -7.57
C LEU B 416 -35.20 -26.08 -7.49
N GLY B 417 -36.16 -26.42 -8.34
CA GLY B 417 -36.66 -27.78 -8.36
C GLY B 417 -35.59 -28.79 -8.74
N GLU B 418 -34.78 -28.46 -9.76
CA GLU B 418 -33.70 -29.36 -10.14
C GLU B 418 -32.66 -29.48 -9.03
N LEU B 419 -32.31 -28.37 -8.39
CA LEU B 419 -31.37 -28.39 -7.29
C LEU B 419 -31.88 -29.23 -6.13
N HIS B 420 -33.16 -29.07 -5.79
CA HIS B 420 -33.76 -29.85 -4.72
C HIS B 420 -33.78 -31.33 -5.07
N ALA B 421 -34.03 -31.65 -6.33
CA ALA B 421 -33.99 -33.06 -6.76
C ALA B 421 -32.60 -33.64 -6.58
N ILE B 422 -31.56 -32.88 -6.96
CA ILE B 422 -30.19 -33.39 -6.80
C ILE B 422 -29.87 -33.58 -5.32
N LEU B 423 -30.26 -32.63 -4.49
CA LEU B 423 -29.99 -32.74 -3.06
C LEU B 423 -30.74 -33.93 -2.45
N ARG B 424 -31.97 -34.17 -2.90
CA ARG B 424 -32.69 -35.37 -2.45
C ARG B 424 -31.96 -36.63 -2.86
N ARG B 425 -31.48 -36.68 -4.10
CA ARG B 425 -30.83 -37.89 -4.60
C ARG B 425 -29.54 -38.17 -3.86
N GLN B 426 -28.76 -37.14 -3.53
CA GLN B 426 -27.42 -37.35 -3.00
C GLN B 426 -27.29 -37.15 -1.49
N GLU B 427 -28.35 -36.71 -0.81
CA GLU B 427 -28.25 -36.63 0.64
C GLU B 427 -28.26 -38.00 1.29
N ASP B 428 -28.70 -39.04 0.57
CA ASP B 428 -28.63 -40.39 1.09
C ASP B 428 -27.20 -40.85 1.29
N PHE B 429 -26.27 -40.34 0.48
CA PHE B 429 -24.88 -40.75 0.55
C PHE B 429 -24.00 -39.74 1.28
N TYR B 430 -24.43 -38.50 1.41
CA TYR B 430 -23.63 -37.44 2.03
C TYR B 430 -24.39 -36.81 3.19
N PRO B 431 -24.04 -37.10 4.43
CA PRO B 431 -24.78 -36.50 5.56
C PRO B 431 -24.77 -34.98 5.59
N PHE B 432 -23.66 -34.36 5.19
CA PHE B 432 -23.59 -32.90 5.25
C PHE B 432 -24.55 -32.25 4.26
N LEU B 433 -24.78 -32.88 3.12
CA LEU B 433 -25.79 -32.39 2.19
C LEU B 433 -27.18 -32.41 2.81
N LYS B 434 -27.53 -33.50 3.49
CA LYS B 434 -28.84 -33.57 4.13
C LYS B 434 -28.96 -32.53 5.23
N ASP B 435 -27.87 -32.29 5.98
CA ASP B 435 -27.92 -31.31 7.06
C ASP B 435 -28.01 -29.88 6.54
N ASN B 436 -27.43 -29.61 5.36
CA ASN B 436 -27.38 -28.25 4.82
C ASN B 436 -28.29 -28.07 3.61
N ARG B 437 -29.25 -28.97 3.40
CA ARG B 437 -30.14 -28.85 2.24
C ARG B 437 -30.85 -27.50 2.23
N GLU B 438 -31.48 -27.13 3.35
CA GLU B 438 -32.19 -25.87 3.41
C GLU B 438 -31.23 -24.68 3.31
N LYS B 439 -30.00 -24.82 3.81
CA LYS B 439 -29.01 -23.75 3.63
C LYS B 439 -28.74 -23.50 2.16
N ILE B 440 -28.56 -24.57 1.37
CA ILE B 440 -28.25 -24.41 -0.03
C ILE B 440 -29.45 -23.87 -0.80
N GLU B 441 -30.64 -24.40 -0.51
CA GLU B 441 -31.85 -23.86 -1.13
C GLU B 441 -32.03 -22.38 -0.80
N LYS B 442 -31.67 -21.97 0.43
CA LYS B 442 -31.78 -20.57 0.80
C LYS B 442 -30.76 -19.73 0.06
N ILE B 443 -29.54 -20.24 -0.08
CA ILE B 443 -28.53 -19.56 -0.91
C ILE B 443 -29.09 -19.29 -2.30
N LEU B 444 -29.77 -20.28 -2.88
CA LEU B 444 -30.34 -20.07 -4.21
C LEU B 444 -31.49 -19.05 -4.17
N THR B 445 -32.38 -19.16 -3.19
CA THR B 445 -33.63 -18.40 -3.21
C THR B 445 -33.52 -17.00 -2.61
N PHE B 446 -32.57 -16.77 -1.70
CA PHE B 446 -32.59 -15.53 -0.92
C PHE B 446 -32.37 -14.30 -1.80
N ARG B 447 -33.18 -13.27 -1.56
CA ARG B 447 -33.06 -11.97 -2.19
C ARG B 447 -33.15 -10.88 -1.15
N ILE B 448 -32.31 -9.85 -1.28
CA ILE B 448 -32.46 -8.66 -0.46
C ILE B 448 -33.70 -7.92 -0.94
N PRO B 449 -34.69 -7.66 -0.06
CA PRO B 449 -35.89 -6.96 -0.50
C PRO B 449 -35.57 -5.55 -0.97
N TYR B 450 -36.28 -5.11 -2.01
CA TYR B 450 -36.01 -3.78 -2.57
C TYR B 450 -36.24 -2.69 -1.55
N TYR B 451 -37.14 -2.91 -0.59
CA TYR B 451 -37.39 -1.91 0.45
C TYR B 451 -36.35 -1.95 1.56
N VAL B 452 -35.34 -2.80 1.45
CA VAL B 452 -34.25 -2.85 2.42
C VAL B 452 -33.03 -2.10 1.91
N GLY B 453 -32.65 -2.31 0.67
CA GLY B 453 -31.52 -1.63 0.09
C GLY B 453 -30.21 -2.27 0.47
N PRO B 454 -29.10 -1.60 0.14
CA PRO B 454 -27.77 -2.16 0.45
C PRO B 454 -27.60 -2.44 1.93
N LEU B 455 -26.91 -3.53 2.24
CA LEU B 455 -26.68 -3.96 3.62
C LEU B 455 -25.39 -3.31 4.14
N ALA B 456 -25.45 -1.99 4.27
CA ALA B 456 -24.28 -1.22 4.68
C ALA B 456 -24.19 -1.16 6.20
N ARG B 457 -23.08 -0.58 6.68
CA ARG B 457 -22.84 -0.42 8.11
C ARG B 457 -22.29 0.97 8.39
N GLY B 458 -22.88 1.99 7.78
CA GLY B 458 -22.52 3.36 8.04
C GLY B 458 -21.58 4.01 7.06
N ASN B 459 -21.40 3.44 5.87
CA ASN B 459 -20.49 4.03 4.89
C ASN B 459 -21.07 4.01 3.47
N SER B 460 -22.40 4.04 3.36
CA SER B 460 -23.06 4.09 2.06
C SER B 460 -24.14 5.16 2.07
N ARG B 461 -23.99 6.16 1.21
CA ARG B 461 -25.00 7.21 1.08
C ARG B 461 -26.28 6.72 0.42
N PHE B 462 -26.32 5.47 -0.05
CA PHE B 462 -27.52 4.91 -0.65
C PHE B 462 -28.36 4.09 0.33
N ALA B 463 -27.77 3.68 1.45
CA ALA B 463 -28.42 2.75 2.36
C ALA B 463 -29.33 3.49 3.34
N TRP B 464 -30.40 2.79 3.75
CA TRP B 464 -31.27 3.25 4.82
C TRP B 464 -31.60 2.14 5.81
N MET B 465 -31.14 0.92 5.56
CA MET B 465 -31.45 -0.22 6.42
C MET B 465 -30.93 -0.01 7.83
N THR B 466 -31.70 -0.48 8.80
CA THR B 466 -31.32 -0.47 10.22
C THR B 466 -31.27 -1.90 10.73
N ARG B 467 -30.27 -2.18 11.56
CA ARG B 467 -30.01 -3.53 12.04
C ARG B 467 -30.58 -3.72 13.44
N LYS B 468 -31.10 -4.92 13.70
CA LYS B 468 -31.53 -5.28 15.05
C LYS B 468 -30.32 -5.69 15.90
N SER B 469 -29.39 -6.42 15.31
CA SER B 469 -28.11 -6.75 15.93
C SER B 469 -26.99 -6.44 14.95
N GLU B 470 -25.89 -5.91 15.47
CA GLU B 470 -24.77 -5.50 14.62
C GLU B 470 -23.84 -6.69 14.42
N GLU B 471 -24.01 -7.40 13.31
CA GLU B 471 -23.17 -8.52 12.95
C GLU B 471 -23.19 -8.69 11.44
N THR B 472 -22.50 -9.71 10.95
CA THR B 472 -22.49 -9.98 9.53
C THR B 472 -23.82 -10.61 9.12
N ILE B 473 -24.32 -10.21 7.96
CA ILE B 473 -25.63 -10.63 7.47
C ILE B 473 -25.45 -11.73 6.43
N THR B 474 -26.15 -12.84 6.63
CA THR B 474 -26.11 -14.00 5.76
C THR B 474 -27.52 -14.30 5.27
N PRO B 475 -27.67 -15.06 4.18
CA PRO B 475 -29.03 -15.38 3.68
C PRO B 475 -29.89 -16.13 4.69
N TRP B 476 -29.28 -16.71 5.72
CA TRP B 476 -30.03 -17.52 6.68
C TRP B 476 -30.41 -16.76 7.96
N ASN B 477 -29.70 -15.69 8.30
CA ASN B 477 -30.00 -14.90 9.48
C ASN B 477 -30.54 -13.52 9.14
N PHE B 478 -30.99 -13.32 7.89
CA PHE B 478 -31.45 -12.00 7.47
C PHE B 478 -32.61 -11.51 8.33
N GLU B 479 -33.61 -12.37 8.55
CA GLU B 479 -34.79 -11.96 9.32
C GLU B 479 -34.46 -11.60 10.76
N GLU B 480 -33.35 -12.10 11.30
CA GLU B 480 -32.98 -11.80 12.67
C GLU B 480 -32.11 -10.57 12.80
N VAL B 481 -31.28 -10.28 11.81
CA VAL B 481 -30.35 -9.15 11.89
C VAL B 481 -30.97 -7.88 11.32
N VAL B 482 -31.61 -8.00 10.16
CA VAL B 482 -32.22 -6.85 9.50
C VAL B 482 -33.61 -6.60 10.07
N ASP B 483 -33.90 -5.35 10.40
CA ASP B 483 -35.25 -4.95 10.82
C ASP B 483 -36.00 -4.56 9.57
N LYS B 484 -36.72 -5.52 8.98
CA LYS B 484 -37.42 -5.25 7.73
C LYS B 484 -38.46 -4.15 7.88
N GLY B 485 -39.07 -4.02 9.06
CA GLY B 485 -40.07 -2.99 9.30
C GLY B 485 -39.52 -1.58 9.22
N ALA B 486 -38.51 -1.28 10.05
CA ALA B 486 -37.90 0.03 10.04
C ALA B 486 -37.27 0.33 8.67
N SER B 487 -36.72 -0.70 8.02
CA SER B 487 -36.10 -0.49 6.71
C SER B 487 -37.13 -0.14 5.66
N ALA B 488 -38.29 -0.84 5.66
CA ALA B 488 -39.33 -0.50 4.70
C ALA B 488 -40.05 0.79 5.06
N GLN B 489 -39.92 1.26 6.30
CA GLN B 489 -40.40 2.58 6.65
C GLN B 489 -39.48 3.66 6.08
N SER B 490 -38.18 3.52 6.30
CA SER B 490 -37.22 4.44 5.71
C SER B 490 -37.28 4.44 4.20
N PHE B 491 -37.52 3.26 3.60
CA PHE B 491 -37.57 3.15 2.14
C PHE B 491 -38.55 4.16 1.54
N ILE B 492 -39.66 4.42 2.24
CA ILE B 492 -40.61 5.40 1.75
C ILE B 492 -40.30 6.80 2.28
N GLU B 493 -39.88 6.92 3.55
CA GLU B 493 -39.69 8.26 4.10
C GLU B 493 -38.45 8.97 3.57
N ARG B 494 -37.50 8.26 2.94
CA ARG B 494 -36.38 8.94 2.30
C ARG B 494 -36.84 9.79 1.13
N MET B 495 -37.91 9.37 0.45
CA MET B 495 -38.37 10.03 -0.77
C MET B 495 -39.66 10.82 -0.55
N THR B 496 -40.06 11.05 0.68
CA THR B 496 -41.21 11.90 0.96
C THR B 496 -40.72 13.32 1.20
N ASN B 497 -41.52 14.28 0.75
CA ASN B 497 -41.15 15.68 0.86
C ASN B 497 -41.20 16.16 2.31
N PHE B 498 -40.33 17.10 2.65
CA PHE B 498 -40.46 17.82 3.90
C PHE B 498 -41.34 19.04 3.70
N ASP B 499 -41.76 19.64 4.81
CA ASP B 499 -42.57 20.84 4.76
C ASP B 499 -41.74 22.02 4.27
N LYS B 500 -42.38 22.91 3.50
CA LYS B 500 -41.67 24.07 2.98
C LYS B 500 -41.29 25.04 4.09
N ASN B 501 -42.08 25.10 5.16
CA ASN B 501 -41.82 26.01 6.27
C ASN B 501 -40.86 25.39 7.28
N LEU B 502 -41.01 24.09 7.56
CA LEU B 502 -40.11 23.39 8.47
C LEU B 502 -39.32 22.34 7.69
N PRO B 503 -38.00 22.49 7.53
CA PRO B 503 -37.24 21.49 6.78
C PRO B 503 -36.88 20.26 7.61
N ASN B 504 -37.05 20.30 8.93
CA ASN B 504 -36.70 19.20 9.80
C ASN B 504 -37.86 18.27 10.11
N GLU B 505 -39.09 18.64 9.74
CA GLU B 505 -40.28 17.89 10.12
C GLU B 505 -40.89 17.20 8.90
N LYS B 506 -41.02 15.87 8.99
CA LYS B 506 -41.63 15.11 7.91
C LYS B 506 -43.07 15.56 7.67
N VAL B 507 -43.48 15.53 6.40
CA VAL B 507 -44.83 15.91 6.02
C VAL B 507 -45.82 14.83 6.46
N LEU B 508 -47.06 15.24 6.74
CA LEU B 508 -48.09 14.34 7.18
C LEU B 508 -48.63 13.52 6.00
N PRO B 509 -49.24 12.36 6.27
CA PRO B 509 -49.97 11.66 5.22
C PRO B 509 -51.16 12.49 4.75
N LYS B 510 -51.53 12.33 3.49
CA LYS B 510 -52.63 13.12 2.94
C LYS B 510 -53.96 12.76 3.59
N HIS B 511 -54.16 11.50 3.93
CA HIS B 511 -55.39 11.04 4.57
C HIS B 511 -55.30 11.09 6.09
N SER B 512 -54.41 11.91 6.63
CA SER B 512 -54.32 12.10 8.08
C SER B 512 -55.52 12.88 8.59
N LEU B 513 -56.08 12.43 9.72
CA LEU B 513 -57.19 13.14 10.33
C LEU B 513 -56.80 14.57 10.70
N LEU B 514 -55.58 14.77 11.18
CA LEU B 514 -55.09 16.11 11.45
C LEU B 514 -55.06 16.96 10.20
N TYR B 515 -54.58 16.39 9.08
CA TYR B 515 -54.51 17.15 7.84
C TYR B 515 -55.90 17.51 7.32
N GLU B 516 -56.84 16.57 7.39
CA GLU B 516 -58.19 16.85 6.91
C GLU B 516 -58.87 17.88 7.80
N TYR B 517 -58.65 17.83 9.12
CA TYR B 517 -59.16 18.86 10.00
C TYR B 517 -58.55 20.22 9.65
N PHE B 518 -57.24 20.24 9.39
CA PHE B 518 -56.59 21.48 8.97
C PHE B 518 -57.25 22.07 7.74
N THR B 519 -57.43 21.25 6.70
CA THR B 519 -58.03 21.76 5.46
C THR B 519 -59.45 22.26 5.70
N VAL B 520 -60.25 21.49 6.44
CA VAL B 520 -61.65 21.88 6.68
C VAL B 520 -61.70 23.21 7.43
N TYR B 521 -60.93 23.33 8.50
CA TYR B 521 -60.99 24.55 9.31
C TYR B 521 -60.39 25.74 8.55
N ASN B 522 -59.35 25.52 7.76
CA ASN B 522 -58.76 26.61 6.99
C ASN B 522 -59.75 27.13 5.95
N GLU B 523 -60.53 26.23 5.34
CA GLU B 523 -61.56 26.68 4.42
C GLU B 523 -62.74 27.30 5.17
N LEU B 524 -62.99 26.87 6.40
CA LEU B 524 -64.18 27.30 7.13
C LEU B 524 -64.00 28.65 7.83
N THR B 525 -62.76 29.03 8.15
CA THR B 525 -62.55 30.33 8.80
C THR B 525 -62.93 31.49 7.88
N LYS B 526 -62.72 31.33 6.57
CA LYS B 526 -62.96 32.40 5.62
C LYS B 526 -64.37 32.39 5.05
N VAL B 527 -65.25 31.55 5.59
CA VAL B 527 -66.64 31.53 5.16
C VAL B 527 -67.40 32.65 5.88
N LYS B 528 -68.16 33.43 5.11
CA LYS B 528 -68.95 34.53 5.65
C LYS B 528 -70.42 34.32 5.36
N TYR B 529 -71.27 34.93 6.18
CA TYR B 529 -72.71 34.75 6.06
C TYR B 529 -73.43 36.04 6.43
N VAL B 530 -74.52 36.32 5.70
CA VAL B 530 -75.35 37.51 5.91
C VAL B 530 -76.81 37.11 5.80
N THR B 531 -77.60 37.51 6.79
CA THR B 531 -79.05 37.37 6.71
C THR B 531 -79.69 38.72 6.43
N GLU B 532 -81.01 38.73 6.25
CA GLU B 532 -81.72 39.98 6.03
C GLU B 532 -81.58 40.93 7.22
N GLY B 533 -81.39 40.38 8.42
CA GLY B 533 -81.36 41.22 9.61
C GLY B 533 -80.05 41.98 9.77
N MET B 534 -78.93 41.28 9.63
CA MET B 534 -77.64 41.88 9.95
C MET B 534 -77.23 42.86 8.85
N ARG B 535 -76.16 43.60 9.15
CA ARG B 535 -75.71 44.72 8.33
C ARG B 535 -74.50 44.39 7.46
N LYS B 536 -73.61 43.52 7.91
CA LYS B 536 -72.32 43.32 7.28
C LYS B 536 -71.98 41.83 7.31
N PRO B 537 -71.20 41.35 6.33
CA PRO B 537 -70.68 39.98 6.40
C PRO B 537 -70.01 39.70 7.73
N ALA B 538 -70.33 38.53 8.30
CA ALA B 538 -69.83 38.13 9.61
C ALA B 538 -69.10 36.80 9.51
N PHE B 539 -67.98 36.70 10.21
CA PHE B 539 -67.23 35.46 10.28
C PHE B 539 -67.96 34.43 11.13
N LEU B 540 -67.60 33.16 10.93
CA LEU B 540 -68.11 32.09 11.76
C LEU B 540 -67.27 32.01 13.04
N SER B 541 -67.94 32.10 14.19
CA SER B 541 -67.23 32.03 15.46
C SER B 541 -66.69 30.63 15.69
N GLY B 542 -65.89 30.49 16.76
CA GLY B 542 -65.40 29.18 17.13
C GLY B 542 -66.52 28.20 17.44
N GLU B 543 -67.55 28.67 18.14
CA GLU B 543 -68.71 27.83 18.43
C GLU B 543 -69.44 27.45 17.15
N GLN B 544 -69.61 28.40 16.23
CA GLN B 544 -70.27 28.10 14.96
C GLN B 544 -69.48 27.09 14.14
N LYS B 545 -68.16 27.27 14.07
CA LYS B 545 -67.33 26.33 13.32
C LYS B 545 -67.38 24.93 13.95
N LYS B 546 -67.33 24.86 15.29
CA LYS B 546 -67.41 23.57 15.95
C LYS B 546 -68.76 22.90 15.69
N ALA B 547 -69.85 23.68 15.73
CA ALA B 547 -71.17 23.12 15.48
C ALA B 547 -71.31 22.63 14.05
N ILE B 548 -70.75 23.39 13.09
CA ILE B 548 -70.81 22.96 11.69
C ILE B 548 -69.99 21.70 11.48
N VAL B 549 -68.83 21.61 12.12
CA VAL B 549 -68.00 20.41 11.98
C VAL B 549 -68.70 19.20 12.57
N ASP B 550 -69.33 19.37 13.74
CA ASP B 550 -69.96 18.23 14.41
C ASP B 550 -71.25 17.80 13.69
N LEU B 551 -72.01 18.76 13.17
CA LEU B 551 -73.33 18.46 12.63
C LEU B 551 -73.32 18.13 11.15
N LEU B 552 -72.31 18.57 10.40
CA LEU B 552 -72.29 18.38 8.95
C LEU B 552 -71.11 17.55 8.48
N PHE B 553 -69.88 17.95 8.82
CA PHE B 553 -68.71 17.26 8.28
C PHE B 553 -68.54 15.87 8.87
N LYS B 554 -69.02 15.65 10.10
CA LYS B 554 -68.89 14.35 10.75
C LYS B 554 -70.10 13.44 10.49
N THR B 555 -71.08 13.90 9.70
CA THR B 555 -72.20 13.06 9.30
C THR B 555 -72.30 12.86 7.79
N ASN B 556 -71.68 13.72 7.00
CA ASN B 556 -71.67 13.61 5.55
C ASN B 556 -70.24 13.49 5.04
N ARG B 557 -70.05 12.74 3.95
CA ARG B 557 -68.73 12.68 3.33
C ARG B 557 -68.41 14.01 2.65
N LYS B 558 -69.37 14.59 1.94
CA LYS B 558 -69.24 15.91 1.34
C LYS B 558 -70.30 16.84 1.93
N VAL B 559 -69.92 18.09 2.15
CA VAL B 559 -70.82 19.09 2.73
C VAL B 559 -71.06 20.16 1.68
N THR B 560 -72.32 20.29 1.26
CA THR B 560 -72.71 21.29 0.27
C THR B 560 -73.16 22.58 0.95
N VAL B 561 -73.28 23.64 0.16
CA VAL B 561 -73.75 24.91 0.70
C VAL B 561 -75.24 24.82 1.00
N LYS B 562 -75.99 24.01 0.25
CA LYS B 562 -77.39 23.78 0.59
C LYS B 562 -77.52 23.13 1.96
N GLN B 563 -76.65 22.17 2.27
CA GLN B 563 -76.67 21.55 3.60
C GLN B 563 -76.27 22.55 4.68
N LEU B 564 -75.34 23.46 4.36
CA LEU B 564 -74.96 24.48 5.34
C LEU B 564 -76.11 25.44 5.60
N LYS B 565 -76.89 25.76 4.56
CA LYS B 565 -78.01 26.68 4.74
C LYS B 565 -79.17 26.02 5.48
N GLU B 566 -79.46 24.75 5.16
CA GLU B 566 -80.66 24.11 5.67
C GLU B 566 -80.42 23.35 6.97
N ASP B 567 -79.40 22.50 7.00
CA ASP B 567 -79.17 21.65 8.16
C ASP B 567 -78.52 22.39 9.33
N TYR B 568 -78.01 23.61 9.12
CA TYR B 568 -77.44 24.39 10.21
C TYR B 568 -78.14 25.74 10.36
N PHE B 569 -77.94 26.68 9.42
CA PHE B 569 -78.47 28.03 9.58
C PHE B 569 -79.99 28.02 9.79
N LYS B 570 -80.69 27.05 9.18
CA LYS B 570 -82.12 26.93 9.41
C LYS B 570 -82.41 26.12 10.67
N LYS B 571 -81.70 25.02 10.88
CA LYS B 571 -82.00 24.12 11.98
C LYS B 571 -81.54 24.68 13.32
N ILE B 572 -80.35 25.26 13.37
CA ILE B 572 -79.77 25.71 14.64
C ILE B 572 -80.02 27.19 14.85
N GLU B 573 -79.45 28.03 13.98
CA GLU B 573 -79.57 29.47 14.10
C GLU B 573 -80.99 29.97 13.83
N CYS B 574 -81.88 29.11 13.33
CA CYS B 574 -83.26 29.48 13.01
C CYS B 574 -83.31 30.63 12.00
N PHE B 575 -82.50 30.52 10.96
CA PHE B 575 -82.50 31.47 9.85
C PHE B 575 -83.27 30.88 8.68
N ASP B 576 -84.30 31.57 8.23
CA ASP B 576 -85.03 31.11 7.06
C ASP B 576 -84.30 31.45 5.76
N SER B 577 -83.47 32.49 5.77
CA SER B 577 -82.71 32.89 4.61
C SER B 577 -81.32 33.30 5.05
N VAL B 578 -80.29 32.75 4.40
CA VAL B 578 -78.90 33.08 4.70
C VAL B 578 -78.13 33.12 3.39
N GLU B 579 -77.21 34.08 3.28
CA GLU B 579 -76.37 34.27 2.11
C GLU B 579 -74.94 33.94 2.51
N ILE B 580 -74.36 32.93 1.87
CA ILE B 580 -73.07 32.37 2.27
C ILE B 580 -72.05 32.62 1.17
N SER B 581 -70.92 33.21 1.55
CA SER B 581 -69.79 33.44 0.66
C SER B 581 -68.56 32.74 1.22
N GLY B 582 -67.56 32.56 0.37
CA GLY B 582 -66.40 31.76 0.69
C GLY B 582 -66.49 30.32 0.25
N VAL B 583 -67.69 29.84 -0.08
CA VAL B 583 -67.89 28.50 -0.63
C VAL B 583 -69.04 28.58 -1.63
N GLU B 584 -68.86 27.97 -2.79
CA GLU B 584 -69.80 28.14 -3.90
C GLU B 584 -70.92 27.12 -3.85
N ASP B 585 -70.65 25.90 -4.31
CA ASP B 585 -71.64 24.82 -4.32
C ASP B 585 -71.44 23.86 -3.16
N ARG B 586 -70.21 23.43 -2.90
CA ARG B 586 -69.93 22.50 -1.82
C ARG B 586 -68.54 22.79 -1.27
N PHE B 587 -68.31 22.33 -0.05
CA PHE B 587 -67.01 22.48 0.58
C PHE B 587 -66.02 21.53 -0.07
N ASN B 588 -64.94 22.10 -0.61
CA ASN B 588 -63.90 21.29 -1.26
C ASN B 588 -63.29 20.30 -0.28
N ALA B 589 -63.01 20.76 0.94
CA ALA B 589 -62.44 19.90 1.97
C ALA B 589 -63.52 18.97 2.54
N SER B 590 -63.08 17.84 3.06
CA SER B 590 -63.99 16.84 3.60
C SER B 590 -63.22 15.91 4.51
N LEU B 591 -63.95 15.19 5.36
CA LEU B 591 -63.37 14.27 6.33
C LEU B 591 -63.62 12.83 5.88
N GLY B 592 -62.87 12.42 4.86
CA GLY B 592 -63.09 11.09 4.30
C GLY B 592 -62.55 9.98 5.20
N THR B 593 -61.34 10.15 5.71
CA THR B 593 -60.75 9.14 6.58
C THR B 593 -61.55 8.97 7.86
N TYR B 594 -62.15 10.07 8.36
CA TYR B 594 -63.01 9.97 9.53
C TYR B 594 -64.17 9.00 9.28
N HIS B 595 -64.86 9.17 8.15
CA HIS B 595 -65.99 8.29 7.85
C HIS B 595 -65.52 6.86 7.55
N ASP B 596 -64.39 6.71 6.88
CA ASP B 596 -63.84 5.38 6.63
C ASP B 596 -63.61 4.64 7.95
N LEU B 597 -62.91 5.28 8.88
CA LEU B 597 -62.63 4.64 10.16
C LEU B 597 -63.90 4.46 10.99
N LEU B 598 -64.89 5.35 10.81
CA LEU B 598 -66.16 5.17 11.50
C LEU B 598 -66.88 3.93 10.98
N LYS B 599 -66.78 3.68 9.68
CA LYS B 599 -67.33 2.44 9.12
C LYS B 599 -66.58 1.22 9.63
N ILE B 600 -65.26 1.34 9.78
CA ILE B 600 -64.45 0.16 10.09
C ILE B 600 -64.57 -0.22 11.56
N ILE B 601 -64.41 0.74 12.47
CA ILE B 601 -64.28 0.42 13.89
C ILE B 601 -65.61 0.63 14.60
N LYS B 602 -66.45 1.53 14.08
CA LYS B 602 -67.80 1.77 14.61
C LYS B 602 -67.75 2.19 16.07
N ASP B 603 -66.93 3.19 16.36
CA ASP B 603 -66.81 3.77 17.70
C ASP B 603 -66.55 5.26 17.51
N LYS B 604 -67.64 6.03 17.40
CA LYS B 604 -67.53 7.47 17.20
C LYS B 604 -66.77 8.14 18.35
N ASP B 605 -66.99 7.66 19.58
CA ASP B 605 -66.29 8.24 20.72
C ASP B 605 -64.79 7.97 20.64
N PHE B 606 -64.39 6.87 20.03
CA PHE B 606 -62.97 6.60 19.82
C PHE B 606 -62.37 7.61 18.85
N LEU B 607 -63.09 7.94 17.78
CA LEU B 607 -62.58 8.88 16.79
C LEU B 607 -62.58 10.31 17.33
N ASP B 608 -63.61 10.69 18.10
CA ASP B 608 -63.75 12.06 18.56
C ASP B 608 -62.94 12.36 19.81
N ASN B 609 -62.52 11.34 20.54
CA ASN B 609 -61.68 11.55 21.71
C ASN B 609 -60.30 11.97 21.26
N GLU B 610 -59.94 13.24 21.51
CA GLU B 610 -58.60 13.70 21.15
C GLU B 610 -57.60 13.02 22.08
N GLU B 611 -57.45 11.72 21.91
CA GLU B 611 -56.60 10.89 22.75
C GLU B 611 -56.10 9.75 21.87
N ASN B 612 -57.05 8.97 21.35
CA ASN B 612 -56.78 7.93 20.36
C ASN B 612 -56.26 8.50 19.05
N GLU B 613 -56.24 9.82 18.90
CA GLU B 613 -55.68 10.47 17.72
C GLU B 613 -54.32 9.89 17.36
N ASP B 614 -53.36 9.95 18.28
CA ASP B 614 -52.04 9.44 17.95
C ASP B 614 -52.10 8.00 17.48
N ILE B 615 -53.04 7.22 18.02
CA ILE B 615 -53.25 5.85 17.55
C ILE B 615 -53.76 5.84 16.12
N LEU B 616 -54.89 6.51 15.89
CA LEU B 616 -55.51 6.55 14.55
C LEU B 616 -54.52 7.06 13.50
N GLU B 617 -53.91 8.21 13.77
CA GLU B 617 -52.84 8.74 12.93
C GLU B 617 -51.81 7.68 12.59
N ASP B 618 -51.26 7.03 13.63
CA ASP B 618 -50.28 5.98 13.40
C ASP B 618 -50.83 4.90 12.47
N ILE B 619 -52.08 4.49 12.69
CA ILE B 619 -52.72 3.48 11.83
C ILE B 619 -52.72 3.92 10.37
N VAL B 620 -53.17 5.15 10.13
CA VAL B 620 -53.18 5.70 8.77
C VAL B 620 -51.78 5.71 8.19
N LEU B 621 -50.80 6.12 9.01
CA LEU B 621 -49.40 6.05 8.62
C LEU B 621 -49.02 4.63 8.19
N THR B 622 -49.38 3.64 9.00
CA THR B 622 -49.08 2.26 8.68
C THR B 622 -49.72 1.84 7.37
N LEU B 623 -50.93 2.33 7.10
CA LEU B 623 -51.63 1.99 5.87
C LEU B 623 -51.07 2.68 4.64
N THR B 624 -50.38 3.81 4.82
CA THR B 624 -49.78 4.54 3.70
C THR B 624 -48.30 4.21 3.50
N LEU B 625 -47.55 4.12 4.60
CA LEU B 625 -46.11 3.91 4.56
C LEU B 625 -45.76 2.55 3.99
N PHE B 626 -46.53 1.53 4.34
CA PHE B 626 -46.24 0.15 3.94
C PHE B 626 -47.27 -0.34 2.95
N GLU B 627 -46.86 -1.32 2.15
CA GLU B 627 -47.73 -1.97 1.20
C GLU B 627 -47.77 -3.49 1.37
N ASP B 628 -46.83 -4.07 2.11
CA ASP B 628 -46.83 -5.50 2.38
C ASP B 628 -47.81 -5.82 3.49
N ARG B 629 -48.71 -6.78 3.23
CA ARG B 629 -49.79 -7.05 4.17
C ARG B 629 -49.26 -7.62 5.49
N GLU B 630 -48.22 -8.46 5.43
CA GLU B 630 -47.67 -9.04 6.65
C GLU B 630 -47.03 -7.98 7.53
N MET B 631 -46.32 -7.02 6.92
CA MET B 631 -45.71 -5.95 7.69
C MET B 631 -46.78 -5.02 8.27
N ILE B 632 -47.83 -4.75 7.50
CA ILE B 632 -48.96 -3.97 8.01
C ILE B 632 -49.55 -4.64 9.26
N GLU B 633 -49.75 -5.96 9.18
CA GLU B 633 -50.25 -6.71 10.33
C GLU B 633 -49.30 -6.62 11.51
N GLU B 634 -48.01 -6.80 11.26
CA GLU B 634 -47.03 -6.77 12.33
C GLU B 634 -47.01 -5.41 13.03
N ARG B 635 -47.22 -4.33 12.26
CA ARG B 635 -47.22 -3.00 12.87
C ARG B 635 -48.52 -2.71 13.61
N LEU B 636 -49.67 -3.17 13.09
CA LEU B 636 -50.95 -2.97 13.77
C LEU B 636 -51.16 -3.93 14.94
N LYS B 637 -50.23 -4.88 15.13
CA LYS B 637 -50.35 -5.80 16.25
C LYS B 637 -50.35 -5.08 17.59
N THR B 638 -49.68 -3.94 17.69
CA THR B 638 -49.66 -3.20 18.95
C THR B 638 -51.05 -2.71 19.33
N TYR B 639 -51.88 -2.37 18.35
CA TYR B 639 -53.23 -1.90 18.61
C TYR B 639 -54.25 -3.03 18.54
N ALA B 640 -53.80 -4.26 18.32
CA ALA B 640 -54.72 -5.40 18.36
C ALA B 640 -55.52 -5.44 19.66
N HIS B 641 -54.90 -5.12 20.80
CA HIS B 641 -55.63 -5.21 22.06
C HIS B 641 -56.70 -4.13 22.21
N LEU B 642 -56.68 -3.10 21.38
CA LEU B 642 -57.70 -2.05 21.40
C LEU B 642 -58.91 -2.38 20.54
N PHE B 643 -58.77 -3.28 19.57
CA PHE B 643 -59.84 -3.57 18.62
C PHE B 643 -60.11 -5.07 18.62
N ASP B 644 -61.21 -5.45 17.97
CA ASP B 644 -61.51 -6.85 17.77
C ASP B 644 -60.70 -7.39 16.59
N ASP B 645 -60.53 -8.72 16.55
CA ASP B 645 -59.74 -9.33 15.49
C ASP B 645 -60.39 -9.12 14.13
N LYS B 646 -61.73 -9.11 14.08
CA LYS B 646 -62.44 -8.75 12.85
C LYS B 646 -62.12 -7.31 12.45
N VAL B 647 -62.14 -6.40 13.42
CA VAL B 647 -61.77 -5.01 13.14
C VAL B 647 -60.30 -4.93 12.72
N MET B 648 -59.45 -5.76 13.32
CA MET B 648 -58.04 -5.77 12.94
C MET B 648 -57.86 -6.19 11.49
N LYS B 649 -58.60 -7.21 11.05
CA LYS B 649 -58.52 -7.67 9.67
C LYS B 649 -59.04 -6.60 8.72
N GLN B 650 -60.21 -6.03 9.02
CA GLN B 650 -60.76 -4.98 8.18
C GLN B 650 -59.85 -3.76 8.12
N LEU B 651 -59.10 -3.48 9.20
CA LEU B 651 -58.14 -2.39 9.17
C LEU B 651 -56.95 -2.75 8.29
N LYS B 652 -56.45 -3.98 8.41
CA LYS B 652 -55.38 -4.45 7.51
C LYS B 652 -55.77 -4.26 6.05
N ARG B 653 -57.03 -4.56 5.70
CA ARG B 653 -57.42 -4.49 4.30
C ARG B 653 -57.48 -3.05 3.77
N ARG B 654 -57.69 -2.07 4.64
CA ARG B 654 -57.79 -0.67 4.23
C ARG B 654 -56.38 -0.12 4.01
N ARG B 655 -56.19 0.59 2.90
CA ARG B 655 -54.90 1.19 2.59
C ARG B 655 -55.12 2.50 1.84
N TYR B 656 -54.15 3.40 1.98
CA TYR B 656 -54.22 4.74 1.40
C TYR B 656 -52.94 5.03 0.62
N THR B 657 -53.00 6.11 -0.17
CA THR B 657 -51.84 6.63 -0.89
C THR B 657 -51.92 8.15 -0.87
N GLY B 658 -50.76 8.78 -0.92
CA GLY B 658 -50.73 10.23 -1.00
C GLY B 658 -50.12 10.85 0.25
N TRP B 659 -49.52 12.03 0.07
CA TRP B 659 -48.95 12.79 1.16
C TRP B 659 -49.31 14.25 0.98
N GLY B 660 -49.48 14.95 2.11
CA GLY B 660 -49.84 16.35 2.10
C GLY B 660 -48.68 17.27 1.83
N ARG B 661 -48.80 18.51 2.31
CA ARG B 661 -47.78 19.53 2.11
C ARG B 661 -47.32 20.18 3.42
N LEU B 662 -47.96 19.88 4.54
CA LEU B 662 -47.62 20.47 5.83
C LEU B 662 -47.30 19.37 6.83
N SER B 663 -46.32 19.65 7.70
CA SER B 663 -45.91 18.68 8.70
C SER B 663 -46.85 18.74 9.91
N ARG B 664 -46.66 17.79 10.83
CA ARG B 664 -47.50 17.75 12.02
C ARG B 664 -47.15 18.89 12.97
N LYS B 665 -45.88 19.27 13.01
CA LYS B 665 -45.43 20.34 13.91
C LYS B 665 -46.11 21.66 13.57
N LEU B 666 -46.10 22.04 12.29
CA LEU B 666 -46.67 23.32 11.92
C LEU B 666 -48.18 23.35 12.16
N ILE B 667 -48.87 22.25 11.88
CA ILE B 667 -50.32 22.21 12.06
C ILE B 667 -50.66 22.26 13.55
N ASN B 668 -49.99 21.44 14.37
CA ASN B 668 -50.37 21.32 15.78
C ASN B 668 -49.21 21.33 16.76
N GLY B 669 -47.95 21.40 16.31
CA GLY B 669 -46.83 21.33 17.23
C GLY B 669 -46.44 22.69 17.79
N ILE B 670 -45.97 23.59 16.94
CA ILE B 670 -45.51 24.90 17.41
C ILE B 670 -46.71 25.74 17.82
N ARG B 671 -46.49 26.62 18.81
CA ARG B 671 -47.53 27.46 19.35
C ARG B 671 -47.04 28.91 19.42
N ASP B 672 -47.97 29.84 19.24
CA ASP B 672 -47.65 31.25 19.40
C ASP B 672 -47.27 31.52 20.86
N LYS B 673 -46.28 32.40 21.05
CA LYS B 673 -45.69 32.57 22.37
C LYS B 673 -46.68 33.17 23.37
N GLN B 674 -47.36 34.25 22.99
CA GLN B 674 -48.26 34.92 23.91
C GLN B 674 -49.61 34.21 24.03
N SER B 675 -50.14 33.71 22.91
CA SER B 675 -51.45 33.06 22.92
C SER B 675 -51.37 31.59 23.30
N GLY B 676 -50.22 30.95 23.12
CA GLY B 676 -50.10 29.54 23.43
C GLY B 676 -50.89 28.62 22.54
N LYS B 677 -51.32 29.09 21.38
CA LYS B 677 -52.19 28.34 20.48
C LYS B 677 -51.43 27.94 19.23
N THR B 678 -51.74 26.75 18.72
CA THR B 678 -51.15 26.27 17.48
C THR B 678 -51.90 26.86 16.29
N ILE B 679 -51.52 26.44 15.09
CA ILE B 679 -52.20 26.92 13.89
C ILE B 679 -53.63 26.40 13.83
N LEU B 680 -53.83 25.12 14.14
CA LEU B 680 -55.18 24.57 14.15
C LEU B 680 -56.04 25.21 15.22
N ASP B 681 -55.43 25.64 16.33
CA ASP B 681 -56.20 26.32 17.37
C ASP B 681 -56.74 27.66 16.88
N PHE B 682 -55.91 28.42 16.15
CA PHE B 682 -56.38 29.66 15.55
C PHE B 682 -57.42 29.39 14.47
N LEU B 683 -57.27 28.30 13.71
CA LEU B 683 -58.28 27.95 12.73
C LEU B 683 -59.59 27.54 13.40
N LYS B 684 -59.53 27.03 14.62
CA LYS B 684 -60.76 26.68 15.34
C LYS B 684 -61.39 27.91 15.97
N SER B 685 -60.60 28.92 16.32
CA SER B 685 -61.12 30.14 16.92
C SER B 685 -60.05 31.23 16.90
N ASP B 686 -60.34 32.36 16.25
CA ASP B 686 -59.41 33.49 16.17
C ASP B 686 -60.21 34.79 16.28
N GLY B 687 -60.99 34.91 17.36
CA GLY B 687 -61.78 36.10 17.62
C GLY B 687 -62.69 36.49 16.47
N PHE B 688 -62.49 37.70 15.94
CA PHE B 688 -63.21 38.17 14.76
C PHE B 688 -62.27 38.43 13.58
N ALA B 689 -61.04 37.95 13.63
CA ALA B 689 -60.12 38.07 12.51
C ALA B 689 -60.19 36.87 11.58
N ASN B 690 -60.32 35.67 12.14
CA ASN B 690 -60.41 34.42 11.39
C ASN B 690 -59.27 34.30 10.38
N ARG B 691 -58.05 34.37 10.91
CA ARG B 691 -56.87 34.33 10.07
C ARG B 691 -56.63 32.92 9.55
N ASN B 692 -56.14 32.83 8.32
CA ASN B 692 -55.82 31.55 7.69
C ASN B 692 -54.32 31.31 7.70
N PHE B 693 -53.92 30.13 7.22
CA PHE B 693 -52.53 29.68 7.25
C PHE B 693 -51.56 30.77 6.79
N MET B 694 -51.78 31.33 5.60
CA MET B 694 -50.88 32.34 5.06
C MET B 694 -50.82 33.55 5.97
N GLN B 695 -51.99 34.01 6.44
CA GLN B 695 -52.04 35.14 7.37
C GLN B 695 -51.32 34.82 8.67
N LEU B 696 -51.48 33.59 9.18
CA LEU B 696 -50.90 33.24 10.46
C LEU B 696 -49.39 33.16 10.39
N ILE B 697 -48.84 32.50 9.36
CA ILE B 697 -47.40 32.38 9.25
C ILE B 697 -46.75 33.69 8.78
N HIS B 698 -47.53 34.61 8.22
CA HIS B 698 -47.04 35.91 7.78
C HIS B 698 -47.64 37.05 8.60
N ASP B 699 -47.71 36.88 9.92
CA ASP B 699 -48.20 37.91 10.82
C ASP B 699 -47.08 38.26 11.79
N ASP B 700 -46.60 39.50 11.73
CA ASP B 700 -45.49 39.93 12.58
C ASP B 700 -45.87 40.02 14.05
N SER B 701 -47.16 40.01 14.38
CA SER B 701 -47.61 39.98 15.77
C SER B 701 -47.69 38.58 16.34
N LEU B 702 -47.24 37.58 15.58
CA LEU B 702 -47.18 36.19 16.03
C LEU B 702 -45.75 35.68 15.86
N THR B 703 -45.39 34.70 16.69
CA THR B 703 -44.05 34.12 16.65
C THR B 703 -43.95 32.97 15.64
N PHE B 704 -45.02 32.69 14.90
CA PHE B 704 -44.95 31.65 13.86
C PHE B 704 -43.92 32.01 12.80
N LYS B 705 -43.97 33.25 12.30
CA LYS B 705 -43.06 33.70 11.26
C LYS B 705 -41.60 33.61 11.73
N GLU B 706 -41.33 34.10 12.94
CA GLU B 706 -39.96 34.09 13.46
C GLU B 706 -39.45 32.67 13.66
N ASP B 707 -40.30 31.77 14.17
CA ASP B 707 -39.89 30.38 14.34
C ASP B 707 -39.66 29.70 13.00
N ILE B 708 -40.46 30.03 11.99
CA ILE B 708 -40.24 29.47 10.66
C ILE B 708 -38.90 29.95 10.09
N GLN B 709 -38.59 31.23 10.28
CA GLN B 709 -37.31 31.74 9.80
C GLN B 709 -36.14 31.11 10.56
N LYS B 710 -36.30 30.88 11.86
CA LYS B 710 -35.25 30.22 12.63
C LYS B 710 -35.04 28.79 12.16
N ALA B 711 -36.12 28.01 12.07
CA ALA B 711 -36.02 26.61 11.68
C ALA B 711 -35.50 26.43 10.26
N GLN B 712 -35.45 27.50 9.46
CA GLN B 712 -34.87 27.42 8.12
C GLN B 712 -33.35 27.36 8.20
N VAL B 713 -32.82 26.53 9.09
CA VAL B 713 -31.40 26.32 9.25
C VAL B 713 -30.90 25.15 8.42
N SER B 714 -31.73 24.62 7.51
CA SER B 714 -31.25 23.66 6.54
C SER B 714 -30.12 24.27 5.70
N GLY B 715 -30.12 25.60 5.56
CA GLY B 715 -29.00 26.34 5.02
C GLY B 715 -29.08 27.75 5.56
N GLN B 716 -27.97 28.48 5.40
CA GLN B 716 -27.93 29.87 5.82
C GLN B 716 -27.66 30.81 4.64
N ASP B 718 -28.96 28.80 1.80
CA ASP B 718 -28.46 27.54 1.25
C ASP B 718 -27.69 27.82 -0.05
N SER B 719 -26.78 26.92 -0.40
CA SER B 719 -25.89 27.14 -1.54
C SER B 719 -26.69 27.22 -2.84
N LEU B 720 -26.23 28.10 -3.74
CA LEU B 720 -26.87 28.23 -5.05
C LEU B 720 -26.86 26.90 -5.80
N HIS B 721 -25.74 26.18 -5.76
CA HIS B 721 -25.67 24.86 -6.38
C HIS B 721 -26.73 23.93 -5.82
N GLU B 722 -27.03 24.05 -4.53
CA GLU B 722 -28.05 23.20 -3.92
C GLU B 722 -29.45 23.63 -4.32
N HIS B 723 -29.72 24.94 -4.39
CA HIS B 723 -31.05 25.38 -4.83
C HIS B 723 -31.31 24.98 -6.27
N ILE B 724 -30.27 25.04 -7.13
CA ILE B 724 -30.44 24.63 -8.52
C ILE B 724 -30.58 23.12 -8.62
N ALA B 725 -29.75 22.37 -7.89
CA ALA B 725 -29.77 20.91 -7.99
C ALA B 725 -31.12 20.35 -7.55
N ASN B 726 -31.75 20.97 -6.55
CA ASN B 726 -33.02 20.48 -6.05
C ASN B 726 -34.18 20.79 -6.98
N LEU B 727 -33.96 21.53 -8.05
CA LEU B 727 -35.03 21.84 -8.99
C LEU B 727 -35.45 20.59 -9.75
N ALA B 728 -36.69 20.61 -10.25
CA ALA B 728 -37.24 19.51 -11.03
C ALA B 728 -36.99 19.77 -12.51
N GLY B 729 -36.24 18.89 -13.14
CA GLY B 729 -35.89 19.04 -14.54
C GLY B 729 -34.71 18.16 -14.90
N SER B 730 -34.33 18.25 -16.17
CA SER B 730 -33.22 17.46 -16.66
C SER B 730 -31.91 18.04 -16.15
N PRO B 731 -30.90 17.19 -15.91
CA PRO B 731 -29.61 17.72 -15.43
C PRO B 731 -28.93 18.64 -16.42
N ALA B 732 -29.20 18.48 -17.72
CA ALA B 732 -28.56 19.33 -18.72
C ALA B 732 -29.06 20.77 -18.63
N ILE B 733 -30.38 20.95 -18.56
CA ILE B 733 -30.91 22.30 -18.42
C ILE B 733 -30.50 22.90 -17.08
N LYS B 734 -30.30 22.08 -16.04
CA LYS B 734 -29.82 22.61 -14.77
C LYS B 734 -28.38 23.09 -14.89
N LYS B 735 -27.53 22.33 -15.59
CA LYS B 735 -26.19 22.81 -15.93
C LYS B 735 -26.26 24.16 -16.64
N GLY B 736 -27.17 24.27 -17.62
CA GLY B 736 -27.36 25.53 -18.31
C GLY B 736 -27.75 26.66 -17.38
N ILE B 737 -28.64 26.37 -16.41
CA ILE B 737 -29.11 27.40 -15.49
C ILE B 737 -27.97 27.87 -14.59
N LEU B 738 -27.17 26.94 -14.10
CA LEU B 738 -26.02 27.33 -13.27
C LEU B 738 -25.05 28.19 -14.07
N GLN B 739 -24.77 27.80 -15.32
CA GLN B 739 -23.91 28.61 -16.16
C GLN B 739 -24.51 29.98 -16.41
N THR B 740 -25.83 30.06 -16.57
CA THR B 740 -26.50 31.33 -16.77
C THR B 740 -26.32 32.25 -15.56
N VAL B 741 -26.51 31.71 -14.36
CA VAL B 741 -26.34 32.51 -13.15
C VAL B 741 -24.90 32.99 -13.03
N LYS B 742 -23.93 32.11 -13.31
CA LYS B 742 -22.53 32.52 -13.22
C LYS B 742 -22.20 33.59 -14.26
N VAL B 743 -22.76 33.47 -15.46
CA VAL B 743 -22.55 34.49 -16.49
C VAL B 743 -23.13 35.83 -16.03
N VAL B 744 -24.32 35.80 -15.43
CA VAL B 744 -24.92 37.05 -14.95
C VAL B 744 -24.08 37.68 -13.87
N ASP B 745 -23.53 36.86 -12.96
CA ASP B 745 -22.65 37.38 -11.93
C ASP B 745 -21.42 38.05 -12.55
N GLU B 746 -20.79 37.38 -13.51
CA GLU B 746 -19.60 37.97 -14.14
C GLU B 746 -19.94 39.26 -14.89
N LEU B 747 -21.09 39.29 -15.57
CA LEU B 747 -21.48 40.48 -16.31
C LEU B 747 -21.76 41.65 -15.37
N VAL B 748 -22.40 41.38 -14.23
CA VAL B 748 -22.62 42.44 -13.25
C VAL B 748 -21.28 42.95 -12.73
N LYS B 749 -20.33 42.05 -12.50
CA LYS B 749 -19.00 42.48 -12.08
C LYS B 749 -18.29 43.29 -13.16
N VAL B 750 -18.58 42.98 -14.44
CA VAL B 750 -17.97 43.72 -15.54
C VAL B 750 -18.45 45.17 -15.56
N MET B 751 -19.72 45.39 -15.19
CA MET B 751 -20.29 46.74 -15.14
C MET B 751 -20.07 47.42 -13.79
N GLY B 752 -18.97 47.11 -13.11
CA GLY B 752 -18.69 47.71 -11.81
C GLY B 752 -19.71 47.38 -10.75
N ARG B 753 -20.19 46.13 -10.72
CA ARG B 753 -21.20 45.67 -9.76
C ARG B 753 -22.48 46.50 -9.82
N HIS B 754 -22.74 47.10 -10.98
CA HIS B 754 -23.98 47.83 -11.19
C HIS B 754 -25.04 46.87 -11.72
N LYS B 755 -26.19 46.85 -11.08
CA LYS B 755 -27.21 45.90 -11.50
C LYS B 755 -27.99 46.44 -12.70
N PRO B 756 -28.39 45.57 -13.63
CA PRO B 756 -29.09 46.04 -14.83
C PRO B 756 -30.52 46.48 -14.50
N GLU B 757 -31.14 47.13 -15.49
CA GLU B 757 -32.54 47.49 -15.36
C GLU B 757 -33.42 46.26 -15.49
N ASN B 758 -33.26 45.52 -16.59
CA ASN B 758 -34.03 44.31 -16.81
C ASN B 758 -33.10 43.16 -17.16
N ILE B 759 -33.62 41.95 -17.00
CA ILE B 759 -32.95 40.72 -17.41
C ILE B 759 -34.00 39.88 -18.13
N VAL B 760 -33.84 39.74 -19.44
CA VAL B 760 -34.78 38.99 -20.28
C VAL B 760 -34.21 37.60 -20.50
N ILE B 761 -34.99 36.58 -20.16
CA ILE B 761 -34.58 35.19 -20.29
C ILE B 761 -35.54 34.47 -21.22
N GLU B 762 -35.00 33.61 -22.06
CA GLU B 762 -35.77 32.76 -22.96
C GLU B 762 -35.16 31.37 -22.93
N MET B 763 -35.99 30.35 -22.79
CA MET B 763 -35.53 28.97 -22.65
C MET B 763 -35.89 28.17 -23.89
N ALA B 764 -34.95 27.33 -24.31
CA ALA B 764 -35.13 26.46 -25.48
C ALA B 764 -36.37 25.58 -25.36
N ALA B 840 -54.43 33.03 -44.10
CA ALA B 840 -54.66 33.21 -42.67
C ALA B 840 -56.15 33.21 -42.36
N ILE B 841 -56.64 32.11 -41.78
CA ILE B 841 -58.06 32.02 -41.42
C ILE B 841 -58.39 33.09 -40.38
N VAL B 842 -57.65 33.09 -39.27
CA VAL B 842 -57.66 34.20 -38.33
C VAL B 842 -56.51 35.09 -38.77
N PRO B 843 -56.69 36.41 -38.86
CA PRO B 843 -55.61 37.26 -39.38
C PRO B 843 -54.37 37.18 -38.51
N GLN B 844 -53.21 37.27 -39.17
CA GLN B 844 -51.94 37.30 -38.46
C GLN B 844 -51.81 38.55 -37.59
N SER B 845 -52.64 39.57 -37.85
CA SER B 845 -52.73 40.71 -36.95
C SER B 845 -53.27 40.30 -35.59
N PHE B 846 -54.05 39.23 -35.53
CA PHE B 846 -54.60 38.75 -34.27
C PHE B 846 -53.70 37.72 -33.59
N LEU B 847 -53.28 36.68 -34.33
CA LEU B 847 -52.44 35.64 -33.75
C LEU B 847 -51.66 34.97 -34.87
N LYS B 848 -50.34 34.90 -34.72
CA LYS B 848 -49.46 34.31 -35.72
C LYS B 848 -49.39 32.78 -35.52
N ASP B 849 -50.54 32.14 -35.75
CA ASP B 849 -50.65 30.69 -35.64
C ASP B 849 -50.46 30.07 -37.02
N ASP B 850 -49.29 29.47 -37.24
CA ASP B 850 -48.98 28.81 -38.51
C ASP B 850 -48.85 27.30 -38.31
N SER B 851 -49.79 26.70 -37.59
CA SER B 851 -49.79 25.28 -37.32
C SER B 851 -50.83 24.58 -38.19
N ILE B 852 -51.11 23.32 -37.88
CA ILE B 852 -52.06 22.54 -38.67
C ILE B 852 -53.46 23.13 -38.55
N ASP B 853 -53.77 23.72 -37.39
CA ASP B 853 -55.13 24.19 -37.12
C ASP B 853 -55.49 25.44 -37.92
N ASN B 854 -54.50 26.19 -38.40
CA ASN B 854 -54.81 27.39 -39.17
C ASN B 854 -54.39 27.22 -40.63
N SER B 867 -64.28 38.83 -46.37
CA SER B 867 -63.90 38.07 -45.19
C SER B 867 -62.93 38.87 -44.33
N ASP B 868 -63.20 38.96 -43.03
CA ASP B 868 -62.40 39.80 -42.13
C ASP B 868 -61.86 39.01 -40.95
N ASN B 869 -62.51 39.14 -39.78
CA ASN B 869 -62.10 38.40 -38.59
C ASN B 869 -62.01 36.91 -38.88
N VAL B 870 -63.06 36.36 -39.47
CA VAL B 870 -63.16 34.96 -39.89
C VAL B 870 -63.85 34.97 -41.25
N PRO B 871 -63.71 33.89 -42.05
CA PRO B 871 -64.57 33.76 -43.24
C PRO B 871 -66.00 34.20 -42.99
N SER B 872 -66.57 34.97 -43.92
CA SER B 872 -67.89 35.56 -43.74
C SER B 872 -68.95 34.48 -43.63
N GLU B 873 -70.13 34.88 -43.15
CA GLU B 873 -71.24 33.93 -43.00
C GLU B 873 -71.66 33.35 -44.35
N GLU B 874 -71.62 34.17 -45.40
CA GLU B 874 -72.00 33.68 -46.72
C GLU B 874 -71.03 32.61 -47.20
N VAL B 875 -69.74 32.75 -46.90
CA VAL B 875 -68.77 31.74 -47.28
C VAL B 875 -68.93 30.49 -46.42
N VAL B 876 -69.36 30.67 -45.16
CA VAL B 876 -69.57 29.51 -44.29
C VAL B 876 -70.78 28.70 -44.77
N LYS B 877 -71.84 29.38 -45.20
CA LYS B 877 -73.02 28.67 -45.71
C LYS B 877 -72.69 27.89 -46.97
N LYS B 878 -71.87 28.45 -47.84
CA LYS B 878 -71.47 27.77 -49.07
C LYS B 878 -70.61 26.55 -48.77
N THR B 893 -59.47 19.62 -36.48
CA THR B 893 -59.62 19.48 -35.05
C THR B 893 -60.83 20.25 -34.54
N GLN B 894 -61.16 20.07 -33.26
CA GLN B 894 -62.32 20.75 -32.68
C GLN B 894 -62.09 22.25 -32.60
N ARG B 895 -60.90 22.66 -32.14
CA ARG B 895 -60.58 24.09 -32.09
C ARG B 895 -60.59 24.70 -33.49
N LYS B 896 -60.09 23.96 -34.47
CA LYS B 896 -60.10 24.44 -35.86
C LYS B 896 -61.53 24.69 -36.32
N PHE B 897 -62.43 23.72 -36.09
CA PHE B 897 -63.82 23.87 -36.49
C PHE B 897 -64.49 25.02 -35.75
N ASP B 898 -64.19 25.18 -34.46
CA ASP B 898 -64.80 26.26 -33.69
C ASP B 898 -64.35 27.63 -34.20
N ASN B 899 -63.05 27.78 -34.49
CA ASN B 899 -62.56 29.04 -35.03
C ASN B 899 -63.13 29.30 -36.41
N LEU B 900 -63.32 28.26 -37.21
CA LEU B 900 -63.89 28.44 -38.55
C LEU B 900 -65.35 28.87 -38.46
N THR B 901 -66.12 28.25 -37.57
CA THR B 901 -67.55 28.53 -37.44
C THR B 901 -67.85 29.61 -36.41
N LYS B 902 -66.82 30.32 -35.92
CA LYS B 902 -67.03 31.31 -34.88
C LYS B 902 -67.81 32.53 -35.37
N ALA B 903 -67.88 32.74 -36.68
CA ALA B 903 -68.65 33.86 -37.23
C ALA B 903 -70.14 33.67 -37.02
N SER B 909 -64.55 38.71 -32.36
CA SER B 909 -64.77 38.61 -30.92
C SER B 909 -63.92 39.62 -30.16
N GLU B 910 -63.94 39.52 -28.83
CA GLU B 910 -63.20 40.45 -27.98
C GLU B 910 -62.49 39.73 -26.84
N LEU B 911 -63.20 38.85 -26.14
CA LEU B 911 -62.59 38.10 -25.06
C LEU B 911 -61.59 37.07 -25.59
N ASP B 912 -61.96 36.37 -26.66
CA ASP B 912 -61.02 35.50 -27.34
C ASP B 912 -59.80 36.27 -27.84
N LYS B 913 -59.98 37.55 -28.17
CA LYS B 913 -58.86 38.38 -28.59
C LYS B 913 -57.88 38.61 -27.45
N ALA B 914 -58.38 38.88 -26.24
CA ALA B 914 -57.50 39.00 -25.08
C ALA B 914 -56.84 37.67 -24.75
N GLY B 915 -57.57 36.57 -24.91
CA GLY B 915 -56.96 35.26 -24.75
C GLY B 915 -55.83 35.03 -25.74
N PHE B 916 -56.00 35.52 -26.97
CA PHE B 916 -54.91 35.46 -27.96
C PHE B 916 -53.73 36.29 -27.50
N ILE B 917 -53.99 37.52 -27.04
CA ILE B 917 -52.94 38.38 -26.51
C ILE B 917 -52.12 37.64 -25.46
N LYS B 918 -52.82 36.93 -24.57
CA LYS B 918 -52.11 36.22 -23.50
C LYS B 918 -51.36 35.00 -24.04
N ARG B 919 -51.97 34.23 -24.93
CA ARG B 919 -51.33 33.02 -25.45
C ARG B 919 -50.09 33.37 -26.26
N GLN B 920 -50.13 34.49 -26.98
CA GLN B 920 -48.98 35.01 -27.70
C GLN B 920 -47.85 35.45 -26.76
N LEU B 921 -48.10 35.47 -25.45
CA LEU B 921 -47.24 36.21 -24.54
C LEU B 921 -46.67 35.37 -23.40
N VAL B 922 -47.51 34.60 -22.70
CA VAL B 922 -47.14 34.06 -21.40
C VAL B 922 -46.44 32.71 -21.56
N GLU B 923 -45.45 32.48 -20.70
CA GLU B 923 -44.67 31.24 -20.66
C GLU B 923 -45.21 30.32 -19.58
N THR B 924 -45.84 29.21 -20.00
CA THR B 924 -46.41 28.28 -19.03
C THR B 924 -45.38 27.36 -18.39
N ARG B 925 -44.23 27.13 -19.04
CA ARG B 925 -43.21 26.26 -18.47
C ARG B 925 -42.72 26.79 -17.13
N GLN B 926 -42.66 25.90 -16.14
CA GLN B 926 -42.39 26.31 -14.76
C GLN B 926 -40.90 26.35 -14.43
N ILE B 927 -40.08 25.57 -15.14
CA ILE B 927 -38.62 25.67 -14.96
C ILE B 927 -38.17 27.10 -15.26
N THR B 928 -38.81 27.76 -16.23
CA THR B 928 -38.50 29.16 -16.50
C THR B 928 -38.92 30.05 -15.33
N LYS B 929 -40.05 29.74 -14.69
CA LYS B 929 -40.45 30.46 -13.49
C LYS B 929 -39.41 30.30 -12.39
N HIS B 930 -38.85 29.11 -12.24
CA HIS B 930 -37.84 28.88 -11.21
C HIS B 930 -36.55 29.62 -11.52
N VAL B 931 -36.14 29.63 -12.79
CA VAL B 931 -34.96 30.41 -13.18
C VAL B 931 -35.19 31.88 -12.88
N ALA B 932 -36.37 32.39 -13.23
CA ALA B 932 -36.70 33.78 -12.96
C ALA B 932 -36.67 34.08 -11.48
N GLN B 933 -37.20 33.16 -10.65
CA GLN B 933 -37.17 33.36 -9.21
C GLN B 933 -35.74 33.40 -8.68
N ILE B 934 -34.88 32.51 -9.20
CA ILE B 934 -33.48 32.49 -8.76
C ILE B 934 -32.82 33.83 -9.07
N LEU B 935 -32.92 34.26 -10.33
CA LEU B 935 -32.31 35.53 -10.72
C LEU B 935 -32.90 36.70 -9.93
N ASP B 936 -34.21 36.70 -9.72
CA ASP B 936 -34.86 37.80 -9.02
C ASP B 936 -34.42 37.87 -7.57
N SER B 937 -34.41 36.74 -6.87
CA SER B 937 -33.97 36.72 -5.48
C SER B 937 -32.49 37.05 -5.35
N ARG B 938 -31.70 36.74 -6.38
CA ARG B 938 -30.30 37.16 -6.33
C ARG B 938 -30.15 38.66 -6.57
N MET B 939 -31.00 39.24 -7.42
CA MET B 939 -30.85 40.66 -7.77
C MET B 939 -31.49 41.57 -6.75
N ASN B 940 -32.74 41.30 -6.38
CA ASN B 940 -33.54 42.19 -5.56
C ASN B 940 -33.56 41.66 -4.13
N THR B 941 -32.90 42.38 -3.22
CA THR B 941 -32.73 41.92 -1.84
C THR B 941 -33.14 42.92 -0.78
N LYS B 942 -33.52 44.14 -1.15
CA LYS B 942 -33.85 45.19 -0.18
C LYS B 942 -35.36 45.40 -0.09
N TYR B 943 -35.79 45.89 1.06
CA TYR B 943 -37.21 46.10 1.36
C TYR B 943 -37.45 47.56 1.73
N ASP B 944 -38.65 48.04 1.41
CA ASP B 944 -39.00 49.45 1.60
C ASP B 944 -39.58 49.69 2.99
N GLU B 945 -40.22 50.83 3.19
CA GLU B 945 -40.77 51.18 4.49
C GLU B 945 -41.94 50.27 4.89
N ASN B 946 -42.64 49.71 3.90
CA ASN B 946 -43.72 48.78 4.17
C ASN B 946 -43.25 47.33 4.17
N ASP B 947 -41.93 47.11 4.23
CA ASP B 947 -41.33 45.77 4.28
C ASP B 947 -41.70 44.93 3.06
N LYS B 948 -41.91 45.59 1.92
CA LYS B 948 -42.14 44.92 0.65
C LYS B 948 -40.90 45.01 -0.22
N LEU B 949 -40.70 44.00 -1.06
CA LEU B 949 -39.47 43.90 -1.84
C LEU B 949 -39.35 45.06 -2.82
N ILE B 950 -38.14 45.60 -2.92
CA ILE B 950 -37.83 46.69 -3.84
C ILE B 950 -37.23 46.05 -5.08
N ARG B 951 -38.04 45.90 -6.12
CA ARG B 951 -37.61 45.25 -7.36
C ARG B 951 -36.84 46.27 -8.19
N GLU B 952 -35.54 46.39 -7.93
CA GLU B 952 -34.69 47.23 -8.77
C GLU B 952 -34.49 46.61 -10.15
N VAL B 953 -34.44 45.29 -10.23
CA VAL B 953 -34.21 44.57 -11.47
C VAL B 953 -35.48 43.79 -11.81
N LYS B 954 -35.98 43.97 -13.02
CA LYS B 954 -37.16 43.25 -13.49
C LYS B 954 -36.73 42.06 -14.32
N VAL B 955 -37.18 40.87 -13.93
CA VAL B 955 -36.85 39.63 -14.62
C VAL B 955 -38.00 39.29 -15.55
N ILE B 956 -37.73 39.31 -16.85
CA ILE B 956 -38.73 39.09 -17.88
C ILE B 956 -38.48 37.72 -18.49
N THR B 957 -39.56 37.01 -18.81
CA THR B 957 -39.47 35.72 -19.48
C THR B 957 -40.19 35.82 -20.82
N LEU B 958 -39.48 35.48 -21.90
CA LEU B 958 -40.05 35.55 -23.24
C LEU B 958 -40.12 34.17 -23.88
N LYS B 959 -41.13 33.99 -24.72
CA LYS B 959 -41.25 32.79 -25.52
C LYS B 959 -40.37 32.89 -26.74
N SER B 960 -39.81 31.75 -27.16
CA SER B 960 -38.97 31.73 -28.35
C SER B 960 -39.74 32.17 -29.59
N LYS B 961 -41.07 32.02 -29.57
CA LYS B 961 -41.91 32.42 -30.68
C LYS B 961 -41.81 33.90 -30.97
N LEU B 962 -41.65 34.72 -29.92
CA LEU B 962 -41.56 36.17 -30.12
C LEU B 962 -40.36 36.55 -30.98
N VAL B 963 -39.17 36.15 -30.55
CA VAL B 963 -37.95 36.49 -31.30
C VAL B 963 -37.93 35.76 -32.65
N SER B 964 -38.48 34.55 -32.72
CA SER B 964 -38.54 33.86 -34.01
C SER B 964 -39.38 34.64 -35.01
N ASP B 965 -40.58 35.05 -34.59
CA ASP B 965 -41.44 35.86 -35.46
C ASP B 965 -40.78 37.19 -35.80
N PHE B 966 -40.08 37.80 -34.85
CA PHE B 966 -39.38 39.06 -35.12
C PHE B 966 -38.35 38.86 -36.22
N ARG B 967 -37.52 37.82 -36.10
CA ARG B 967 -36.53 37.52 -37.12
C ARG B 967 -37.18 37.29 -38.48
N LYS B 968 -38.27 36.53 -38.51
CA LYS B 968 -38.89 36.22 -39.79
C LYS B 968 -39.62 37.42 -40.39
N ASP B 969 -40.07 38.35 -39.55
CA ASP B 969 -40.80 39.50 -40.07
C ASP B 969 -39.86 40.61 -40.54
N PHE B 970 -38.76 40.82 -39.83
CA PHE B 970 -37.83 41.90 -40.17
C PHE B 970 -36.53 41.38 -40.77
N GLN B 971 -36.53 40.15 -41.26
CA GLN B 971 -35.45 39.61 -42.10
C GLN B 971 -34.11 39.61 -41.36
N PHE B 972 -34.14 39.33 -40.06
CA PHE B 972 -32.93 39.01 -39.31
C PHE B 972 -32.78 37.50 -39.17
N TYR B 973 -32.64 36.85 -40.32
CA TYR B 973 -32.68 35.39 -40.38
C TYR B 973 -31.47 34.77 -39.67
N LYS B 974 -31.67 33.58 -39.14
CA LYS B 974 -30.61 32.80 -38.53
C LYS B 974 -30.36 31.54 -39.35
N VAL B 975 -29.09 31.18 -39.47
CA VAL B 975 -28.67 29.92 -40.07
C VAL B 975 -27.76 29.23 -39.08
N ARG B 976 -28.27 28.20 -38.40
CA ARG B 976 -27.55 27.58 -37.29
C ARG B 976 -26.28 26.87 -37.74
N GLU B 977 -26.20 26.44 -39.00
CA GLU B 977 -25.05 25.69 -39.47
C GLU B 977 -23.82 26.56 -39.75
N ILE B 978 -23.97 27.88 -39.81
CA ILE B 978 -22.86 28.74 -40.18
C ILE B 978 -21.83 28.83 -39.05
N ASN B 979 -22.29 29.16 -37.84
CA ASN B 979 -21.42 29.27 -36.69
C ASN B 979 -22.27 29.24 -35.43
N ASN B 980 -21.66 29.58 -34.29
CA ASN B 980 -22.36 29.59 -33.01
C ASN B 980 -22.80 30.99 -32.59
N TYR B 981 -22.76 31.96 -33.49
CA TYR B 981 -23.15 33.32 -33.14
C TYR B 981 -24.64 33.42 -32.85
N HIS B 982 -25.45 32.53 -33.42
CA HIS B 982 -26.90 32.69 -33.33
C HIS B 982 -27.41 32.63 -31.90
N HIS B 983 -26.69 31.99 -30.99
CA HIS B 983 -27.07 32.02 -29.58
C HIS B 983 -26.94 33.42 -29.01
N ALA B 984 -25.79 34.06 -29.23
CA ALA B 984 -25.61 35.43 -28.78
C ALA B 984 -26.61 36.38 -29.42
N HIS B 985 -26.87 36.17 -30.72
CA HIS B 985 -27.86 37.00 -31.41
C HIS B 985 -29.25 36.80 -30.81
N ASP B 986 -29.61 35.57 -30.48
CA ASP B 986 -30.88 35.30 -29.84
C ASP B 986 -30.98 36.02 -28.50
N ALA B 987 -29.89 35.99 -27.73
CA ALA B 987 -29.88 36.70 -26.45
C ALA B 987 -30.08 38.21 -26.65
N TYR B 988 -29.38 38.78 -27.63
CA TYR B 988 -29.50 40.21 -27.89
C TYR B 988 -30.92 40.57 -28.31
N LEU B 989 -31.49 39.79 -29.24
CA LEU B 989 -32.86 40.05 -29.69
C LEU B 989 -33.85 39.87 -28.55
N ASN B 990 -33.61 38.91 -27.66
CA ASN B 990 -34.45 38.74 -26.49
C ASN B 990 -34.43 40.00 -25.63
N ALA B 991 -33.22 40.50 -25.34
CA ALA B 991 -33.10 41.74 -24.58
C ALA B 991 -33.89 42.87 -25.24
N VAL B 992 -33.67 43.06 -26.55
CA VAL B 992 -34.31 44.16 -27.26
C VAL B 992 -35.83 44.03 -27.19
N VAL B 993 -36.35 42.87 -27.61
CA VAL B 993 -37.79 42.68 -27.69
C VAL B 993 -38.43 42.81 -26.31
N GLY B 994 -37.81 42.20 -25.29
CA GLY B 994 -38.41 42.25 -23.96
C GLY B 994 -38.45 43.65 -23.38
N THR B 995 -37.33 44.38 -23.48
CA THR B 995 -37.31 45.74 -22.93
C THR B 995 -38.27 46.65 -23.66
N ALA B 996 -38.27 46.59 -25.01
CA ALA B 996 -39.20 47.40 -25.77
C ALA B 996 -40.65 47.04 -25.46
N LEU B 997 -40.92 45.75 -25.28
CA LEU B 997 -42.28 45.29 -25.04
C LEU B 997 -42.79 45.77 -23.69
N ILE B 998 -41.95 45.71 -22.66
CA ILE B 998 -42.42 46.17 -21.35
C ILE B 998 -42.52 47.69 -21.32
N LYS B 999 -41.66 48.40 -22.06
CA LYS B 999 -41.78 49.85 -22.11
C LYS B 999 -43.06 50.27 -22.84
N LYS B 1000 -43.41 49.57 -23.91
CA LYS B 1000 -44.60 49.94 -24.68
C LYS B 1000 -45.88 49.69 -23.90
N TYR B 1001 -45.99 48.51 -23.27
CA TYR B 1001 -47.19 48.13 -22.51
C TYR B 1001 -46.78 47.78 -21.09
N PRO B 1002 -46.64 48.76 -20.20
CA PRO B 1002 -46.31 48.44 -18.80
C PRO B 1002 -47.43 47.70 -18.07
N LYS B 1003 -48.68 47.85 -18.49
CA LYS B 1003 -49.76 47.17 -17.78
C LYS B 1003 -49.59 45.66 -17.85
N LEU B 1004 -49.03 45.16 -18.95
CA LEU B 1004 -48.80 43.72 -19.06
C LEU B 1004 -47.64 43.21 -18.17
N GLU B 1005 -47.07 44.01 -17.24
CA GLU B 1005 -45.98 43.50 -16.39
C GLU B 1005 -46.36 42.17 -15.75
N SER B 1006 -47.52 42.13 -15.09
CA SER B 1006 -47.93 40.94 -14.35
C SER B 1006 -47.94 39.69 -15.20
N GLU B 1007 -47.97 39.83 -16.52
CA GLU B 1007 -48.03 38.66 -17.37
C GLU B 1007 -46.66 38.04 -17.60
N PHE B 1008 -45.60 38.84 -17.74
CA PHE B 1008 -44.31 38.27 -18.10
C PHE B 1008 -43.15 38.70 -17.21
N VAL B 1009 -43.40 39.47 -16.15
CA VAL B 1009 -42.35 39.90 -15.23
C VAL B 1009 -42.58 39.19 -13.90
N TYR B 1010 -41.51 38.60 -13.36
CA TYR B 1010 -41.62 37.87 -12.11
C TYR B 1010 -41.82 38.84 -10.95
N GLY B 1011 -42.82 38.57 -10.12
CA GLY B 1011 -43.13 39.40 -8.98
C GLY B 1011 -44.64 39.54 -8.81
N ASP B 1012 -45.04 39.84 -7.58
CA ASP B 1012 -46.45 39.99 -7.24
C ASP B 1012 -46.91 41.38 -7.68
N TYR B 1013 -47.50 41.46 -8.87
CA TYR B 1013 -47.94 42.72 -9.45
C TYR B 1013 -49.41 42.65 -9.82
N LYS B 1014 -50.00 43.84 -9.99
CA LYS B 1014 -51.43 43.95 -10.25
C LYS B 1014 -51.77 43.34 -11.61
N VAL B 1015 -52.84 42.56 -11.65
CA VAL B 1015 -53.25 41.88 -12.87
C VAL B 1015 -54.40 42.63 -13.54
N TYR B 1016 -54.24 43.91 -13.82
CA TYR B 1016 -55.25 44.58 -14.62
C TYR B 1016 -55.15 44.02 -16.03
N ASP B 1017 -56.27 43.55 -16.56
CA ASP B 1017 -56.25 42.69 -17.74
C ASP B 1017 -56.44 43.48 -19.03
N VAL B 1018 -56.62 42.73 -20.12
CA VAL B 1018 -56.59 43.29 -21.46
C VAL B 1018 -57.97 43.67 -21.99
N ARG B 1019 -59.04 43.13 -21.40
CA ARG B 1019 -60.39 43.47 -21.83
C ARG B 1019 -60.64 44.97 -21.78
N LYS B 1020 -60.04 45.66 -20.79
CA LYS B 1020 -60.08 47.11 -20.76
C LYS B 1020 -59.15 47.70 -21.81
N MET B 1021 -57.98 47.08 -22.00
CA MET B 1021 -56.99 47.58 -22.94
C MET B 1021 -57.41 47.36 -24.39
N ILE B 1022 -58.10 46.25 -24.65
CA ILE B 1022 -58.69 46.04 -25.96
C ILE B 1022 -59.72 47.13 -26.21
N ALA B 1023 -59.49 47.93 -27.25
CA ALA B 1023 -60.43 48.99 -27.59
C ALA B 1023 -61.75 48.38 -28.04
N LYS B 1024 -62.75 49.24 -28.22
CA LYS B 1024 -64.03 48.81 -28.76
C LYS B 1024 -63.87 48.45 -30.23
N SER B 1025 -64.98 48.39 -30.98
CA SER B 1025 -64.85 48.18 -32.42
C SER B 1025 -64.11 49.31 -33.11
N GLU B 1026 -63.88 50.42 -32.42
CA GLU B 1026 -63.12 51.53 -32.98
C GLU B 1026 -61.68 51.12 -33.25
N GLN B 1027 -61.13 51.64 -34.35
CA GLN B 1027 -59.72 51.51 -34.66
C GLN B 1027 -59.01 52.86 -34.72
N GLU B 1028 -59.67 53.89 -35.24
CA GLU B 1028 -59.04 55.21 -35.34
C GLU B 1028 -58.99 55.90 -33.99
N ILE B 1029 -60.03 55.72 -33.17
CA ILE B 1029 -60.02 56.28 -31.82
C ILE B 1029 -59.32 55.35 -30.83
N GLY B 1030 -59.23 54.05 -31.13
CA GLY B 1030 -58.56 53.13 -30.22
C GLY B 1030 -57.10 53.45 -29.99
N LYS B 1031 -56.42 54.00 -31.01
CA LYS B 1031 -55.03 54.39 -30.85
C LYS B 1031 -54.88 55.73 -30.15
N ALA B 1032 -55.94 56.54 -30.08
CA ALA B 1032 -55.89 57.82 -29.40
C ALA B 1032 -56.27 57.71 -27.93
N THR B 1033 -57.22 56.84 -27.59
CA THR B 1033 -57.70 56.73 -26.22
C THR B 1033 -56.66 56.04 -25.34
N ALA B 1034 -56.98 55.98 -24.04
CA ALA B 1034 -56.09 55.33 -23.08
C ALA B 1034 -56.05 53.83 -23.25
N LYS B 1035 -57.03 53.25 -23.94
CA LYS B 1035 -56.95 51.84 -24.33
C LYS B 1035 -55.66 51.61 -25.10
N TYR B 1036 -54.88 50.63 -24.66
CA TYR B 1036 -53.53 50.44 -25.20
C TYR B 1036 -53.55 50.24 -26.71
N PHE B 1037 -54.13 49.13 -27.18
CA PHE B 1037 -54.29 48.95 -28.62
C PHE B 1037 -55.41 47.94 -28.88
N PHE B 1038 -55.87 47.94 -30.13
CA PHE B 1038 -57.02 47.16 -30.58
C PHE B 1038 -56.64 45.91 -31.37
N TYR B 1039 -55.70 46.03 -32.31
CA TYR B 1039 -55.25 44.84 -33.02
C TYR B 1039 -54.53 43.89 -32.06
N SER B 1040 -54.73 42.59 -32.26
CA SER B 1040 -54.49 41.59 -31.23
C SER B 1040 -53.08 41.03 -31.22
N ASN B 1041 -52.12 41.69 -31.88
CA ASN B 1041 -50.73 41.25 -31.83
C ASN B 1041 -49.93 42.30 -31.06
N ILE B 1042 -49.41 41.90 -29.90
CA ILE B 1042 -48.55 42.78 -29.13
C ILE B 1042 -47.27 43.11 -29.86
N MET B 1043 -47.02 42.48 -31.01
CA MET B 1043 -45.84 42.72 -31.83
C MET B 1043 -46.17 43.53 -33.09
N ASN B 1044 -47.33 44.19 -33.12
CA ASN B 1044 -47.69 44.98 -34.28
C ASN B 1044 -47.03 46.35 -34.29
N PHE B 1045 -46.77 46.94 -33.12
CA PHE B 1045 -46.16 48.25 -33.04
C PHE B 1045 -44.75 48.29 -33.60
N PHE B 1046 -44.17 47.13 -33.94
CA PHE B 1046 -42.82 47.10 -34.51
C PHE B 1046 -42.85 47.37 -36.01
N LYS B 1047 -43.93 46.99 -36.68
CA LYS B 1047 -44.05 47.18 -38.12
C LYS B 1047 -44.49 48.59 -38.45
N THR B 1048 -44.13 49.06 -39.63
CA THR B 1048 -44.59 50.37 -40.10
C THR B 1048 -45.95 50.26 -40.78
N GLU B 1049 -46.26 49.11 -41.36
CA GLU B 1049 -47.58 48.84 -41.91
C GLU B 1049 -48.00 47.43 -41.48
N ILE B 1050 -49.29 47.25 -41.27
CA ILE B 1050 -49.87 45.98 -40.86
C ILE B 1050 -51.02 45.67 -41.79
N THR B 1051 -51.16 44.40 -42.16
CA THR B 1051 -52.14 43.99 -43.14
C THR B 1051 -53.08 42.97 -42.51
N LEU B 1052 -54.35 43.36 -42.32
CA LEU B 1052 -55.38 42.45 -41.85
C LEU B 1052 -55.94 41.66 -43.04
N ALA B 1053 -55.06 40.84 -43.63
CA ALA B 1053 -55.35 40.06 -44.82
C ALA B 1053 -55.77 40.98 -45.96
N ASN B 1054 -56.34 40.39 -47.02
CA ASN B 1054 -56.72 41.08 -48.25
C ASN B 1054 -55.76 42.21 -48.62
N GLY B 1055 -56.29 43.42 -48.83
CA GLY B 1055 -55.46 44.53 -49.23
C GLY B 1055 -55.59 45.75 -48.33
N GLU B 1056 -56.46 45.68 -47.33
CA GLU B 1056 -56.68 46.80 -46.42
C GLU B 1056 -55.50 46.87 -45.46
N ILE B 1057 -54.55 47.74 -45.76
CA ILE B 1057 -53.32 47.88 -44.98
C ILE B 1057 -53.49 49.06 -44.04
N ARG B 1058 -53.50 48.79 -42.74
CA ARG B 1058 -53.41 49.85 -41.76
C ARG B 1058 -51.95 50.27 -41.60
N LYS B 1059 -51.75 51.50 -41.13
CA LYS B 1059 -50.42 52.08 -41.06
C LYS B 1059 -50.15 52.58 -39.65
N ARG B 1060 -48.92 52.38 -39.20
CA ARG B 1060 -48.44 52.80 -37.89
C ARG B 1060 -47.35 53.85 -38.06
N PRO B 1061 -47.16 54.71 -37.07
CA PRO B 1061 -46.15 55.76 -37.20
C PRO B 1061 -44.74 55.17 -37.18
N LEU B 1062 -43.78 55.98 -37.62
CA LEU B 1062 -42.38 55.55 -37.57
C LEU B 1062 -41.91 55.42 -36.13
N ILE B 1063 -42.21 56.41 -35.30
CA ILE B 1063 -41.82 56.41 -33.89
C ILE B 1063 -43.00 55.92 -33.07
N GLU B 1064 -42.79 54.87 -32.30
CA GLU B 1064 -43.76 54.34 -31.36
C GLU B 1064 -43.28 54.65 -29.95
N THR B 1065 -44.20 55.15 -29.12
CA THR B 1065 -43.91 55.59 -27.77
C THR B 1065 -44.97 55.04 -26.84
N ASN B 1066 -44.69 55.13 -25.54
CA ASN B 1066 -45.70 54.81 -24.55
C ASN B 1066 -46.72 55.93 -24.47
N GLY B 1067 -47.99 55.56 -24.38
CA GLY B 1067 -49.04 56.56 -24.42
C GLY B 1067 -49.02 57.48 -23.21
N GLU B 1068 -48.72 56.94 -22.03
CA GLU B 1068 -48.81 57.69 -20.78
C GLU B 1068 -47.49 58.37 -20.42
N THR B 1069 -46.44 57.57 -20.20
CA THR B 1069 -45.17 58.12 -19.74
C THR B 1069 -44.47 58.95 -20.81
N GLY B 1070 -44.75 58.69 -22.08
CA GLY B 1070 -44.12 59.42 -23.16
C GLY B 1070 -42.71 58.97 -23.48
N GLU B 1071 -42.19 57.95 -22.80
CA GLU B 1071 -40.87 57.42 -23.10
C GLU B 1071 -40.87 56.77 -24.47
N ILE B 1072 -39.92 57.17 -25.32
CA ILE B 1072 -39.81 56.59 -26.65
C ILE B 1072 -39.44 55.11 -26.53
N VAL B 1073 -40.18 54.25 -27.22
CA VAL B 1073 -39.95 52.82 -27.12
C VAL B 1073 -39.40 52.20 -28.40
N TRP B 1074 -39.72 52.73 -29.59
CA TRP B 1074 -39.22 52.12 -30.82
C TRP B 1074 -39.28 53.10 -31.97
N ASP B 1075 -38.12 53.58 -32.40
CA ASP B 1075 -38.01 54.41 -33.60
C ASP B 1075 -37.72 53.48 -34.78
N LYS B 1076 -38.69 53.31 -35.67
CA LYS B 1076 -38.52 52.40 -36.80
C LYS B 1076 -37.45 52.88 -37.77
N GLY B 1077 -37.13 54.17 -37.74
CA GLY B 1077 -36.09 54.71 -38.61
C GLY B 1077 -34.68 54.51 -38.11
N ARG B 1078 -34.51 54.31 -36.79
CA ARG B 1078 -33.19 54.33 -36.20
C ARG B 1078 -32.80 53.02 -35.52
N ASP B 1079 -33.77 52.21 -35.10
CA ASP B 1079 -33.48 51.02 -34.28
C ASP B 1079 -33.22 49.75 -35.08
N PHE B 1080 -33.93 49.56 -36.21
CA PHE B 1080 -33.68 48.38 -37.04
C PHE B 1080 -32.25 48.37 -37.57
N ALA B 1081 -31.73 49.54 -37.96
CA ALA B 1081 -30.33 49.62 -38.38
C ALA B 1081 -29.40 49.26 -37.24
N THR B 1082 -29.75 49.65 -36.01
CA THR B 1082 -28.95 49.27 -34.85
C THR B 1082 -28.92 47.75 -34.69
N VAL B 1083 -30.08 47.11 -34.79
CA VAL B 1083 -30.15 45.66 -34.69
C VAL B 1083 -29.30 45.02 -35.78
N ARG B 1084 -29.35 45.57 -37.00
CA ARG B 1084 -28.58 45.00 -38.10
C ARG B 1084 -27.09 45.12 -37.86
N LYS B 1085 -26.63 46.29 -37.40
CA LYS B 1085 -25.21 46.47 -37.11
C LYS B 1085 -24.76 45.54 -35.99
N VAL B 1086 -25.59 45.37 -34.96
CA VAL B 1086 -25.25 44.46 -33.88
C VAL B 1086 -25.10 43.04 -34.41
N LEU B 1087 -26.09 42.58 -35.17
CA LEU B 1087 -26.05 41.23 -35.75
C LEU B 1087 -24.94 41.06 -36.78
N SER B 1088 -24.35 42.16 -37.26
CA SER B 1088 -23.27 42.06 -38.25
C SER B 1088 -21.88 42.13 -37.62
N MET B 1089 -21.78 42.39 -36.32
CA MET B 1089 -20.46 42.48 -35.69
C MET B 1089 -19.75 41.13 -35.77
N PRO B 1090 -18.51 41.07 -36.28
CA PRO B 1090 -17.80 39.79 -36.35
C PRO B 1090 -17.16 39.36 -35.04
N GLN B 1091 -16.95 40.29 -34.10
CA GLN B 1091 -16.30 39.96 -32.84
C GLN B 1091 -17.40 39.59 -31.83
N VAL B 1092 -17.60 38.28 -31.66
CA VAL B 1092 -18.55 37.74 -30.70
C VAL B 1092 -17.82 36.75 -29.80
N ASN B 1093 -18.08 36.82 -28.50
CA ASN B 1093 -17.35 36.03 -27.51
C ASN B 1093 -17.94 34.64 -27.43
N ILE B 1094 -17.36 33.72 -28.21
CA ILE B 1094 -17.75 32.31 -28.18
C ILE B 1094 -16.74 31.57 -27.31
N VAL B 1095 -17.20 31.06 -26.17
CA VAL B 1095 -16.34 30.40 -25.19
C VAL B 1095 -16.81 28.96 -25.02
N LYS B 1096 -15.94 28.00 -25.33
CA LYS B 1096 -16.22 26.59 -25.11
C LYS B 1096 -15.74 26.21 -23.72
N LYS B 1097 -16.66 25.82 -22.85
CA LYS B 1097 -16.36 25.48 -21.47
C LYS B 1097 -15.36 24.35 -21.35
N THR B 1098 -14.14 24.64 -20.88
CA THR B 1098 -13.15 23.60 -20.67
C THR B 1098 -13.57 22.73 -19.49
N GLU B 1099 -13.39 21.41 -19.64
CA GLU B 1099 -13.94 20.46 -18.69
C GLU B 1099 -13.01 19.27 -18.54
N VAL B 1100 -12.69 18.92 -17.29
CA VAL B 1100 -11.98 17.67 -17.02
C VAL B 1100 -12.90 16.51 -17.35
N GLN B 1101 -12.36 15.52 -18.05
CA GLN B 1101 -13.15 14.36 -18.48
C GLN B 1101 -13.27 13.36 -17.35
N THR B 1102 -14.50 12.94 -17.06
CA THR B 1102 -14.80 11.99 -16.01
C THR B 1102 -15.60 10.82 -16.58
N GLY B 1103 -15.67 9.73 -15.82
CA GLY B 1103 -16.49 8.59 -16.18
C GLY B 1103 -15.66 7.31 -16.25
N GLY B 1104 -16.07 6.42 -17.15
CA GLY B 1104 -15.41 5.13 -17.25
C GLY B 1104 -13.97 5.27 -17.66
N PHE B 1105 -13.13 4.40 -17.10
CA PHE B 1105 -11.69 4.46 -17.36
C PHE B 1105 -11.38 4.41 -18.85
N SER B 1106 -12.03 3.51 -19.59
CA SER B 1106 -11.65 3.28 -20.98
C SER B 1106 -12.82 2.62 -21.71
N LYS B 1107 -12.51 1.98 -22.83
CA LYS B 1107 -13.51 1.24 -23.59
C LYS B 1107 -13.77 -0.10 -22.93
N GLU B 1108 -15.05 -0.39 -22.68
CA GLU B 1108 -15.43 -1.57 -21.91
C GLU B 1108 -15.04 -2.88 -22.59
N SER B 1109 -14.82 -2.86 -23.90
CA SER B 1109 -14.47 -4.07 -24.64
C SER B 1109 -13.23 -4.73 -24.05
N ILE B 1110 -13.37 -6.01 -23.68
CA ILE B 1110 -12.25 -6.83 -23.25
C ILE B 1110 -11.63 -7.43 -24.50
N LEU B 1111 -10.51 -6.85 -24.94
CA LEU B 1111 -9.91 -7.26 -26.20
C LEU B 1111 -9.07 -8.52 -26.04
N PRO B 1112 -8.84 -9.26 -27.14
CA PRO B 1112 -8.01 -10.48 -27.05
C PRO B 1112 -6.54 -10.17 -26.83
N LYS B 1113 -5.73 -11.21 -26.67
CA LYS B 1113 -4.30 -11.04 -26.44
C LYS B 1113 -3.65 -10.39 -27.65
N ARG B 1114 -2.79 -9.41 -27.40
CA ARG B 1114 -2.14 -8.67 -28.47
C ARG B 1114 -0.82 -8.14 -27.96
N ASN B 1115 0.20 -8.19 -28.82
CA ASN B 1115 1.54 -7.73 -28.45
C ASN B 1115 1.61 -6.22 -28.65
N SER B 1116 0.93 -5.51 -27.76
CA SER B 1116 0.86 -4.05 -27.80
C SER B 1116 0.88 -3.49 -26.40
N ASP B 1117 1.63 -2.41 -26.21
CA ASP B 1117 1.65 -1.71 -24.92
C ASP B 1117 0.38 -0.90 -24.68
N LYS B 1118 -0.47 -0.71 -25.70
CA LYS B 1118 -1.72 0.01 -25.52
C LYS B 1118 -2.75 -0.79 -24.72
N LEU B 1119 -2.50 -2.06 -24.47
CA LEU B 1119 -3.45 -2.90 -23.73
C LEU B 1119 -3.34 -2.64 -22.23
N ILE B 1120 -4.48 -2.66 -21.55
CA ILE B 1120 -4.57 -2.35 -20.13
C ILE B 1120 -5.00 -3.62 -19.39
N ALA B 1121 -4.25 -3.95 -18.34
CA ALA B 1121 -4.51 -5.18 -17.59
C ALA B 1121 -5.80 -5.08 -16.79
N ARG B 1122 -6.67 -6.09 -16.95
CA ARG B 1122 -7.92 -6.14 -16.21
C ARG B 1122 -7.72 -6.48 -14.75
N LYS B 1123 -6.62 -7.15 -14.41
CA LYS B 1123 -6.23 -7.38 -13.03
C LYS B 1123 -4.73 -7.13 -12.94
N LYS B 1124 -4.26 -6.81 -11.73
CA LYS B 1124 -2.84 -6.50 -11.54
C LYS B 1124 -1.93 -7.54 -12.18
N ASP B 1125 -2.27 -8.82 -12.01
CA ASP B 1125 -1.41 -9.92 -12.43
C ASP B 1125 -1.79 -10.49 -13.79
N TRP B 1126 -2.74 -9.87 -14.50
CA TRP B 1126 -3.21 -10.40 -15.78
C TRP B 1126 -2.51 -9.65 -16.91
N ASP B 1127 -1.31 -10.12 -17.25
CA ASP B 1127 -0.51 -9.58 -18.34
C ASP B 1127 -1.29 -9.63 -19.64
N PRO B 1128 -1.66 -8.48 -20.20
CA PRO B 1128 -2.56 -8.48 -21.38
C PRO B 1128 -1.98 -9.18 -22.59
N LYS B 1129 -0.66 -9.33 -22.69
CA LYS B 1129 -0.10 -10.13 -23.77
C LYS B 1129 -0.53 -11.58 -23.68
N LYS B 1130 -0.89 -12.06 -22.50
CA LYS B 1130 -1.37 -13.43 -22.32
C LYS B 1130 -2.89 -13.52 -22.17
N TYR B 1131 -3.53 -12.50 -21.62
CA TYR B 1131 -4.95 -12.57 -21.26
C TYR B 1131 -5.79 -11.48 -21.91
N GLY B 1132 -5.22 -10.67 -22.79
CA GLY B 1132 -5.96 -9.57 -23.36
C GLY B 1132 -6.26 -8.50 -22.30
N GLY B 1133 -7.09 -7.55 -22.69
CA GLY B 1133 -7.47 -6.50 -21.77
C GLY B 1133 -8.20 -5.38 -22.47
N PHE B 1134 -8.10 -4.19 -21.88
CA PHE B 1134 -8.73 -2.99 -22.40
C PHE B 1134 -7.73 -2.18 -23.22
N ASP B 1135 -8.26 -1.28 -24.04
CA ASP B 1135 -7.47 -0.20 -24.62
C ASP B 1135 -8.34 1.05 -24.66
N SER B 1136 -7.81 2.11 -25.27
CA SER B 1136 -8.53 3.36 -25.49
C SER B 1136 -8.95 4.02 -24.18
N PRO B 1137 -8.01 4.42 -23.32
CA PRO B 1137 -8.39 5.13 -22.09
C PRO B 1137 -8.86 6.54 -22.40
N THR B 1138 -9.67 7.08 -21.49
CA THR B 1138 -10.13 8.46 -21.58
C THR B 1138 -9.19 9.35 -20.78
N VAL B 1139 -8.63 10.37 -21.43
CA VAL B 1139 -7.71 11.30 -20.77
C VAL B 1139 -8.53 12.30 -19.97
N ALA B 1140 -8.32 12.32 -18.65
CA ALA B 1140 -9.00 13.30 -17.81
C ALA B 1140 -8.57 14.71 -18.16
N TYR B 1141 -7.27 14.92 -18.32
CA TYR B 1141 -6.69 16.19 -18.71
C TYR B 1141 -5.23 15.95 -19.05
N SER B 1142 -4.70 16.77 -19.95
CA SER B 1142 -3.29 16.64 -20.32
C SER B 1142 -2.43 17.50 -19.39
N VAL B 1143 -1.13 17.26 -19.44
CA VAL B 1143 -0.16 17.94 -18.58
C VAL B 1143 1.02 18.36 -19.43
N LEU B 1144 1.36 19.64 -19.38
CA LEU B 1144 2.57 20.14 -20.05
C LEU B 1144 3.77 19.85 -19.17
N VAL B 1145 4.65 18.96 -19.64
CA VAL B 1145 5.85 18.59 -18.89
C VAL B 1145 7.05 19.20 -19.58
N VAL B 1146 7.91 19.82 -18.80
CA VAL B 1146 9.20 20.32 -19.25
C VAL B 1146 10.24 19.59 -18.42
N ALA B 1147 10.99 18.69 -19.05
CA ALA B 1147 11.92 17.84 -18.31
C ALA B 1147 12.92 17.26 -19.30
N LYS B 1148 13.65 16.24 -18.84
CA LYS B 1148 14.68 15.57 -19.61
C LYS B 1148 14.43 14.08 -19.56
N VAL B 1149 14.61 13.42 -20.70
CA VAL B 1149 14.44 11.97 -20.79
C VAL B 1149 15.74 11.37 -21.29
N GLU B 1150 16.02 10.15 -20.81
CA GLU B 1150 17.20 9.44 -21.28
C GLU B 1150 17.02 9.05 -22.74
N LYS B 1151 18.14 8.97 -23.45
CA LYS B 1151 18.11 8.74 -24.88
C LYS B 1151 19.23 7.77 -25.27
N GLY B 1152 18.88 6.77 -26.07
CA GLY B 1152 19.87 5.82 -26.55
C GLY B 1152 20.31 4.85 -25.47
N LYS B 1153 21.21 3.94 -25.87
CA LYS B 1153 21.75 2.97 -24.93
C LYS B 1153 22.63 3.61 -23.88
N SER B 1154 23.15 4.82 -24.13
CA SER B 1154 23.97 5.53 -23.16
C SER B 1154 23.15 6.26 -22.10
N LYS B 1155 21.83 6.34 -22.28
CA LYS B 1155 20.94 7.00 -21.32
C LYS B 1155 21.36 8.45 -21.08
N LYS B 1156 21.64 9.17 -22.16
CA LYS B 1156 22.00 10.57 -22.08
C LYS B 1156 20.75 11.44 -21.96
N LEU B 1157 20.82 12.43 -21.09
CA LEU B 1157 19.65 13.27 -20.81
C LEU B 1157 19.43 14.26 -21.95
N LYS B 1158 18.19 14.36 -22.41
CA LYS B 1158 17.80 15.24 -23.50
C LYS B 1158 16.57 16.03 -23.08
N SER B 1159 16.65 17.35 -23.19
CA SER B 1159 15.54 18.20 -22.78
C SER B 1159 14.37 18.05 -23.74
N VAL B 1160 13.16 17.94 -23.17
CA VAL B 1160 11.94 17.74 -23.94
C VAL B 1160 10.84 18.63 -23.38
N LYS B 1161 9.83 18.86 -24.22
CA LYS B 1161 8.61 19.57 -23.81
C LYS B 1161 7.47 18.94 -24.59
N GLU B 1162 6.57 18.26 -23.89
CA GLU B 1162 5.54 17.48 -24.57
C GLU B 1162 4.28 17.41 -23.72
N LEU B 1163 3.22 16.87 -24.30
CA LEU B 1163 1.94 16.70 -23.64
C LEU B 1163 1.77 15.24 -23.25
N LEU B 1164 1.54 14.99 -21.96
CA LEU B 1164 1.28 13.65 -21.45
C LEU B 1164 -0.18 13.58 -21.02
N GLY B 1165 -0.92 12.63 -21.58
CA GLY B 1165 -2.32 12.46 -21.22
C GLY B 1165 -2.55 11.66 -19.96
N ILE B 1166 -2.85 12.35 -18.86
CA ILE B 1166 -3.19 11.67 -17.62
C ILE B 1166 -4.59 11.07 -17.77
N THR B 1167 -4.67 9.74 -17.76
CA THR B 1167 -5.95 9.08 -17.91
C THR B 1167 -6.78 9.21 -16.63
N ILE B 1168 -8.08 8.95 -16.76
CA ILE B 1168 -8.97 9.00 -15.60
C ILE B 1168 -8.51 7.99 -14.55
N MET B 1169 -8.04 6.82 -15.00
CA MET B 1169 -7.54 5.83 -14.06
C MET B 1169 -6.27 6.30 -13.37
N GLU B 1170 -5.41 7.03 -14.10
CA GLU B 1170 -4.15 7.52 -13.56
C GLU B 1170 -4.31 8.77 -12.69
N ARG B 1171 -5.47 9.41 -12.71
CA ARG B 1171 -5.61 10.76 -12.15
C ARG B 1171 -5.23 10.81 -10.68
N SER B 1172 -5.84 9.95 -9.86
CA SER B 1172 -5.61 10.03 -8.42
C SER B 1172 -4.16 9.74 -8.06
N SER B 1173 -3.54 8.77 -8.75
CA SER B 1173 -2.14 8.47 -8.50
C SER B 1173 -1.25 9.64 -8.88
N PHE B 1174 -1.53 10.28 -10.02
CA PHE B 1174 -0.74 11.43 -10.44
C PHE B 1174 -0.90 12.60 -9.48
N GLU B 1175 -2.14 12.88 -9.06
CA GLU B 1175 -2.39 14.00 -8.17
C GLU B 1175 -1.81 13.76 -6.78
N LYS B 1176 -1.76 12.49 -6.34
CA LYS B 1176 -1.19 12.19 -5.03
C LYS B 1176 0.28 12.57 -4.97
N ASN B 1177 1.01 12.34 -6.05
CA ASN B 1177 2.41 12.74 -6.14
C ASN B 1177 2.82 12.87 -7.60
N PRO B 1178 2.79 14.08 -8.16
CA PRO B 1178 3.06 14.23 -9.60
C PRO B 1178 4.50 13.91 -9.97
N ILE B 1179 5.45 14.25 -9.10
CA ILE B 1179 6.86 14.07 -9.44
C ILE B 1179 7.18 12.58 -9.59
N ASP B 1180 6.74 11.77 -8.64
CA ASP B 1180 6.98 10.33 -8.71
C ASP B 1180 6.27 9.70 -9.90
N PHE B 1181 5.04 10.16 -10.20
CA PHE B 1181 4.32 9.65 -11.35
C PHE B 1181 5.08 9.94 -12.64
N LEU B 1182 5.51 11.18 -12.83
CA LEU B 1182 6.21 11.54 -14.06
C LEU B 1182 7.55 10.83 -14.16
N GLU B 1183 8.27 10.70 -13.04
CA GLU B 1183 9.54 9.99 -13.05
C GLU B 1183 9.34 8.51 -13.38
N ALA B 1184 8.26 7.91 -12.88
CA ALA B 1184 7.92 6.54 -13.27
C ALA B 1184 7.57 6.45 -14.75
N LYS B 1185 6.97 7.51 -15.30
CA LYS B 1185 6.68 7.53 -16.73
C LYS B 1185 7.94 7.64 -17.58
N GLY B 1186 9.04 8.13 -17.01
CA GLY B 1186 10.31 8.22 -17.72
C GLY B 1186 10.95 9.59 -17.75
N TYR B 1187 10.29 10.63 -17.23
CA TYR B 1187 10.89 11.96 -17.24
C TYR B 1187 11.82 12.12 -16.04
N LYS B 1188 12.84 12.97 -16.23
CA LYS B 1188 13.83 13.25 -15.20
C LYS B 1188 13.96 14.76 -15.03
N GLU B 1189 14.09 15.19 -13.77
CA GLU B 1189 14.32 16.59 -13.41
C GLU B 1189 13.23 17.49 -13.99
N VAL B 1190 12.00 17.22 -13.59
CA VAL B 1190 10.84 17.94 -14.08
C VAL B 1190 10.72 19.27 -13.35
N LYS B 1191 10.47 20.35 -14.09
CA LYS B 1191 10.22 21.64 -13.49
C LYS B 1191 8.80 21.62 -12.94
N LYS B 1192 8.68 21.39 -11.62
CA LYS B 1192 7.36 21.24 -11.01
C LYS B 1192 6.52 22.49 -11.15
N ASP B 1193 7.15 23.67 -11.11
CA ASP B 1193 6.41 24.91 -11.24
C ASP B 1193 5.97 25.19 -12.67
N LEU B 1194 6.57 24.51 -13.65
CA LEU B 1194 6.17 24.66 -15.04
C LEU B 1194 5.09 23.67 -15.48
N ILE B 1195 4.73 22.71 -14.62
CA ILE B 1195 3.66 21.78 -14.95
C ILE B 1195 2.35 22.55 -15.09
N ILE B 1196 1.71 22.42 -16.24
CA ILE B 1196 0.46 23.10 -16.54
C ILE B 1196 -0.61 22.06 -16.80
N LYS B 1197 -1.71 22.16 -16.06
CA LYS B 1197 -2.88 21.30 -16.25
C LYS B 1197 -3.74 21.85 -17.38
N LEU B 1198 -4.09 21.00 -18.33
CA LEU B 1198 -4.84 21.42 -19.52
C LEU B 1198 -6.05 20.53 -19.70
N PRO B 1199 -7.24 21.00 -19.31
CA PRO B 1199 -8.46 20.22 -19.54
C PRO B 1199 -8.82 20.21 -21.02
N LYS B 1200 -9.83 19.40 -21.34
CA LYS B 1200 -10.33 19.35 -22.70
C LYS B 1200 -10.86 20.71 -23.12
N TYR B 1201 -10.67 21.04 -24.40
CA TYR B 1201 -11.07 22.30 -25.01
C TYR B 1201 -10.23 23.49 -24.56
N SER B 1202 -9.05 23.26 -24.00
CA SER B 1202 -8.12 24.35 -23.74
C SER B 1202 -7.73 25.02 -25.05
N LEU B 1203 -7.64 26.34 -25.03
CA LEU B 1203 -7.54 27.12 -26.26
C LEU B 1203 -6.12 27.60 -26.48
N PHE B 1204 -5.62 27.42 -27.71
CA PHE B 1204 -4.33 27.91 -28.14
C PHE B 1204 -4.52 28.74 -29.40
N GLU B 1205 -3.74 29.81 -29.52
CA GLU B 1205 -3.66 30.60 -30.74
C GLU B 1205 -2.26 30.44 -31.33
N LEU B 1206 -2.19 30.13 -32.62
CA LEU B 1206 -0.94 29.88 -33.32
C LEU B 1206 -0.67 31.05 -34.25
N GLU B 1207 -0.37 30.82 -35.53
CA GLU B 1207 0.01 31.88 -36.46
C GLU B 1207 -1.20 32.34 -37.26
N ASN B 1208 -1.21 33.63 -37.60
CA ASN B 1208 -2.25 34.24 -38.43
C ASN B 1208 -3.63 34.11 -37.79
N GLY B 1209 -3.69 34.01 -36.48
CA GLY B 1209 -4.96 33.87 -35.79
C GLY B 1209 -5.53 32.46 -35.76
N ARG B 1210 -4.76 31.45 -36.16
CA ARG B 1210 -5.25 30.09 -36.14
C ARG B 1210 -5.38 29.60 -34.70
N LYS B 1211 -6.56 29.13 -34.34
CA LYS B 1211 -6.84 28.65 -33.00
C LYS B 1211 -7.13 27.15 -33.00
N ARG B 1212 -6.78 26.53 -31.88
CA ARG B 1212 -7.01 25.10 -31.68
C ARG B 1212 -7.49 24.86 -30.26
N MET B 1213 -8.35 23.86 -30.10
CA MET B 1213 -8.81 23.44 -28.79
C MET B 1213 -8.30 22.03 -28.50
N LEU B 1214 -7.98 21.76 -27.24
CA LEU B 1214 -7.45 20.47 -26.86
C LEU B 1214 -8.57 19.43 -26.84
N ALA B 1215 -8.50 18.47 -27.76
CA ALA B 1215 -9.41 17.32 -27.70
C ALA B 1215 -8.87 16.24 -26.77
N SER B 1216 -7.54 16.08 -26.73
CA SER B 1216 -6.87 15.17 -25.83
C SER B 1216 -5.38 15.52 -25.82
N ALA B 1217 -4.54 14.61 -25.34
CA ALA B 1217 -3.11 14.84 -25.44
C ALA B 1217 -2.56 14.59 -26.83
N GLY B 1218 -3.35 14.00 -27.72
CA GLY B 1218 -2.86 13.64 -29.04
C GLY B 1218 -3.74 14.06 -30.19
N GLU B 1219 -4.74 14.88 -29.93
CA GLU B 1219 -5.62 15.36 -31.00
C GLU B 1219 -6.12 16.76 -30.66
N LEU B 1220 -6.39 17.55 -31.69
CA LEU B 1220 -6.88 18.91 -31.56
C LEU B 1220 -8.20 19.09 -32.31
N GLN B 1221 -8.93 20.13 -31.95
CA GLN B 1221 -10.16 20.55 -32.60
C GLN B 1221 -9.99 21.95 -33.17
N LYS B 1222 -10.77 22.23 -34.21
CA LYS B 1222 -10.81 23.58 -34.77
C LYS B 1222 -11.24 24.59 -33.72
N GLY B 1223 -10.50 25.70 -33.64
CA GLY B 1223 -10.73 26.67 -32.58
C GLY B 1223 -11.16 28.05 -33.03
N ASN B 1224 -11.50 28.21 -34.30
CA ASN B 1224 -11.89 29.50 -34.84
C ASN B 1224 -13.34 29.48 -35.32
N GLU B 1225 -13.96 30.65 -35.28
CA GLU B 1225 -15.31 30.84 -35.80
C GLU B 1225 -15.25 31.56 -37.15
N LEU B 1226 -16.15 31.18 -38.05
CA LEU B 1226 -16.25 31.80 -39.38
C LEU B 1226 -17.37 32.83 -39.33
N ALA B 1227 -16.99 34.10 -39.22
CA ALA B 1227 -17.96 35.20 -39.17
C ALA B 1227 -18.37 35.58 -40.57
N LEU B 1228 -19.43 34.93 -41.06
CA LEU B 1228 -19.95 35.24 -42.38
C LEU B 1228 -20.79 36.52 -42.34
N PRO B 1229 -20.66 37.39 -43.34
CA PRO B 1229 -21.46 38.63 -43.36
C PRO B 1229 -22.95 38.35 -43.37
N SER B 1230 -23.71 39.33 -42.86
CA SER B 1230 -25.15 39.16 -42.68
C SER B 1230 -25.86 38.96 -44.02
N LYS B 1231 -25.40 39.65 -45.07
CA LYS B 1231 -26.05 39.53 -46.37
C LYS B 1231 -25.98 38.10 -46.88
N TYR B 1232 -24.83 37.44 -46.72
CA TYR B 1232 -24.70 36.06 -47.15
C TYR B 1232 -25.60 35.15 -46.32
N VAL B 1233 -25.75 35.44 -45.03
CA VAL B 1233 -26.62 34.65 -44.17
C VAL B 1233 -28.06 34.73 -44.65
N ASN B 1234 -28.54 35.95 -44.89
CA ASN B 1234 -29.92 36.11 -45.35
C ASN B 1234 -30.12 35.51 -46.74
N PHE B 1235 -29.12 35.67 -47.61
CA PHE B 1235 -29.22 35.07 -48.94
C PHE B 1235 -29.30 33.55 -48.86
N LEU B 1236 -28.48 32.94 -47.99
CA LEU B 1236 -28.54 31.49 -47.84
C LEU B 1236 -29.88 31.05 -47.28
N TYR B 1237 -30.40 31.76 -46.28
CA TYR B 1237 -31.72 31.43 -45.74
C TYR B 1237 -32.78 31.45 -46.85
N LEU B 1238 -32.87 32.56 -47.58
CA LEU B 1238 -33.93 32.71 -48.56
C LEU B 1238 -33.76 31.75 -49.74
N ALA B 1239 -32.52 31.52 -50.17
CA ALA B 1239 -32.28 30.63 -51.30
C ALA B 1239 -32.50 29.17 -50.92
N SER B 1240 -32.12 28.79 -49.69
CA SER B 1240 -32.30 27.42 -49.23
C SER B 1240 -33.77 27.11 -49.01
N HIS B 1241 -34.56 28.09 -48.58
CA HIS B 1241 -35.98 27.80 -48.40
C HIS B 1241 -36.67 27.57 -49.74
N TYR B 1242 -36.83 28.61 -50.56
CA TYR B 1242 -37.61 28.52 -51.79
C TYR B 1242 -39.05 28.07 -51.51
N GLU B 1243 -39.46 28.15 -50.25
CA GLU B 1243 -40.79 27.80 -49.79
C GLU B 1243 -41.52 29.05 -49.33
N LYS B 1244 -42.84 28.92 -49.18
CA LYS B 1244 -43.65 30.04 -48.70
C LYS B 1244 -43.21 30.44 -47.30
N LEU B 1245 -42.72 31.67 -47.17
CA LEU B 1245 -42.23 32.19 -45.90
C LEU B 1245 -43.37 32.76 -45.07
N LYS B 1246 -44.58 32.24 -45.26
CA LYS B 1246 -45.79 32.67 -44.56
C LYS B 1246 -46.21 34.08 -44.95
N GLY B 1247 -45.34 34.79 -45.68
CA GLY B 1247 -45.64 36.13 -46.11
C GLY B 1247 -46.52 36.14 -47.34
N SER B 1248 -47.03 37.33 -47.66
CA SER B 1248 -47.88 37.50 -48.83
C SER B 1248 -47.16 36.97 -50.07
N PRO B 1249 -47.87 36.34 -51.01
CA PRO B 1249 -47.22 35.85 -52.24
C PRO B 1249 -46.43 36.91 -52.98
N GLU B 1250 -46.80 38.18 -52.84
CA GLU B 1250 -45.99 39.25 -53.42
C GLU B 1250 -44.66 39.40 -52.69
N ASP B 1251 -44.67 39.32 -51.36
CA ASP B 1251 -43.42 39.35 -50.61
C ASP B 1251 -42.57 38.12 -50.91
N ASN B 1252 -43.22 36.96 -51.08
CA ASN B 1252 -42.48 35.76 -51.47
C ASN B 1252 -41.84 35.93 -52.83
N GLU B 1253 -42.57 36.53 -53.78
CA GLU B 1253 -42.01 36.79 -55.10
C GLU B 1253 -40.85 37.77 -55.03
N GLN B 1254 -40.96 38.79 -54.17
CA GLN B 1254 -39.87 39.74 -54.02
C GLN B 1254 -38.62 39.06 -53.47
N LYS B 1255 -38.79 38.20 -52.47
CA LYS B 1255 -37.63 37.48 -51.93
C LYS B 1255 -37.04 36.52 -52.95
N GLN B 1256 -37.88 35.85 -53.74
CA GLN B 1256 -37.37 34.98 -54.80
C GLN B 1256 -36.59 35.79 -55.84
N LEU B 1257 -37.08 36.99 -56.18
CA LEU B 1257 -36.38 37.83 -57.13
C LEU B 1257 -35.06 38.33 -56.56
N PHE B 1258 -35.01 38.60 -55.25
CA PHE B 1258 -33.74 38.96 -54.62
C PHE B 1258 -32.77 37.78 -54.66
N VAL B 1259 -33.28 36.57 -54.40
CA VAL B 1259 -32.43 35.38 -54.48
C VAL B 1259 -31.83 35.24 -55.87
N GLU B 1260 -32.66 35.43 -56.90
CA GLU B 1260 -32.18 35.23 -58.27
C GLU B 1260 -31.30 36.38 -58.76
N GLN B 1261 -31.51 37.59 -58.25
CA GLN B 1261 -30.70 38.74 -58.64
C GLN B 1261 -29.31 38.73 -58.00
N HIS B 1262 -29.15 38.02 -56.88
CA HIS B 1262 -27.85 37.98 -56.20
C HIS B 1262 -27.27 36.57 -56.21
N LYS B 1263 -27.24 35.93 -57.38
CA LYS B 1263 -26.70 34.58 -57.46
C LYS B 1263 -25.19 34.56 -57.29
N HIS B 1264 -24.50 35.63 -57.73
CA HIS B 1264 -23.05 35.69 -57.58
C HIS B 1264 -22.61 35.49 -56.13
N TYR B 1265 -23.47 35.85 -55.18
CA TYR B 1265 -23.20 35.63 -53.76
C TYR B 1265 -22.66 34.21 -53.52
N LEU B 1266 -23.23 33.22 -54.21
CA LEU B 1266 -22.77 31.84 -54.09
C LEU B 1266 -21.25 31.77 -54.17
N ASP B 1267 -20.69 32.20 -55.31
CA ASP B 1267 -19.24 32.19 -55.47
C ASP B 1267 -18.56 32.90 -54.31
N GLU B 1268 -19.04 34.10 -53.96
CA GLU B 1268 -18.42 34.85 -52.88
C GLU B 1268 -18.38 34.03 -51.61
N ILE B 1269 -19.49 33.36 -51.28
CA ILE B 1269 -19.53 32.52 -50.08
C ILE B 1269 -18.43 31.47 -50.16
N ILE B 1270 -18.32 30.79 -51.31
CA ILE B 1270 -17.25 29.82 -51.51
C ILE B 1270 -15.91 30.46 -51.22
N GLU B 1271 -15.68 31.65 -51.81
CA GLU B 1271 -14.45 32.38 -51.54
C GLU B 1271 -14.28 32.61 -50.05
N GLN B 1272 -15.33 33.09 -49.38
CA GLN B 1272 -15.25 33.35 -47.95
C GLN B 1272 -14.86 32.09 -47.20
N ILE B 1273 -15.29 30.93 -47.67
CA ILE B 1273 -14.89 29.67 -47.05
C ILE B 1273 -13.42 29.40 -47.32
N SER B 1274 -13.00 29.51 -48.58
CA SER B 1274 -11.65 29.12 -48.98
C SER B 1274 -10.61 29.93 -48.24
N GLU B 1275 -10.71 31.26 -48.32
CA GLU B 1275 -9.83 32.15 -47.56
C GLU B 1275 -9.76 31.73 -46.09
N PHE B 1276 -10.89 31.32 -45.52
CA PHE B 1276 -10.88 30.84 -44.14
C PHE B 1276 -10.08 29.55 -44.02
N SER B 1277 -10.41 28.56 -44.86
CA SER B 1277 -9.77 27.25 -44.77
C SER B 1277 -8.26 27.36 -44.96
N LYS B 1278 -7.84 28.04 -46.03
CA LYS B 1278 -6.41 28.26 -46.26
C LYS B 1278 -5.72 28.89 -45.06
N ARG B 1279 -6.42 29.71 -44.29
CA ARG B 1279 -5.79 30.38 -43.16
C ARG B 1279 -5.81 29.55 -41.89
N VAL B 1280 -6.91 28.82 -41.64
CA VAL B 1280 -7.22 28.29 -40.32
C VAL B 1280 -7.42 26.78 -40.36
N ILE B 1281 -8.19 26.29 -41.31
CA ILE B 1281 -8.58 24.89 -41.30
C ILE B 1281 -7.43 24.00 -41.76
N LEU B 1282 -6.76 24.39 -42.84
CA LEU B 1282 -5.60 23.66 -43.38
C LEU B 1282 -5.97 22.23 -43.74
N ALA B 1283 -6.99 22.10 -44.60
CA ALA B 1283 -7.43 20.81 -45.13
C ALA B 1283 -7.32 20.90 -46.65
N ASP B 1284 -6.10 20.73 -47.15
CA ASP B 1284 -5.80 21.01 -48.55
C ASP B 1284 -6.61 20.08 -49.48
N ALA B 1285 -6.50 18.77 -49.26
CA ALA B 1285 -7.23 17.82 -50.09
C ALA B 1285 -8.74 18.03 -49.99
N ASN B 1286 -9.24 18.21 -48.77
CA ASN B 1286 -10.68 18.42 -48.59
C ASN B 1286 -11.14 19.71 -49.25
N LEU B 1287 -10.38 20.79 -49.09
CA LEU B 1287 -10.77 22.05 -49.70
C LEU B 1287 -10.74 21.97 -51.23
N ASP B 1288 -9.77 21.25 -51.79
CA ASP B 1288 -9.72 21.08 -53.24
C ASP B 1288 -10.89 20.25 -53.73
N LYS B 1289 -11.24 19.18 -53.01
CA LYS B 1289 -12.42 18.39 -53.38
C LYS B 1289 -13.68 19.23 -53.29
N VAL B 1290 -13.75 20.12 -52.30
CA VAL B 1290 -14.93 20.97 -52.13
C VAL B 1290 -15.04 21.96 -53.29
N LEU B 1291 -13.91 22.58 -53.67
CA LEU B 1291 -13.92 23.51 -54.80
C LEU B 1291 -14.32 22.80 -56.09
N SER B 1292 -13.79 21.59 -56.31
CA SER B 1292 -14.14 20.84 -57.51
C SER B 1292 -15.61 20.45 -57.50
N ALA B 1293 -16.15 20.10 -56.34
CA ALA B 1293 -17.56 19.76 -56.25
C ALA B 1293 -18.44 20.98 -56.50
N TYR B 1294 -18.02 22.16 -56.01
CA TYR B 1294 -18.79 23.37 -56.27
C TYR B 1294 -18.78 23.72 -57.75
N ASN B 1295 -17.62 23.63 -58.40
CA ASN B 1295 -17.55 23.90 -59.84
C ASN B 1295 -18.25 22.82 -60.65
N LYS B 1296 -18.43 21.62 -60.10
CA LYS B 1296 -19.10 20.56 -60.83
C LYS B 1296 -20.60 20.80 -60.96
N HIS B 1297 -21.23 21.36 -59.93
CA HIS B 1297 -22.69 21.52 -59.88
C HIS B 1297 -23.11 22.97 -60.03
N ARG B 1298 -22.43 23.72 -60.90
CA ARG B 1298 -22.79 25.12 -61.12
C ARG B 1298 -24.11 25.28 -61.87
N ASP B 1299 -24.57 24.23 -62.57
CA ASP B 1299 -25.83 24.28 -63.28
C ASP B 1299 -27.02 23.83 -62.43
N LYS B 1300 -26.77 23.32 -61.23
CA LYS B 1300 -27.85 22.90 -60.35
C LYS B 1300 -28.68 24.11 -59.92
N PRO B 1301 -29.92 23.90 -59.51
CA PRO B 1301 -30.75 25.02 -59.04
C PRO B 1301 -30.11 25.74 -57.85
N ILE B 1302 -30.51 27.00 -57.67
CA ILE B 1302 -29.91 27.83 -56.63
C ILE B 1302 -30.26 27.28 -55.25
N ARG B 1303 -31.48 26.77 -55.08
CA ARG B 1303 -31.90 26.26 -53.77
C ARG B 1303 -31.01 25.11 -53.31
N GLU B 1304 -30.77 24.13 -54.21
CA GLU B 1304 -29.98 22.97 -53.82
C GLU B 1304 -28.52 23.35 -53.61
N GLN B 1305 -27.99 24.27 -54.42
CA GLN B 1305 -26.63 24.76 -54.19
C GLN B 1305 -26.52 25.43 -52.83
N ALA B 1306 -27.52 26.23 -52.46
CA ALA B 1306 -27.48 26.90 -51.15
C ALA B 1306 -27.55 25.89 -50.02
N GLU B 1307 -28.42 24.87 -50.15
CA GLU B 1307 -28.50 23.84 -49.13
C GLU B 1307 -27.18 23.11 -48.97
N ASN B 1308 -26.53 22.78 -50.10
CA ASN B 1308 -25.25 22.09 -50.00
C ASN B 1308 -24.12 22.99 -49.52
N ILE B 1309 -24.25 24.32 -49.67
CA ILE B 1309 -23.28 25.21 -49.04
C ILE B 1309 -23.49 25.26 -47.53
N ILE B 1310 -24.76 25.28 -47.10
CA ILE B 1310 -25.08 25.09 -45.69
C ILE B 1310 -24.40 23.84 -45.17
N HIS B 1311 -24.43 22.76 -45.96
CA HIS B 1311 -23.69 21.55 -45.61
C HIS B 1311 -22.18 21.82 -45.59
N LEU B 1312 -21.69 22.63 -46.53
CA LEU B 1312 -20.25 22.88 -46.63
C LEU B 1312 -19.69 23.51 -45.37
N PHE B 1313 -20.50 24.31 -44.67
CA PHE B 1313 -19.99 25.00 -43.50
C PHE B 1313 -19.43 24.07 -42.42
N THR B 1314 -19.68 22.76 -42.50
CA THR B 1314 -19.09 21.81 -41.55
C THR B 1314 -17.57 21.85 -41.58
N LEU B 1315 -16.97 22.17 -42.74
CA LEU B 1315 -15.52 22.24 -42.84
C LEU B 1315 -14.94 23.33 -41.95
N THR B 1316 -15.69 24.40 -41.71
CA THR B 1316 -15.19 25.57 -41.00
C THR B 1316 -15.74 25.72 -39.60
N ASN B 1317 -16.63 24.83 -39.16
CA ASN B 1317 -17.26 24.97 -37.86
C ASN B 1317 -16.24 24.83 -36.73
N LEU B 1318 -16.58 25.41 -35.59
CA LEU B 1318 -15.77 25.25 -34.38
C LEU B 1318 -15.90 23.83 -33.84
N GLY B 1319 -14.80 23.28 -33.35
CA GLY B 1319 -14.85 21.99 -32.68
C GLY B 1319 -14.29 20.83 -33.46
N ALA B 1320 -14.83 19.64 -33.20
CA ALA B 1320 -14.28 18.43 -33.81
C ALA B 1320 -14.64 18.38 -35.29
N PRO B 1321 -13.69 17.99 -36.14
CA PRO B 1321 -14.00 17.82 -37.57
C PRO B 1321 -15.04 16.72 -37.77
N ALA B 1322 -15.83 16.87 -38.84
CA ALA B 1322 -16.91 15.94 -39.11
C ALA B 1322 -17.07 15.77 -40.62
N ALA B 1323 -17.42 14.55 -41.01
CA ALA B 1323 -17.69 14.28 -42.43
C ALA B 1323 -18.99 14.95 -42.85
N PHE B 1324 -19.04 15.38 -44.10
CA PHE B 1324 -20.23 16.02 -44.64
C PHE B 1324 -20.40 15.62 -46.11
N LYS B 1325 -21.44 16.13 -46.74
CA LYS B 1325 -21.75 15.79 -48.12
C LYS B 1325 -22.10 17.04 -48.92
N TYR B 1326 -21.50 17.15 -50.10
CA TYR B 1326 -21.92 18.11 -51.12
C TYR B 1326 -22.63 17.29 -52.19
N PHE B 1327 -23.97 17.31 -52.17
CA PHE B 1327 -24.79 16.44 -53.00
C PHE B 1327 -24.48 14.97 -52.72
N ASP B 1328 -23.85 14.29 -53.67
CA ASP B 1328 -23.45 12.90 -53.49
C ASP B 1328 -21.98 12.73 -53.17
N THR B 1329 -21.22 13.82 -53.09
CA THR B 1329 -19.81 13.75 -52.75
C THR B 1329 -19.63 13.75 -51.24
N THR B 1330 -18.93 12.75 -50.72
CA THR B 1330 -18.69 12.63 -49.29
C THR B 1330 -17.29 13.16 -48.97
N ILE B 1331 -17.22 14.14 -48.08
CA ILE B 1331 -15.95 14.68 -47.61
C ILE B 1331 -15.74 14.14 -46.21
N ASP B 1332 -14.73 13.28 -46.06
CA ASP B 1332 -14.37 12.72 -44.77
C ASP B 1332 -13.70 13.79 -43.92
N ARG B 1333 -13.58 13.53 -42.63
CA ARG B 1333 -13.05 14.52 -41.70
C ARG B 1333 -11.53 14.59 -41.77
N LYS B 1334 -10.99 15.80 -41.86
CA LYS B 1334 -9.55 16.04 -41.75
C LYS B 1334 -9.24 16.33 -40.28
N ARG B 1335 -8.60 15.37 -39.61
CA ARG B 1335 -8.34 15.47 -38.20
C ARG B 1335 -6.91 15.95 -37.93
N TYR B 1336 -6.72 16.59 -36.78
CA TYR B 1336 -5.42 17.13 -36.39
C TYR B 1336 -4.81 16.17 -35.38
N THR B 1337 -4.21 15.10 -35.92
CA THR B 1337 -3.71 13.97 -35.14
C THR B 1337 -2.42 14.27 -34.37
N SER B 1338 -1.99 15.52 -34.25
CA SER B 1338 -0.78 15.85 -33.50
C SER B 1338 -1.00 17.13 -32.73
N THR B 1339 -0.54 17.14 -31.47
CA THR B 1339 -0.60 18.32 -30.61
C THR B 1339 0.77 18.95 -30.40
N LYS B 1340 1.73 18.65 -31.27
CA LYS B 1340 3.09 19.16 -31.08
C LYS B 1340 3.14 20.67 -31.23
N GLU B 1341 2.37 21.23 -32.16
CA GLU B 1341 2.45 22.67 -32.42
C GLU B 1341 2.06 23.49 -31.20
N VAL B 1342 0.94 23.15 -30.55
CA VAL B 1342 0.43 23.96 -29.45
C VAL B 1342 1.40 24.09 -28.29
N LEU B 1343 2.48 23.31 -28.28
CA LEU B 1343 3.50 23.44 -27.25
C LEU B 1343 4.28 24.74 -27.37
N ASP B 1344 4.19 25.44 -28.50
CA ASP B 1344 4.89 26.70 -28.72
C ASP B 1344 3.94 27.84 -29.07
N ALA B 1345 2.64 27.62 -28.96
CA ALA B 1345 1.64 28.63 -29.32
C ALA B 1345 1.34 29.50 -28.11
N THR B 1346 0.21 30.20 -28.12
CA THR B 1346 -0.20 31.07 -27.02
C THR B 1346 -1.47 30.50 -26.39
N LEU B 1347 -1.34 30.01 -25.16
CA LEU B 1347 -2.49 29.47 -24.44
C LEU B 1347 -3.35 30.60 -23.90
N ILE B 1348 -4.66 30.46 -24.05
CA ILE B 1348 -5.62 31.49 -23.67
C ILE B 1348 -6.51 30.95 -22.57
N HIS B 1349 -6.37 31.49 -21.37
CA HIS B 1349 -7.28 31.19 -20.27
C HIS B 1349 -8.41 32.22 -20.28
N GLN B 1350 -9.63 31.76 -20.54
CA GLN B 1350 -10.79 32.63 -20.71
C GLN B 1350 -11.72 32.53 -19.52
N SER B 1351 -12.22 33.67 -19.06
CA SER B 1351 -13.29 33.66 -18.08
C SER B 1351 -14.57 33.12 -18.74
N ILE B 1352 -15.63 33.01 -17.94
CA ILE B 1352 -16.85 32.35 -18.43
C ILE B 1352 -17.45 33.13 -19.60
N THR B 1353 -17.35 34.46 -19.57
CA THR B 1353 -17.80 35.27 -20.70
C THR B 1353 -16.72 35.48 -21.75
N GLY B 1354 -15.48 35.09 -21.47
CA GLY B 1354 -14.37 35.35 -22.36
C GLY B 1354 -13.91 36.78 -22.40
N LEU B 1355 -14.50 37.67 -21.60
CA LEU B 1355 -14.06 39.07 -21.59
C LEU B 1355 -12.72 39.22 -20.89
N TYR B 1356 -12.43 38.38 -19.90
CA TYR B 1356 -11.17 38.38 -19.21
C TYR B 1356 -10.29 37.27 -19.75
N GLU B 1357 -9.08 37.61 -20.16
CA GLU B 1357 -8.16 36.66 -20.76
C GLU B 1357 -6.84 36.66 -20.00
N THR B 1358 -6.15 35.53 -20.06
CA THR B 1358 -4.77 35.42 -19.63
C THR B 1358 -4.03 34.63 -20.70
N ARG B 1359 -3.11 35.29 -21.40
CA ARG B 1359 -2.40 34.70 -22.52
C ARG B 1359 -0.99 34.35 -22.08
N ILE B 1360 -0.60 33.09 -22.31
CA ILE B 1360 0.70 32.58 -21.93
C ILE B 1360 1.43 32.12 -23.18
N ASP B 1361 2.55 32.76 -23.49
CA ASP B 1361 3.39 32.36 -24.62
C ASP B 1361 4.17 31.13 -24.21
N LEU B 1362 3.83 29.98 -24.79
CA LEU B 1362 4.48 28.73 -24.44
C LEU B 1362 5.86 28.58 -25.05
N SER B 1363 6.21 29.42 -26.04
CA SER B 1363 7.56 29.38 -26.59
C SER B 1363 8.60 29.79 -25.56
N GLN B 1364 8.20 30.60 -24.57
CA GLN B 1364 9.14 30.97 -23.51
C GLN B 1364 9.52 29.77 -22.67
N LEU B 1365 8.62 28.80 -22.52
CA LEU B 1365 8.88 27.63 -21.69
C LEU B 1365 9.82 26.68 -22.44
N GLY B 1366 10.96 26.38 -21.84
CA GLY B 1366 11.87 25.43 -22.45
C GLY B 1366 13.06 25.16 -21.56
N GLY B 1367 13.68 24.02 -21.78
CA GLY B 1367 14.90 23.65 -21.10
C GLY B 1367 16.12 23.82 -22.00
N ASP B 1368 15.96 24.62 -23.05
CA ASP B 1368 16.98 24.81 -24.09
C ASP B 1368 17.36 23.48 -24.73
N ASP E 2 43.69 29.24 35.57
CA ASP E 2 43.26 29.49 34.20
C ASP E 2 44.39 29.27 33.19
N LYS E 3 45.64 29.32 33.68
CA LYS E 3 46.81 29.19 32.81
C LYS E 3 47.84 28.31 33.49
N LYS E 4 48.83 27.89 32.70
CA LYS E 4 49.89 26.99 33.14
C LYS E 4 49.31 25.75 33.83
N TYR E 5 48.33 25.13 33.18
CA TYR E 5 47.70 23.93 33.68
C TYR E 5 48.17 22.72 32.90
N SER E 6 47.97 21.54 33.49
CA SER E 6 48.33 20.28 32.88
C SER E 6 47.16 19.31 33.02
N ILE E 7 47.12 18.31 32.14
CA ILE E 7 46.05 17.33 32.09
C ILE E 7 46.63 15.96 32.34
N GLY E 8 46.00 15.21 33.24
CA GLY E 8 46.34 13.81 33.48
C GLY E 8 45.21 12.91 33.00
N LEU E 9 45.60 11.85 32.30
CA LEU E 9 44.67 10.94 31.65
C LEU E 9 44.98 9.51 32.04
N ALA E 10 43.93 8.71 32.20
CA ALA E 10 44.04 7.28 32.50
C ALA E 10 43.09 6.57 31.55
N ILE E 11 43.63 6.02 30.45
CA ILE E 11 42.83 5.42 29.39
C ILE E 11 42.67 3.94 29.64
N GLY E 12 41.43 3.45 29.58
CA GLY E 12 41.13 2.06 29.79
C GLY E 12 40.11 1.55 28.79
N THR E 13 39.71 0.29 28.97
CA THR E 13 38.73 -0.33 28.08
C THR E 13 37.30 0.07 28.42
N ASN E 14 37.04 0.45 29.67
CA ASN E 14 35.69 0.83 30.09
C ASN E 14 35.64 2.20 30.75
N SER E 15 36.76 2.90 30.86
CA SER E 15 36.77 4.19 31.55
C SER E 15 37.92 5.03 31.04
N VAL E 16 37.72 6.35 31.09
CA VAL E 16 38.78 7.33 30.82
C VAL E 16 38.75 8.31 31.98
N GLY E 17 39.76 8.23 32.86
CA GLY E 17 39.88 9.21 33.92
C GLY E 17 40.64 10.43 33.45
N TRP E 18 40.22 11.60 33.95
CA TRP E 18 40.82 12.87 33.55
C TRP E 18 40.92 13.78 34.74
N ALA E 19 41.95 14.61 34.75
CA ALA E 19 42.14 15.59 35.81
C ALA E 19 42.95 16.77 35.29
N VAL E 20 42.65 17.95 35.83
CA VAL E 20 43.36 19.18 35.50
C VAL E 20 44.09 19.66 36.75
N ILE E 21 45.39 19.95 36.60
CA ILE E 21 46.21 20.44 37.69
C ILE E 21 46.85 21.77 37.30
N THR E 22 47.27 22.51 38.32
CA THR E 22 47.94 23.79 38.16
C THR E 22 49.43 23.64 38.48
N ASP E 23 50.10 24.76 38.74
CA ASP E 23 51.51 24.72 39.10
C ASP E 23 51.73 24.02 40.43
N GLU E 24 50.84 24.25 41.39
CA GLU E 24 50.98 23.71 42.73
C GLU E 24 50.34 22.34 42.89
N TYR E 25 50.11 21.62 41.79
CA TYR E 25 49.51 20.29 41.80
C TYR E 25 48.11 20.31 42.42
N LYS E 26 47.42 21.45 42.29
CA LYS E 26 46.07 21.60 42.80
C LYS E 26 45.05 21.47 41.68
N VAL E 27 43.88 20.96 42.02
CA VAL E 27 42.79 20.78 41.06
C VAL E 27 41.87 22.01 41.16
N PRO E 28 41.75 22.80 40.10
CA PRO E 28 40.87 23.97 40.17
C PRO E 28 39.40 23.61 40.29
N SER E 29 38.55 24.62 40.42
CA SER E 29 37.10 24.42 40.42
C SER E 29 36.46 25.66 39.83
N LYS E 30 35.40 25.45 39.06
CA LYS E 30 34.74 26.55 38.36
C LYS E 30 33.23 26.49 38.57
N LYS E 31 32.60 27.63 38.34
CA LYS E 31 31.15 27.72 38.22
C LYS E 31 30.77 27.54 36.76
N PHE E 32 30.01 26.50 36.47
CA PHE E 32 29.51 26.22 35.13
C PHE E 32 28.03 26.56 35.07
N LYS E 33 27.62 27.17 33.96
CA LYS E 33 26.22 27.49 33.76
C LYS E 33 25.39 26.21 33.65
N VAL E 34 24.15 26.29 34.12
CA VAL E 34 23.22 25.18 34.05
C VAL E 34 22.04 25.60 33.17
N LEU E 35 21.94 24.98 32.00
CA LEU E 35 20.82 25.29 31.12
C LEU E 35 19.58 24.51 31.57
N GLY E 36 18.43 24.91 31.02
CA GLY E 36 17.20 24.18 31.30
C GLY E 36 16.11 25.00 31.95
N ASN E 37 15.12 24.30 32.51
CA ASN E 37 13.96 24.95 33.13
C ASN E 37 13.97 24.79 34.65
N THR E 38 15.13 24.56 35.25
CA THR E 38 15.22 24.44 36.69
C THR E 38 15.42 25.81 37.34
N ASP E 39 15.31 25.84 38.66
CA ASP E 39 15.59 27.04 39.43
C ASP E 39 17.07 27.22 39.72
N ARG E 40 17.91 26.25 39.34
CA ARG E 40 19.35 26.34 39.49
C ARG E 40 19.95 26.77 38.17
N HIS E 41 20.70 27.88 38.18
CA HIS E 41 21.25 28.46 36.96
C HIS E 41 22.75 28.31 36.86
N SER E 42 23.41 27.76 37.88
CA SER E 42 24.85 27.53 37.85
C SER E 42 25.18 26.48 38.89
N ILE E 43 26.37 25.90 38.78
CA ILE E 43 26.79 24.85 39.71
C ILE E 43 28.31 24.85 39.80
N LYS E 44 28.82 24.43 40.95
CA LYS E 44 30.26 24.36 41.20
C LYS E 44 30.77 22.97 40.86
N LYS E 45 31.86 22.92 40.09
CA LYS E 45 32.44 21.66 39.64
C LYS E 45 33.95 21.69 39.80
N ASN E 46 34.51 20.65 40.41
CA ASN E 46 35.95 20.44 40.37
C ASN E 46 36.35 19.94 38.98
N LEU E 47 37.52 20.39 38.52
CA LEU E 47 38.04 19.96 37.21
C LEU E 47 38.78 18.62 37.38
N ILE E 48 38.00 17.60 37.70
CA ILE E 48 38.50 16.23 37.83
C ILE E 48 37.32 15.30 37.71
N GLY E 49 37.51 14.17 37.03
CA GLY E 49 36.42 13.23 36.88
C GLY E 49 36.83 12.03 36.06
N ALA E 50 35.82 11.26 35.65
CA ALA E 50 36.06 10.04 34.89
C ALA E 50 34.83 9.72 34.08
N LEU E 51 35.04 9.42 32.80
CA LEU E 51 33.98 9.02 31.88
C LEU E 51 33.90 7.50 31.84
N LEU E 52 32.74 6.95 32.13
CA LEU E 52 32.51 5.52 32.09
C LEU E 52 31.65 5.17 30.88
N PHE E 53 31.93 4.01 30.30
CA PHE E 53 31.25 3.58 29.08
C PHE E 53 31.32 2.07 28.95
N ASP E 54 30.32 1.50 28.29
CA ASP E 54 30.33 0.07 28.01
C ASP E 54 31.43 -0.28 27.03
N SER E 55 31.89 -1.53 27.10
CA SER E 55 33.02 -1.96 26.29
C SER E 55 32.69 -1.87 24.80
N GLY E 56 33.70 -1.51 24.01
CA GLY E 56 33.56 -1.58 22.56
C GLY E 56 33.66 -3.03 22.11
N GLU E 57 32.69 -3.46 21.31
CA GLU E 57 32.62 -4.83 20.86
C GLU E 57 33.35 -5.01 19.54
N THR E 58 33.84 -6.23 19.31
CA THR E 58 34.47 -6.60 18.05
C THR E 58 33.42 -7.11 17.07
N ALA E 59 33.83 -7.23 15.80
CA ALA E 59 32.95 -7.64 14.73
C ALA E 59 32.88 -9.16 14.54
N GLU E 60 33.50 -9.93 15.45
CA GLU E 60 33.57 -11.37 15.26
C GLU E 60 32.18 -12.01 15.23
N ALA E 61 31.37 -11.74 16.26
CA ALA E 61 30.03 -12.30 16.32
C ALA E 61 29.18 -11.85 15.14
N THR E 62 29.29 -10.57 14.76
CA THR E 62 28.55 -10.06 13.63
C THR E 62 28.97 -10.77 12.35
N ARG E 63 30.27 -11.04 12.17
CA ARG E 63 30.73 -11.73 10.98
C ARG E 63 30.25 -13.17 10.96
N LEU E 64 30.23 -13.83 12.12
CA LEU E 64 29.74 -15.20 12.17
C LEU E 64 28.26 -15.26 11.80
N LYS E 65 27.47 -14.30 12.28
CA LYS E 65 26.05 -14.27 11.92
C LYS E 65 25.87 -13.94 10.45
N ARG E 66 26.71 -13.06 9.89
CA ARG E 66 26.62 -12.73 8.47
C ARG E 66 26.92 -13.95 7.61
N THR E 67 27.98 -14.69 7.94
CA THR E 67 28.31 -15.89 7.17
C THR E 67 27.23 -16.95 7.31
N ALA E 68 26.65 -17.08 8.51
CA ALA E 68 25.53 -18.02 8.68
C ALA E 68 24.35 -17.63 7.80
N ARG E 69 24.06 -16.33 7.71
CA ARG E 69 22.99 -15.87 6.83
C ARG E 69 23.26 -16.28 5.38
N ARG E 70 24.49 -16.03 4.91
CA ARG E 70 24.83 -16.40 3.54
C ARG E 70 24.69 -17.91 3.32
N ARG E 71 25.09 -18.71 4.31
CA ARG E 71 25.02 -20.16 4.16
C ARG E 71 23.57 -20.64 4.10
N TYR E 72 22.70 -20.07 4.92
CA TYR E 72 21.29 -20.45 4.85
C TYR E 72 20.67 -20.06 3.52
N THR E 73 21.02 -18.86 3.02
CA THR E 73 20.53 -18.44 1.71
C THR E 73 20.94 -19.43 0.63
N ARG E 74 22.21 -19.83 0.65
CA ARG E 74 22.71 -20.68 -0.43
C ARG E 74 22.20 -22.12 -0.31
N ARG E 75 21.95 -22.61 0.91
CA ARG E 75 21.32 -23.92 1.05
C ARG E 75 19.89 -23.91 0.50
N LYS E 76 19.11 -22.86 0.84
CA LYS E 76 17.80 -22.72 0.23
C LYS E 76 17.90 -22.70 -1.30
N ASN E 77 18.92 -22.03 -1.83
CA ASN E 77 19.08 -21.98 -3.28
C ASN E 77 19.39 -23.35 -3.85
N ARG E 78 20.15 -24.17 -3.10
CA ARG E 78 20.46 -25.52 -3.57
C ARG E 78 19.19 -26.36 -3.69
N ILE E 79 18.34 -26.28 -2.67
CA ILE E 79 17.07 -27.00 -2.72
C ILE E 79 16.20 -26.46 -3.86
N CYS E 80 16.23 -25.15 -4.09
CA CYS E 80 15.41 -24.57 -5.16
C CYS E 80 15.89 -25.01 -6.53
N TYR E 81 17.21 -25.12 -6.72
CA TYR E 81 17.74 -25.68 -7.97
C TYR E 81 17.24 -27.10 -8.18
N LEU E 82 17.32 -27.93 -7.13
CA LEU E 82 16.84 -29.31 -7.26
C LEU E 82 15.36 -29.35 -7.65
N GLN E 83 14.54 -28.53 -6.99
CA GLN E 83 13.11 -28.51 -7.32
C GLN E 83 12.87 -28.03 -8.74
N GLU E 84 13.66 -27.04 -9.19
CA GLU E 84 13.53 -26.58 -10.57
C GLU E 84 13.83 -27.71 -11.56
N ILE E 85 14.81 -28.56 -11.23
CA ILE E 85 15.10 -29.69 -12.10
C ILE E 85 13.93 -30.68 -12.09
N PHE E 86 13.35 -30.94 -10.92
CA PHE E 86 12.27 -31.93 -10.81
C PHE E 86 10.90 -31.40 -11.21
N SER E 87 10.80 -30.11 -11.55
CA SER E 87 9.51 -29.43 -11.68
C SER E 87 8.51 -30.19 -12.55
N ASN E 88 8.82 -30.36 -13.83
CA ASN E 88 7.80 -30.80 -14.79
C ASN E 88 7.38 -32.25 -14.55
N GLU E 89 8.34 -33.14 -14.34
CA GLU E 89 8.00 -34.53 -14.08
C GLU E 89 7.25 -34.68 -12.76
N MET E 90 7.60 -33.88 -11.75
CA MET E 90 6.86 -33.93 -10.49
C MET E 90 5.43 -33.44 -10.68
N ALA E 91 5.25 -32.39 -11.49
CA ALA E 91 3.90 -31.93 -11.82
C ALA E 91 3.12 -33.01 -12.54
N LYS E 92 3.80 -33.81 -13.37
CA LYS E 92 3.14 -34.96 -13.99
C LYS E 92 2.77 -36.02 -12.96
N VAL E 93 3.54 -36.12 -11.88
CA VAL E 93 3.26 -37.13 -10.84
C VAL E 93 2.34 -36.58 -9.76
N ASP E 94 2.71 -35.45 -9.15
CA ASP E 94 1.95 -34.89 -8.03
C ASP E 94 2.06 -33.37 -8.13
N ASP E 95 0.97 -32.72 -8.57
CA ASP E 95 1.01 -31.30 -8.86
C ASP E 95 1.22 -30.44 -7.62
N SER E 96 0.96 -30.97 -6.42
CA SER E 96 1.05 -30.18 -5.20
C SER E 96 1.99 -30.80 -4.17
N PHE E 97 2.94 -31.63 -4.61
CA PHE E 97 3.92 -32.18 -3.69
C PHE E 97 4.82 -31.09 -3.11
N PHE E 98 5.38 -30.24 -3.97
CA PHE E 98 6.26 -29.17 -3.50
C PHE E 98 5.50 -28.14 -2.67
N HIS E 99 4.23 -27.88 -3.01
CA HIS E 99 3.40 -27.01 -2.17
C HIS E 99 3.35 -27.54 -0.75
N ARG E 100 3.00 -28.82 -0.60
CA ARG E 100 2.90 -29.40 0.74
C ARG E 100 4.24 -29.39 1.44
N LEU E 101 5.33 -29.62 0.70
CA LEU E 101 6.64 -29.54 1.34
C LEU E 101 7.01 -28.11 1.74
N GLU E 102 6.36 -27.11 1.16
CA GLU E 102 6.64 -25.72 1.53
C GLU E 102 5.78 -25.25 2.70
N GLU E 103 4.57 -25.77 2.83
CA GLU E 103 3.65 -25.40 3.91
C GLU E 103 3.63 -26.41 5.04
N SER E 104 4.69 -27.22 5.17
CA SER E 104 4.71 -28.23 6.23
C SER E 104 4.67 -27.58 7.61
N PHE E 105 5.30 -26.41 7.75
CA PHE E 105 5.38 -25.75 9.05
C PHE E 105 4.01 -25.27 9.53
N LEU E 106 3.12 -24.90 8.62
CA LEU E 106 1.86 -24.31 9.01
C LEU E 106 0.98 -25.33 9.73
N VAL E 107 0.07 -24.82 10.56
CA VAL E 107 -0.92 -25.69 11.18
C VAL E 107 -2.02 -26.01 10.17
N GLU E 108 -2.76 -27.08 10.45
CA GLU E 108 -3.78 -27.54 9.50
C GLU E 108 -4.83 -26.46 9.24
N GLU E 109 -5.09 -25.61 10.24
CA GLU E 109 -6.02 -24.50 10.04
C GLU E 109 -5.57 -23.61 8.88
N ASP E 110 -4.28 -23.31 8.82
CA ASP E 110 -3.72 -22.43 7.80
C ASP E 110 -3.21 -23.19 6.57
N LYS E 111 -3.10 -24.51 6.64
CA LYS E 111 -2.70 -25.29 5.48
C LYS E 111 -3.75 -25.22 4.38
N LYS E 112 -3.27 -25.06 3.14
CA LYS E 112 -4.16 -25.01 1.98
C LYS E 112 -4.27 -26.35 1.26
N HIS E 113 -3.40 -27.31 1.56
CA HIS E 113 -3.47 -28.65 0.99
C HIS E 113 -3.59 -29.68 2.11
N GLU E 114 -3.57 -30.95 1.74
CA GLU E 114 -3.72 -32.03 2.71
C GLU E 114 -2.53 -32.03 3.68
N ARG E 115 -2.80 -32.45 4.91
CA ARG E 115 -1.83 -32.31 5.99
C ARG E 115 -0.64 -33.25 5.84
N HIS E 116 -0.73 -34.28 4.99
CA HIS E 116 0.34 -35.25 4.87
C HIS E 116 1.27 -34.85 3.73
N PRO E 117 2.56 -34.59 4.00
CA PRO E 117 3.43 -33.99 2.99
C PRO E 117 3.71 -34.87 1.79
N ILE E 118 4.12 -36.11 2.02
CA ILE E 118 4.72 -36.91 0.97
C ILE E 118 3.68 -37.39 -0.04
N PHE E 119 2.60 -38.02 0.45
CA PHE E 119 1.64 -38.65 -0.45
C PHE E 119 0.26 -38.02 -0.44
N GLY E 120 -0.04 -37.16 0.53
CA GLY E 120 -1.32 -36.47 0.51
C GLY E 120 -2.51 -37.29 0.92
N ASN E 121 -2.30 -38.42 1.61
CA ASN E 121 -3.40 -39.18 2.19
C ASN E 121 -2.84 -40.02 3.33
N ILE E 122 -3.69 -40.23 4.34
CA ILE E 122 -3.22 -40.82 5.60
C ILE E 122 -2.69 -42.23 5.37
N VAL E 123 -3.35 -43.01 4.51
CA VAL E 123 -3.00 -44.41 4.35
C VAL E 123 -1.59 -44.57 3.79
N ASP E 124 -1.30 -43.89 2.67
CA ASP E 124 0.02 -43.98 2.07
C ASP E 124 1.10 -43.41 2.98
N GLU E 125 0.78 -42.36 3.74
CA GLU E 125 1.77 -41.77 4.63
C GLU E 125 2.13 -42.73 5.76
N VAL E 126 1.13 -43.32 6.41
CA VAL E 126 1.39 -44.31 7.45
C VAL E 126 2.16 -45.49 6.87
N ALA E 127 1.80 -45.91 5.64
CA ALA E 127 2.51 -47.03 5.01
C ALA E 127 3.97 -46.69 4.77
N TYR E 128 4.25 -45.47 4.30
CA TYR E 128 5.63 -45.08 4.06
C TYR E 128 6.42 -45.06 5.36
N HIS E 129 5.83 -44.53 6.43
CA HIS E 129 6.55 -44.48 7.70
C HIS E 129 6.75 -45.88 8.29
N GLU E 130 5.84 -46.80 7.99
CA GLU E 130 6.04 -48.19 8.40
C GLU E 130 7.18 -48.83 7.61
N LYS E 131 7.21 -48.62 6.29
CA LYS E 131 8.22 -49.27 5.47
C LYS E 131 9.60 -48.64 5.68
N TYR E 132 9.68 -47.31 5.74
CA TYR E 132 10.93 -46.60 5.92
C TYR E 132 10.84 -45.79 7.21
N PRO E 133 11.28 -46.33 8.35
CA PRO E 133 11.15 -45.59 9.61
C PRO E 133 11.96 -44.31 9.63
N THR E 134 13.14 -44.30 9.02
CA THR E 134 13.95 -43.09 8.90
C THR E 134 14.17 -42.77 7.42
N ILE E 135 14.82 -41.64 7.17
CA ILE E 135 15.15 -41.27 5.80
C ILE E 135 16.26 -42.16 5.26
N TYR E 136 17.10 -42.70 6.14
CA TYR E 136 18.24 -43.50 5.69
C TYR E 136 17.79 -44.85 5.15
N HIS E 137 16.68 -45.39 5.65
CA HIS E 137 16.10 -46.58 5.05
C HIS E 137 15.72 -46.33 3.59
N LEU E 138 15.09 -45.18 3.32
CA LEU E 138 14.74 -44.86 1.95
C LEU E 138 15.98 -44.62 1.10
N ARG E 139 17.00 -43.99 1.68
CA ARG E 139 18.25 -43.77 0.96
C ARG E 139 18.90 -45.10 0.56
N LYS E 140 19.00 -46.03 1.50
CA LYS E 140 19.60 -47.32 1.20
C LYS E 140 18.76 -48.11 0.19
N LYS E 141 17.44 -48.10 0.35
CA LYS E 141 16.57 -48.79 -0.59
C LYS E 141 16.76 -48.24 -2.01
N LEU E 142 16.79 -46.91 -2.15
CA LEU E 142 16.98 -46.32 -3.46
C LEU E 142 18.38 -46.58 -4.00
N VAL E 143 19.35 -46.77 -3.11
CA VAL E 143 20.71 -47.09 -3.55
C VAL E 143 20.79 -48.52 -4.09
N ASP E 144 20.14 -49.46 -3.42
CA ASP E 144 20.35 -50.87 -3.73
C ASP E 144 19.31 -51.44 -4.70
N SER E 145 18.06 -51.00 -4.61
CA SER E 145 17.01 -51.61 -5.42
C SER E 145 17.18 -51.25 -6.89
N THR E 146 16.62 -52.11 -7.75
CA THR E 146 16.60 -51.91 -9.18
C THR E 146 15.21 -51.54 -9.71
N ASP E 147 14.19 -51.55 -8.85
CA ASP E 147 12.85 -51.22 -9.28
C ASP E 147 12.69 -49.73 -9.54
N LYS E 148 11.77 -49.39 -10.45
CA LYS E 148 11.37 -48.00 -10.60
C LYS E 148 10.78 -47.50 -9.29
N ALA E 149 11.09 -46.26 -8.94
CA ALA E 149 10.70 -45.71 -7.65
C ALA E 149 9.85 -44.46 -7.84
N ASP E 150 9.00 -44.19 -6.86
CA ASP E 150 8.19 -42.98 -6.87
C ASP E 150 9.09 -41.76 -6.94
N LEU E 151 8.78 -40.85 -7.85
CA LEU E 151 9.61 -39.67 -8.04
C LEU E 151 9.69 -38.82 -6.79
N ARG E 152 8.65 -38.86 -5.94
CA ARG E 152 8.64 -38.07 -4.73
C ARG E 152 9.67 -38.58 -3.72
N LEU E 153 9.75 -39.89 -3.52
CA LEU E 153 10.77 -40.43 -2.62
C LEU E 153 12.18 -40.21 -3.17
N ILE E 154 12.33 -40.28 -4.49
CA ILE E 154 13.61 -39.96 -5.11
C ILE E 154 14.02 -38.53 -4.78
N TYR E 155 13.09 -37.59 -4.97
CA TYR E 155 13.39 -36.20 -4.62
C TYR E 155 13.72 -36.08 -3.14
N LEU E 156 12.98 -36.79 -2.27
CA LEU E 156 13.24 -36.66 -0.84
C LEU E 156 14.64 -37.12 -0.47
N ALA E 157 15.08 -38.26 -1.02
CA ALA E 157 16.42 -38.75 -0.74
C ALA E 157 17.49 -37.79 -1.27
N LEU E 158 17.35 -37.38 -2.53
CA LEU E 158 18.36 -36.49 -3.10
C LEU E 158 18.39 -35.15 -2.38
N ALA E 159 17.23 -34.64 -1.97
CA ALA E 159 17.16 -33.37 -1.28
C ALA E 159 17.74 -33.46 0.12
N HIS E 160 17.51 -34.58 0.81
CA HIS E 160 18.15 -34.77 2.12
C HIS E 160 19.66 -34.81 1.98
N MET E 161 20.17 -35.46 0.94
CA MET E 161 21.61 -35.49 0.74
C MET E 161 22.15 -34.10 0.39
N ILE E 162 21.43 -33.33 -0.41
CA ILE E 162 21.93 -32.04 -0.85
C ILE E 162 21.80 -30.98 0.24
N LYS E 163 20.77 -31.08 1.08
CA LYS E 163 20.58 -30.10 2.16
C LYS E 163 21.64 -30.28 3.24
N PHE E 164 22.00 -31.53 3.55
CA PHE E 164 23.02 -31.85 4.56
C PHE E 164 24.03 -32.75 3.85
N ARG E 165 25.08 -32.15 3.31
CA ARG E 165 25.96 -32.84 2.39
C ARG E 165 27.29 -33.27 2.99
N GLY E 166 27.68 -32.72 4.14
CA GLY E 166 28.94 -33.06 4.75
C GLY E 166 30.07 -32.12 4.35
N HIS E 167 31.21 -32.27 5.03
CA HIS E 167 32.28 -31.29 4.91
C HIS E 167 33.06 -31.50 3.62
N PHE E 168 33.86 -30.47 3.28
CA PHE E 168 34.67 -30.45 2.07
C PHE E 168 36.16 -30.37 2.38
N LEU E 169 36.59 -31.00 3.47
CA LEU E 169 37.97 -30.87 3.91
C LEU E 169 38.93 -31.83 3.20
N ILE E 170 38.41 -32.85 2.53
CA ILE E 170 39.23 -33.82 1.81
C ILE E 170 39.16 -33.52 0.31
N GLU E 171 40.32 -33.42 -0.32
CA GLU E 171 40.41 -33.14 -1.74
C GLU E 171 40.47 -34.45 -2.53
N GLY E 172 39.70 -34.51 -3.61
CA GLY E 172 39.67 -35.69 -4.46
C GLY E 172 38.51 -36.61 -4.10
N ASP E 173 38.47 -37.74 -4.79
CA ASP E 173 37.42 -38.72 -4.57
C ASP E 173 37.79 -39.67 -3.43
N LEU E 174 36.76 -40.26 -2.83
CA LEU E 174 36.94 -41.19 -1.72
C LEU E 174 35.77 -42.17 -1.73
N ASN E 175 36.05 -43.42 -1.41
CA ASN E 175 35.04 -44.46 -1.39
C ASN E 175 35.32 -45.41 -0.24
N PRO E 176 34.28 -46.08 0.29
CA PRO E 176 34.52 -47.04 1.38
C PRO E 176 35.25 -48.30 0.96
N ASP E 177 35.58 -48.46 -0.34
CA ASP E 177 36.36 -49.61 -0.77
C ASP E 177 37.70 -49.64 -0.04
N ASN E 178 38.31 -48.47 0.15
CA ASN E 178 39.53 -48.38 0.94
C ASN E 178 39.18 -48.08 2.41
N SER E 179 38.41 -48.99 3.01
CA SER E 179 38.01 -48.80 4.40
C SER E 179 38.64 -49.79 5.36
N ASP E 180 39.16 -50.91 4.88
CA ASP E 180 39.82 -51.88 5.74
C ASP E 180 41.15 -51.31 6.25
N VAL E 181 41.26 -51.17 7.57
CA VAL E 181 42.46 -50.57 8.15
C VAL E 181 43.63 -51.55 8.09
N ASP E 182 43.38 -52.82 8.42
CA ASP E 182 44.44 -53.83 8.43
C ASP E 182 45.07 -53.98 7.06
N LYS E 183 44.26 -54.04 6.01
CA LYS E 183 44.77 -54.28 4.67
C LYS E 183 45.65 -53.14 4.18
N LEU E 184 45.23 -51.90 4.41
CA LEU E 184 46.02 -50.76 3.94
C LEU E 184 47.29 -50.59 4.76
N PHE E 185 47.23 -50.87 6.07
CA PHE E 185 48.45 -50.87 6.86
C PHE E 185 49.41 -51.95 6.37
N ILE E 186 48.89 -53.14 6.07
CA ILE E 186 49.70 -54.22 5.53
C ILE E 186 50.38 -53.77 4.24
N GLN E 187 49.64 -53.05 3.38
CA GLN E 187 50.25 -52.62 2.13
C GLN E 187 51.31 -51.54 2.34
N LEU E 188 51.09 -50.64 3.30
CA LEU E 188 52.11 -49.66 3.63
C LEU E 188 53.40 -50.34 4.07
N VAL E 189 53.26 -51.37 4.90
CA VAL E 189 54.43 -52.13 5.34
C VAL E 189 55.07 -52.87 4.15
N GLN E 190 54.25 -53.38 3.24
CA GLN E 190 54.78 -54.03 2.04
C GLN E 190 55.65 -53.07 1.23
N THR E 191 55.14 -51.85 1.00
CA THR E 191 55.89 -50.87 0.23
C THR E 191 57.18 -50.48 0.95
N TYR E 192 57.11 -50.27 2.27
CA TYR E 192 58.32 -49.94 3.01
C TYR E 192 59.36 -51.04 2.91
N ASN E 193 58.93 -52.30 3.10
CA ASN E 193 59.87 -53.41 3.02
C ASN E 193 60.42 -53.59 1.62
N GLN E 194 59.65 -53.21 0.60
CA GLN E 194 60.18 -53.21 -0.76
C GLN E 194 61.29 -52.16 -0.91
N LEU E 195 61.07 -50.95 -0.38
CA LEU E 195 62.08 -49.92 -0.51
C LEU E 195 63.33 -50.19 0.33
N PHE E 196 63.18 -50.88 1.46
CA PHE E 196 64.28 -51.14 2.40
C PHE E 196 64.40 -52.65 2.59
N GLU E 197 65.05 -53.32 1.63
CA GLU E 197 65.12 -54.78 1.64
C GLU E 197 65.90 -55.31 2.84
N GLU E 198 67.16 -54.91 2.99
CA GLU E 198 68.00 -55.45 4.05
C GLU E 198 67.52 -55.09 5.45
N ASN E 199 66.74 -54.01 5.59
CA ASN E 199 66.21 -53.58 6.89
C ASN E 199 64.69 -53.57 6.78
N PRO E 200 64.06 -54.74 6.84
CA PRO E 200 62.59 -54.82 6.70
C PRO E 200 61.87 -54.66 8.03
N ILE E 201 60.57 -54.33 7.91
CA ILE E 201 59.70 -54.15 9.05
C ILE E 201 58.68 -55.28 9.07
N ASN E 202 58.40 -55.79 10.27
CA ASN E 202 57.45 -56.88 10.47
C ASN E 202 56.11 -56.31 10.93
N ALA E 203 55.06 -56.53 10.14
CA ALA E 203 53.73 -56.08 10.47
C ALA E 203 52.81 -57.20 10.94
N SER E 204 53.32 -58.42 11.05
CA SER E 204 52.50 -59.54 11.49
C SER E 204 52.11 -59.38 12.94
N GLY E 205 50.88 -59.76 13.26
CA GLY E 205 50.38 -59.60 14.61
C GLY E 205 50.22 -58.17 15.07
N VAL E 206 50.31 -57.20 14.16
CA VAL E 206 50.17 -55.79 14.49
C VAL E 206 48.74 -55.41 14.09
N ASP E 207 47.83 -55.43 15.07
CA ASP E 207 46.44 -55.14 14.80
C ASP E 207 46.27 -53.66 14.49
N ALA E 208 46.31 -53.31 13.20
CA ALA E 208 46.20 -51.91 12.80
C ALA E 208 44.78 -51.40 12.99
N LYS E 209 43.79 -52.23 12.68
CA LYS E 209 42.39 -51.86 12.85
C LYS E 209 42.12 -51.37 14.27
N ALA E 210 42.45 -52.21 15.25
CA ALA E 210 42.13 -51.88 16.64
C ALA E 210 42.97 -50.70 17.15
N ILE E 211 44.26 -50.65 16.79
CA ILE E 211 45.14 -49.62 17.34
C ILE E 211 44.82 -48.25 16.73
N LEU E 212 44.65 -48.20 15.41
CA LEU E 212 44.42 -46.92 14.74
C LEU E 212 42.95 -46.49 14.79
N SER E 213 42.04 -47.42 15.08
CA SER E 213 40.64 -47.10 15.25
C SER E 213 40.24 -47.06 16.72
N ALA E 214 41.19 -47.32 17.61
CA ALA E 214 40.95 -47.16 19.05
C ALA E 214 40.59 -45.73 19.37
N ARG E 215 39.53 -45.57 20.17
CA ARG E 215 39.00 -44.25 20.51
C ARG E 215 39.99 -43.55 21.43
N LEU E 216 41.01 -42.94 20.81
CA LEU E 216 42.06 -42.26 21.55
C LEU E 216 42.56 -41.08 20.72
N SER E 217 43.48 -40.32 21.30
CA SER E 217 44.06 -39.18 20.62
C SER E 217 45.05 -39.66 19.57
N LYS E 218 45.43 -38.74 18.68
CA LYS E 218 46.29 -39.11 17.55
C LYS E 218 47.68 -39.52 18.03
N SER E 219 48.35 -38.63 18.76
CA SER E 219 49.68 -38.93 19.29
C SER E 219 49.67 -40.18 20.16
N ARG E 220 48.61 -40.40 20.92
CA ARG E 220 48.55 -41.57 21.78
C ARG E 220 48.45 -42.86 20.97
N ARG E 221 47.60 -42.87 19.94
CA ARG E 221 47.53 -44.02 19.05
C ARG E 221 48.86 -44.28 18.38
N LEU E 222 49.56 -43.22 17.96
CA LEU E 222 50.87 -43.39 17.35
C LEU E 222 51.87 -44.01 18.33
N GLU E 223 51.89 -43.51 19.57
CA GLU E 223 52.76 -44.09 20.59
C GLU E 223 52.45 -45.56 20.81
N ASN E 224 51.16 -45.90 20.89
CA ASN E 224 50.76 -47.29 21.09
C ASN E 224 51.22 -48.17 19.94
N LEU E 225 51.03 -47.70 18.70
CA LEU E 225 51.42 -48.51 17.55
C LEU E 225 52.93 -48.69 17.47
N ILE E 226 53.69 -47.63 17.79
CA ILE E 226 55.15 -47.73 17.74
C ILE E 226 55.66 -48.65 18.84
N ALA E 227 55.05 -48.59 20.03
CA ALA E 227 55.46 -49.47 21.12
C ALA E 227 55.30 -50.94 20.74
N GLN E 228 54.31 -51.26 19.90
CA GLN E 228 54.12 -52.63 19.44
C GLN E 228 55.15 -53.05 18.40
N LEU E 229 56.00 -52.13 17.94
CA LEU E 229 57.04 -52.42 16.95
C LEU E 229 58.40 -52.16 17.56
N PRO E 230 59.06 -53.19 18.10
CA PRO E 230 60.40 -52.98 18.68
C PRO E 230 61.43 -52.67 17.61
N GLY E 231 62.33 -51.74 17.94
CA GLY E 231 63.35 -51.27 17.02
C GLY E 231 62.93 -50.11 16.14
N GLU E 232 61.77 -49.51 16.39
CA GLU E 232 61.31 -48.33 15.67
C GLU E 232 60.75 -47.33 16.66
N LYS E 233 60.81 -46.05 16.30
CA LYS E 233 60.39 -44.98 17.18
C LYS E 233 59.47 -44.02 16.45
N LYS E 234 58.78 -43.21 17.24
CA LYS E 234 57.74 -42.32 16.72
C LYS E 234 58.33 -41.31 15.74
N ASN E 235 59.54 -40.83 16.01
CA ASN E 235 60.21 -39.90 15.11
C ASN E 235 60.93 -40.61 13.98
N GLY E 236 60.82 -41.94 13.88
CA GLY E 236 61.39 -42.67 12.77
C GLY E 236 60.57 -42.52 11.50
N LEU E 237 61.08 -43.11 10.41
CA LEU E 237 60.43 -43.00 9.12
C LEU E 237 59.03 -43.64 9.15
N PHE E 238 58.95 -44.89 9.58
CA PHE E 238 57.65 -45.55 9.68
C PHE E 238 56.75 -44.84 10.69
N GLY E 239 57.33 -44.38 11.81
CA GLY E 239 56.57 -43.57 12.74
C GLY E 239 56.05 -42.29 12.13
N ASN E 240 56.87 -41.64 11.30
CA ASN E 240 56.44 -40.42 10.63
C ASN E 240 55.33 -40.71 9.62
N LEU E 241 55.39 -41.87 8.95
CA LEU E 241 54.32 -42.23 8.03
C LEU E 241 53.01 -42.49 8.78
N ILE E 242 53.08 -43.20 9.91
CA ILE E 242 51.88 -43.41 10.71
C ILE E 242 51.36 -42.08 11.26
N ALA E 243 52.25 -41.15 11.58
CA ALA E 243 51.83 -39.82 12.02
C ALA E 243 51.10 -39.09 10.91
N LEU E 244 51.64 -39.14 9.69
CA LEU E 244 50.97 -38.51 8.56
C LEU E 244 49.61 -39.14 8.30
N SER E 245 49.50 -40.45 8.49
CA SER E 245 48.21 -41.12 8.30
C SER E 245 47.22 -40.75 9.40
N LEU E 246 47.68 -40.59 10.64
CA LEU E 246 46.77 -40.26 11.73
C LEU E 246 46.27 -38.83 11.68
N GLY E 247 46.91 -37.96 10.90
CA GLY E 247 46.50 -36.57 10.79
C GLY E 247 47.43 -35.58 11.44
N LEU E 248 48.45 -36.06 12.18
CA LEU E 248 49.43 -35.18 12.77
C LEU E 248 50.29 -34.54 11.69
N THR E 249 51.12 -33.57 12.11
CA THR E 249 52.01 -32.85 11.20
C THR E 249 53.46 -33.22 11.49
N PRO E 250 54.00 -34.27 10.86
CA PRO E 250 55.41 -34.60 11.06
C PRO E 250 56.32 -33.86 10.09
N ASN E 251 57.56 -33.69 10.52
CA ASN E 251 58.61 -33.08 9.71
C ASN E 251 59.65 -34.14 9.37
N PHE E 252 59.84 -34.38 8.08
CA PHE E 252 60.78 -35.39 7.60
C PHE E 252 62.21 -34.86 7.46
N LYS E 253 62.57 -33.85 8.26
CA LYS E 253 63.91 -33.29 8.18
C LYS E 253 64.94 -34.17 8.88
N SER E 254 64.53 -34.89 9.91
CA SER E 254 65.47 -35.74 10.65
C SER E 254 65.69 -37.08 9.96
N ASN E 255 64.63 -37.67 9.39
CA ASN E 255 64.79 -38.97 8.75
C ASN E 255 65.68 -38.90 7.53
N PHE E 256 65.58 -37.83 6.76
CA PHE E 256 66.42 -37.60 5.60
C PHE E 256 67.46 -36.54 5.96
N ASP E 257 68.28 -36.15 5.00
CA ASP E 257 69.34 -35.17 5.24
C ASP E 257 69.06 -33.90 4.42
N LEU E 258 68.12 -33.10 4.90
CA LEU E 258 67.79 -31.81 4.28
C LEU E 258 68.13 -30.68 5.23
N ALA E 259 68.16 -29.47 4.67
CA ALA E 259 68.31 -28.23 5.43
C ALA E 259 67.01 -27.46 5.56
N GLU E 260 66.01 -27.78 4.75
CA GLU E 260 64.70 -27.14 4.79
C GLU E 260 63.75 -27.95 5.68
N ASP E 261 62.74 -27.26 6.21
CA ASP E 261 61.73 -27.88 7.08
C ASP E 261 60.53 -28.30 6.23
N ALA E 262 60.37 -29.61 6.03
CA ALA E 262 59.27 -30.14 5.23
C ALA E 262 58.20 -30.69 6.17
N LYS E 263 57.34 -29.80 6.65
CA LYS E 263 56.20 -30.21 7.45
C LYS E 263 55.07 -30.64 6.53
N LEU E 264 54.45 -31.78 6.84
CA LEU E 264 53.38 -32.32 6.01
C LEU E 264 52.17 -32.64 6.87
N GLN E 265 51.02 -32.09 6.48
CA GLN E 265 49.74 -32.45 7.08
C GLN E 265 48.74 -32.67 5.97
N LEU E 266 48.00 -33.79 6.04
CA LEU E 266 47.08 -34.14 4.97
C LEU E 266 45.90 -33.18 4.88
N SER E 267 45.55 -32.53 5.99
CA SER E 267 44.39 -31.65 5.96
C SER E 267 44.68 -30.35 5.25
N LYS E 268 45.93 -29.87 5.28
CA LYS E 268 46.27 -28.62 4.63
C LYS E 268 46.09 -28.73 3.11
N ASP E 269 45.72 -27.61 2.50
CA ASP E 269 45.47 -27.59 1.06
C ASP E 269 46.75 -27.63 0.22
N THR E 270 47.90 -27.32 0.81
CA THR E 270 49.16 -27.29 0.07
C THR E 270 49.83 -28.65 -0.04
N TYR E 271 49.23 -29.71 0.53
CA TYR E 271 49.92 -30.99 0.68
C TYR E 271 50.41 -31.55 -0.66
N ASP E 272 49.60 -31.45 -1.72
CA ASP E 272 50.03 -31.98 -3.02
C ASP E 272 51.37 -31.39 -3.45
N ASP E 273 51.49 -30.07 -3.38
CA ASP E 273 52.72 -29.42 -3.82
C ASP E 273 53.83 -29.56 -2.79
N ASP E 274 53.50 -29.64 -1.50
CA ASP E 274 54.52 -29.89 -0.49
C ASP E 274 55.15 -31.26 -0.68
N LEU E 275 54.32 -32.27 -0.97
CA LEU E 275 54.83 -33.60 -1.24
C LEU E 275 55.65 -33.61 -2.53
N ASP E 276 55.21 -32.88 -3.55
CA ASP E 276 56.01 -32.80 -4.77
C ASP E 276 57.36 -32.13 -4.52
N ASN E 277 57.38 -31.10 -3.67
CA ASN E 277 58.65 -30.49 -3.25
C ASN E 277 59.57 -31.49 -2.56
N LEU E 278 59.04 -32.17 -1.52
CA LEU E 278 59.87 -33.12 -0.79
C LEU E 278 60.39 -34.22 -1.72
N LEU E 279 59.57 -34.64 -2.69
CA LEU E 279 60.02 -35.64 -3.65
C LEU E 279 61.02 -35.07 -4.64
N ALA E 280 60.93 -33.78 -4.95
CA ALA E 280 61.97 -33.15 -5.75
C ALA E 280 63.29 -33.07 -4.99
N GLN E 281 63.24 -33.10 -3.66
CA GLN E 281 64.44 -33.19 -2.86
C GLN E 281 64.91 -34.62 -2.63
N ILE E 282 64.01 -35.60 -2.71
CA ILE E 282 64.33 -36.98 -2.40
C ILE E 282 64.24 -37.90 -3.62
N GLY E 283 63.65 -37.44 -4.72
CA GLY E 283 63.46 -38.23 -5.93
C GLY E 283 61.99 -38.63 -6.06
N ASP E 284 61.50 -38.63 -7.31
CA ASP E 284 60.08 -38.88 -7.52
C ASP E 284 59.72 -40.36 -7.45
N GLN E 285 60.70 -41.24 -7.36
CA GLN E 285 60.46 -42.68 -7.29
C GLN E 285 60.01 -43.13 -5.91
N TYR E 286 59.88 -42.20 -4.96
CA TYR E 286 59.53 -42.49 -3.57
C TYR E 286 58.09 -42.13 -3.24
N ALA E 287 57.30 -41.73 -4.24
CA ALA E 287 55.94 -41.26 -3.99
C ALA E 287 55.04 -42.36 -3.41
N ASP E 288 55.16 -43.58 -3.93
CA ASP E 288 54.24 -44.64 -3.56
C ASP E 288 54.07 -44.75 -2.05
N LEU E 289 55.16 -44.60 -1.30
CA LEU E 289 55.08 -44.79 0.13
C LEU E 289 54.15 -43.78 0.76
N PHE E 290 54.37 -42.50 0.46
CA PHE E 290 53.49 -41.49 1.04
C PHE E 290 52.06 -41.67 0.55
N LEU E 291 51.86 -42.10 -0.71
CA LEU E 291 50.51 -42.32 -1.17
C LEU E 291 49.85 -43.46 -0.40
N ALA E 292 50.60 -44.53 -0.12
CA ALA E 292 50.04 -45.57 0.74
C ALA E 292 49.65 -45.00 2.10
N ALA E 293 50.51 -44.15 2.68
CA ALA E 293 50.16 -43.51 3.94
C ALA E 293 48.84 -42.77 3.82
N LYS E 294 48.66 -42.00 2.73
CA LYS E 294 47.40 -41.28 2.57
C LYS E 294 46.22 -42.25 2.50
N ASN E 295 46.39 -43.36 1.77
CA ASN E 295 45.33 -44.36 1.76
C ASN E 295 45.00 -44.83 3.18
N LEU E 296 46.04 -45.12 3.98
CA LEU E 296 45.79 -45.52 5.36
C LEU E 296 45.01 -44.45 6.11
N SER E 297 45.35 -43.18 5.88
CA SER E 297 44.61 -42.10 6.53
C SER E 297 43.14 -42.17 6.16
N ASP E 298 42.84 -42.31 4.86
CA ASP E 298 41.45 -42.47 4.46
C ASP E 298 40.80 -43.61 5.24
N ALA E 299 41.49 -44.75 5.33
CA ALA E 299 40.92 -45.88 6.07
C ALA E 299 40.59 -45.48 7.49
N ILE E 300 41.52 -44.80 8.16
CA ILE E 300 41.28 -44.42 9.55
C ILE E 300 40.05 -43.52 9.64
N LEU E 301 39.97 -42.51 8.76
CA LEU E 301 38.80 -41.63 8.76
C LEU E 301 37.52 -42.44 8.58
N LEU E 302 37.51 -43.36 7.61
CA LEU E 302 36.31 -44.17 7.39
C LEU E 302 36.00 -45.03 8.60
N SER E 303 37.03 -45.56 9.29
CA SER E 303 36.78 -46.31 10.51
C SER E 303 36.16 -45.43 11.58
N ASP E 304 36.48 -44.13 11.59
CA ASP E 304 35.82 -43.21 12.50
C ASP E 304 34.36 -42.98 12.11
N ILE E 305 34.05 -43.04 10.82
CA ILE E 305 32.71 -42.72 10.33
C ILE E 305 31.88 -43.98 10.05
N LEU E 306 32.41 -44.94 9.30
CA LEU E 306 31.65 -46.10 8.86
C LEU E 306 31.90 -47.26 9.81
N ARG E 307 30.83 -47.73 10.47
CA ARG E 307 30.89 -48.80 11.44
C ARG E 307 30.14 -50.05 10.97
N VAL E 308 30.21 -50.33 9.67
CA VAL E 308 29.56 -51.49 9.08
C VAL E 308 30.44 -52.03 7.96
N ASN E 309 30.27 -53.32 7.67
CA ASN E 309 31.00 -53.95 6.58
C ASN E 309 30.62 -53.32 5.25
N THR E 310 31.63 -52.93 4.47
CA THR E 310 31.43 -52.22 3.22
C THR E 310 31.18 -53.16 2.04
N GLU E 311 30.96 -54.44 2.28
CA GLU E 311 30.74 -55.40 1.20
C GLU E 311 29.27 -55.76 1.00
N ILE E 312 28.42 -55.55 2.00
CA ILE E 312 27.03 -55.96 1.89
C ILE E 312 26.18 -54.92 1.16
N THR E 313 26.55 -53.64 1.20
CA THR E 313 25.74 -52.60 0.58
C THR E 313 26.64 -51.49 0.04
N LYS E 314 26.17 -50.83 -1.02
CA LYS E 314 26.82 -49.65 -1.56
C LYS E 314 26.37 -48.37 -0.85
N ALA E 315 25.70 -48.50 0.29
CA ALA E 315 25.27 -47.35 1.09
C ALA E 315 25.75 -47.60 2.51
N PRO E 316 27.06 -47.40 2.76
CA PRO E 316 27.58 -47.72 4.10
C PRO E 316 27.15 -46.73 5.17
N LEU E 317 27.03 -45.44 4.85
CA LEU E 317 26.67 -44.46 5.87
C LEU E 317 25.22 -44.63 6.31
N SER E 318 24.31 -44.73 5.34
CA SER E 318 22.91 -45.02 5.67
C SER E 318 22.80 -46.33 6.41
N ALA E 319 23.63 -47.32 6.06
CA ALA E 319 23.61 -48.60 6.76
C ALA E 319 24.05 -48.43 8.21
N SER E 320 25.03 -47.56 8.46
CA SER E 320 25.46 -47.32 9.83
C SER E 320 24.38 -46.59 10.62
N MET E 321 23.68 -45.66 9.99
CA MET E 321 22.55 -45.00 10.66
C MET E 321 21.45 -46.01 10.98
N ILE E 322 21.18 -46.94 10.05
CA ILE E 322 20.18 -47.97 10.31
C ILE E 322 20.64 -48.90 11.42
N LYS E 323 21.95 -49.17 11.51
CA LYS E 323 22.50 -49.90 12.64
C LYS E 323 22.23 -49.18 13.95
N ARG E 324 22.48 -47.87 13.97
CA ARG E 324 22.13 -47.05 15.12
C ARG E 324 20.67 -47.24 15.49
N TYR E 325 19.78 -47.14 14.50
CA TYR E 325 18.35 -47.23 14.76
C TYR E 325 17.96 -48.59 15.34
N ASP E 326 18.48 -49.67 14.74
CA ASP E 326 18.14 -51.01 15.20
C ASP E 326 18.65 -51.25 16.61
N GLU E 327 19.89 -50.83 16.90
CA GLU E 327 20.42 -51.00 18.24
C GLU E 327 19.63 -50.15 19.24
N HIS E 328 19.22 -48.95 18.85
CA HIS E 328 18.37 -48.12 19.70
C HIS E 328 17.08 -48.84 20.03
N HIS E 329 16.45 -49.43 19.01
CA HIS E 329 15.19 -50.14 19.22
C HIS E 329 15.37 -51.30 20.19
N GLN E 330 16.39 -52.14 19.95
CA GLN E 330 16.62 -53.31 20.80
C GLN E 330 16.94 -52.90 22.22
N ASP E 331 17.84 -51.92 22.39
CA ASP E 331 18.24 -51.49 23.72
C ASP E 331 17.09 -50.82 24.47
N LEU E 332 16.23 -50.08 23.76
CA LEU E 332 15.08 -49.48 24.42
C LEU E 332 14.09 -50.55 24.87
N THR E 333 13.86 -51.58 24.04
CA THR E 333 13.01 -52.69 24.46
C THR E 333 13.57 -53.35 25.72
N LEU E 334 14.86 -53.67 25.70
CA LEU E 334 15.49 -54.33 26.85
C LEU E 334 15.42 -53.45 28.10
N LEU E 335 15.71 -52.15 27.95
CA LEU E 335 15.68 -51.25 29.09
C LEU E 335 14.28 -51.10 29.65
N LYS E 336 13.27 -51.00 28.78
CA LYS E 336 11.89 -50.90 29.26
C LYS E 336 11.49 -52.14 30.03
N ALA E 337 11.82 -53.32 29.51
CA ALA E 337 11.49 -54.56 30.22
C ALA E 337 12.19 -54.61 31.57
N LEU E 338 13.49 -54.32 31.60
CA LEU E 338 14.27 -54.39 32.83
C LEU E 338 13.74 -53.41 33.87
N VAL E 339 13.43 -52.18 33.45
CA VAL E 339 12.94 -51.18 34.39
C VAL E 339 11.55 -51.55 34.90
N ARG E 340 10.69 -52.06 34.00
CA ARG E 340 9.38 -52.53 34.44
C ARG E 340 9.50 -53.64 35.48
N GLN E 341 10.53 -54.47 35.38
CA GLN E 341 10.65 -55.58 36.33
C GLN E 341 11.31 -55.15 37.63
N GLN E 342 12.44 -54.45 37.56
CA GLN E 342 13.29 -54.20 38.72
C GLN E 342 13.01 -52.86 39.40
N LEU E 343 12.96 -51.77 38.65
CA LEU E 343 12.75 -50.42 39.19
C LEU E 343 11.44 -49.86 38.65
N PRO E 344 10.30 -50.44 39.05
CA PRO E 344 9.04 -50.06 38.40
C PRO E 344 8.55 -48.68 38.79
N GLU E 345 9.02 -48.12 39.91
CA GLU E 345 8.56 -46.80 40.31
C GLU E 345 9.19 -45.69 39.47
N LYS E 346 10.38 -45.94 38.93
CA LYS E 346 11.07 -44.94 38.13
C LYS E 346 10.58 -44.87 36.68
N TYR E 347 9.86 -45.90 36.23
CA TYR E 347 9.48 -45.99 34.82
C TYR E 347 8.83 -44.69 34.33
N LYS E 348 7.89 -44.15 35.11
CA LYS E 348 7.26 -42.89 34.73
C LYS E 348 8.28 -41.76 34.68
N GLU E 349 9.13 -41.66 35.70
CA GLU E 349 10.16 -40.63 35.69
C GLU E 349 11.08 -40.75 34.49
N ILE E 350 11.36 -41.98 34.04
CA ILE E 350 12.33 -42.17 32.98
C ILE E 350 11.70 -41.94 31.61
N PHE E 351 10.45 -42.37 31.42
CA PHE E 351 9.83 -42.40 30.10
C PHE E 351 8.63 -41.47 29.95
N PHE E 352 8.40 -40.57 30.91
CA PHE E 352 7.26 -39.67 30.83
C PHE E 352 7.54 -38.25 31.31
N ASP E 353 8.62 -38.00 32.03
CA ASP E 353 8.90 -36.68 32.61
C ASP E 353 9.93 -35.97 31.74
N GLN E 354 9.46 -35.15 30.81
CA GLN E 354 10.38 -34.38 29.98
C GLN E 354 11.23 -33.42 30.78
N SER E 355 10.77 -33.02 31.98
CA SER E 355 11.57 -32.14 32.82
C SER E 355 12.78 -32.87 33.37
N LYS E 356 12.70 -34.19 33.53
CA LYS E 356 13.83 -35.00 33.94
C LYS E 356 14.65 -35.40 32.71
N ASN E 357 15.90 -35.81 32.97
CA ASN E 357 16.83 -36.18 31.91
C ASN E 357 16.78 -37.67 31.56
N GLY E 358 15.63 -38.32 31.75
CA GLY E 358 15.46 -39.69 31.33
C GLY E 358 15.25 -39.78 29.83
N TYR E 359 14.74 -40.94 29.40
CA TYR E 359 14.47 -41.12 27.98
C TYR E 359 13.42 -40.13 27.49
N ALA E 360 12.49 -39.73 28.37
CA ALA E 360 11.49 -38.74 27.98
C ALA E 360 12.12 -37.38 27.74
N GLY E 361 12.96 -36.93 28.67
CA GLY E 361 13.69 -35.69 28.46
C GLY E 361 14.79 -35.79 27.43
N TYR E 362 15.24 -37.02 27.13
CA TYR E 362 16.25 -37.20 26.10
C TYR E 362 15.65 -37.11 24.71
N ILE E 363 14.45 -37.64 24.52
CA ILE E 363 13.79 -37.60 23.22
C ILE E 363 12.92 -36.36 23.08
N ASP E 364 12.03 -36.11 24.03
CA ASP E 364 11.09 -35.00 23.92
C ASP E 364 11.57 -33.74 24.63
N GLY E 365 12.31 -33.87 25.73
CA GLY E 365 12.90 -32.73 26.37
C GLY E 365 14.17 -32.28 25.67
N GLY E 366 14.79 -31.25 26.25
CA GLY E 366 16.02 -30.72 25.70
C GLY E 366 17.29 -31.38 26.18
N ALA E 367 17.20 -32.53 26.83
CA ALA E 367 18.37 -33.17 27.41
C ALA E 367 19.30 -33.68 26.31
N SER E 368 20.59 -33.45 26.49
CA SER E 368 21.60 -33.90 25.54
C SER E 368 21.94 -35.36 25.79
N GLN E 369 22.64 -35.95 24.83
CA GLN E 369 23.11 -37.33 24.98
C GLN E 369 23.99 -37.48 26.22
N GLU E 370 24.86 -36.50 26.46
CA GLU E 370 25.70 -36.51 27.66
C GLU E 370 24.85 -36.44 28.92
N GLU E 371 23.87 -35.53 28.93
CA GLU E 371 22.99 -35.40 30.09
C GLU E 371 22.20 -36.68 30.34
N PHE E 372 21.69 -37.29 29.27
CA PHE E 372 20.92 -38.52 29.43
C PHE E 372 21.79 -39.66 29.94
N TYR E 373 23.01 -39.78 29.41
CA TYR E 373 23.93 -40.79 29.92
C TYR E 373 24.24 -40.57 31.39
N LYS E 374 24.49 -39.31 31.78
CA LYS E 374 24.77 -39.02 33.18
C LYS E 374 23.57 -39.35 34.07
N PHE E 375 22.35 -39.13 33.56
CA PHE E 375 21.17 -39.42 34.36
C PHE E 375 20.93 -40.91 34.51
N ILE E 376 21.23 -41.70 33.47
CA ILE E 376 20.81 -43.10 33.45
C ILE E 376 21.94 -44.07 33.81
N LYS E 377 23.19 -43.61 33.88
CA LYS E 377 24.28 -44.52 34.25
C LYS E 377 24.09 -45.12 35.65
N PRO E 378 23.76 -44.36 36.71
CA PRO E 378 23.51 -45.01 38.00
C PRO E 378 22.33 -45.97 37.97
N ILE E 379 21.29 -45.68 37.19
CA ILE E 379 20.15 -46.59 37.10
C ILE E 379 20.57 -47.91 36.46
N LEU E 380 21.45 -47.85 35.45
CA LEU E 380 21.94 -49.09 34.85
C LEU E 380 22.86 -49.84 35.80
N GLU E 381 23.72 -49.13 36.54
CA GLU E 381 24.60 -49.80 37.49
C GLU E 381 23.82 -50.41 38.64
N LYS E 382 22.68 -49.83 38.99
CA LYS E 382 21.87 -50.30 40.10
C LYS E 382 21.14 -51.60 39.78
N MET E 383 20.93 -51.90 38.50
CA MET E 383 20.09 -53.00 38.08
C MET E 383 20.96 -54.19 37.61
N ASP E 384 20.29 -55.23 37.13
CA ASP E 384 20.95 -56.43 36.65
C ASP E 384 20.59 -56.68 35.19
N GLY E 385 21.55 -57.25 34.45
CA GLY E 385 21.39 -57.47 33.03
C GLY E 385 21.71 -56.28 32.16
N THR E 386 22.36 -55.25 32.72
CA THR E 386 22.66 -54.02 32.01
C THR E 386 24.15 -53.91 31.68
N GLU E 387 24.82 -55.04 31.51
CA GLU E 387 26.27 -55.03 31.28
C GLU E 387 26.59 -54.51 29.89
N GLU E 388 25.95 -55.06 28.86
CA GLU E 388 26.20 -54.59 27.50
C GLU E 388 25.71 -53.16 27.32
N LEU E 389 24.60 -52.80 27.96
CA LEU E 389 24.12 -51.43 27.91
C LEU E 389 25.14 -50.48 28.54
N LEU E 390 25.78 -50.89 29.63
CA LEU E 390 26.79 -50.04 30.26
C LEU E 390 28.04 -49.95 29.40
N VAL E 391 28.42 -51.04 28.74
CA VAL E 391 29.55 -51.00 27.82
C VAL E 391 29.27 -50.02 26.69
N LYS E 392 28.06 -50.08 26.12
CA LYS E 392 27.68 -49.14 25.06
C LYS E 392 27.59 -47.71 25.58
N LEU E 393 27.19 -47.53 26.84
CA LEU E 393 27.08 -46.19 27.41
C LEU E 393 28.46 -45.57 27.57
N ASN E 394 29.41 -46.32 28.12
CA ASN E 394 30.77 -45.81 28.25
C ASN E 394 31.46 -45.71 26.90
N ARG E 395 30.95 -46.40 25.88
CA ARG E 395 31.42 -46.24 24.52
C ARG E 395 30.75 -45.10 23.77
N GLU E 396 29.87 -44.34 24.44
CA GLU E 396 29.09 -43.27 23.82
C GLU E 396 28.35 -43.80 22.60
N ASP E 397 27.71 -44.96 22.77
CA ASP E 397 27.06 -45.66 21.67
C ASP E 397 25.78 -46.37 22.13
N LEU E 398 25.08 -45.80 23.09
CA LEU E 398 23.86 -46.38 23.65
C LEU E 398 22.67 -45.48 23.32
N LEU E 399 21.64 -46.07 22.70
CA LEU E 399 20.41 -45.35 22.38
C LEU E 399 20.70 -44.12 21.54
N ARG E 400 21.64 -44.24 20.61
CA ARG E 400 22.09 -43.10 19.84
C ARG E 400 21.04 -42.66 18.84
N LYS E 401 21.06 -41.37 18.52
CA LYS E 401 20.26 -40.83 17.43
C LYS E 401 21.09 -40.79 16.15
N GLN E 402 20.40 -40.71 15.02
CA GLN E 402 21.10 -40.68 13.74
C GLN E 402 21.67 -39.30 13.45
N ARG E 403 20.90 -38.26 13.72
CA ARG E 403 21.33 -36.87 13.52
C ARG E 403 21.86 -36.34 14.85
N THR E 404 23.18 -36.19 14.94
CA THR E 404 23.84 -35.87 16.20
C THR E 404 25.03 -34.93 15.94
N PHE E 405 25.67 -34.52 17.03
CA PHE E 405 26.69 -33.48 17.00
C PHE E 405 27.98 -33.91 16.29
N ASP E 406 28.27 -35.21 16.27
CA ASP E 406 29.55 -35.68 15.73
C ASP E 406 29.52 -35.93 14.23
N ASN E 407 28.34 -35.87 13.60
CA ASN E 407 28.21 -36.09 12.18
C ASN E 407 28.98 -35.06 11.37
N GLY E 408 29.59 -34.08 12.05
CA GLY E 408 30.50 -33.18 11.38
C GLY E 408 31.73 -33.85 10.80
N SER E 409 31.97 -35.12 11.13
CA SER E 409 33.10 -35.83 10.54
C SER E 409 32.82 -36.31 9.12
N ILE E 410 31.55 -36.55 8.78
CA ILE E 410 31.16 -37.15 7.50
C ILE E 410 31.55 -36.24 6.34
N PRO E 411 32.43 -36.68 5.44
CA PRO E 411 32.77 -35.86 4.28
C PRO E 411 31.69 -35.95 3.21
N HIS E 412 31.70 -34.94 2.33
CA HIS E 412 30.69 -34.87 1.28
C HIS E 412 30.82 -36.00 0.26
N GLN E 413 31.98 -36.67 0.21
CA GLN E 413 32.16 -37.76 -0.74
C GLN E 413 31.21 -38.91 -0.46
N ILE E 414 30.88 -39.16 0.80
CA ILE E 414 30.01 -40.29 1.14
C ILE E 414 28.58 -40.01 0.69
N HIS E 415 28.04 -38.87 1.11
CA HIS E 415 26.72 -38.46 0.63
C HIS E 415 26.68 -38.41 -0.88
N LEU E 416 27.76 -37.95 -1.51
CA LEU E 416 27.81 -37.89 -2.97
C LEU E 416 27.76 -39.30 -3.57
N GLY E 417 28.45 -40.25 -2.96
CA GLY E 417 28.39 -41.62 -3.43
C GLY E 417 26.98 -42.19 -3.36
N GLU E 418 26.29 -41.94 -2.25
CA GLU E 418 24.92 -42.43 -2.13
C GLU E 418 23.99 -41.75 -3.14
N LEU E 419 24.16 -40.44 -3.34
CA LEU E 419 23.35 -39.72 -4.31
C LEU E 419 23.59 -40.25 -5.72
N HIS E 420 24.87 -40.46 -6.08
CA HIS E 420 25.20 -40.98 -7.40
C HIS E 420 24.67 -42.38 -7.60
N ALA E 421 24.70 -43.21 -6.54
CA ALA E 421 24.13 -44.54 -6.63
C ALA E 421 22.62 -44.49 -6.88
N ILE E 422 21.91 -43.61 -6.17
CA ILE E 422 20.46 -43.49 -6.40
C ILE E 422 20.18 -43.02 -7.82
N LEU E 423 20.94 -42.02 -8.28
CA LEU E 423 20.71 -41.49 -9.62
C LEU E 423 20.99 -42.53 -10.69
N ARG E 424 22.05 -43.33 -10.51
CA ARG E 424 22.31 -44.42 -11.46
C ARG E 424 21.20 -45.47 -11.43
N ARG E 425 20.74 -45.85 -10.23
CA ARG E 425 19.73 -46.90 -10.13
C ARG E 425 18.41 -46.46 -10.76
N GLN E 426 18.04 -45.19 -10.61
CA GLN E 426 16.72 -44.75 -11.04
C GLN E 426 16.74 -43.99 -12.36
N GLU E 427 17.93 -43.72 -12.94
CA GLU E 427 17.96 -43.09 -14.25
C GLU E 427 17.55 -44.04 -15.35
N ASP E 428 17.55 -45.36 -15.08
CA ASP E 428 17.07 -46.31 -16.06
C ASP E 428 15.59 -46.11 -16.35
N PHE E 429 14.83 -45.63 -15.37
CA PHE E 429 13.40 -45.43 -15.52
C PHE E 429 12.99 -43.98 -15.77
N TYR E 430 13.84 -43.02 -15.42
CA TYR E 430 13.51 -41.60 -15.56
C TYR E 430 14.54 -40.91 -16.44
N PRO E 431 14.20 -40.62 -17.70
CA PRO E 431 15.19 -39.98 -18.59
C PRO E 431 15.71 -38.64 -18.11
N PHE E 432 14.86 -37.83 -17.47
CA PHE E 432 15.31 -36.51 -17.04
C PHE E 432 16.35 -36.60 -15.94
N LEU E 433 16.26 -37.61 -15.07
CA LEU E 433 17.30 -37.83 -14.07
C LEU E 433 18.63 -38.14 -14.75
N LYS E 434 18.61 -38.99 -15.77
CA LYS E 434 19.82 -39.36 -16.50
C LYS E 434 20.42 -38.16 -17.24
N ASP E 435 19.57 -37.33 -17.84
CA ASP E 435 20.06 -36.20 -18.62
C ASP E 435 20.64 -35.10 -17.74
N ASN E 436 20.10 -34.91 -16.53
CA ASN E 436 20.52 -33.84 -15.63
C ASN E 436 21.27 -34.38 -14.41
N ARG E 437 21.76 -35.62 -14.49
CA ARG E 437 22.45 -36.23 -13.35
C ARG E 437 23.65 -35.39 -12.90
N GLU E 438 24.49 -35.00 -13.85
CA GLU E 438 25.65 -34.19 -13.47
C GLU E 438 25.25 -32.83 -12.93
N LYS E 439 24.11 -32.30 -13.38
CA LYS E 439 23.60 -31.06 -12.78
C LYS E 439 23.31 -31.25 -11.29
N ILE E 440 22.70 -32.38 -10.93
CA ILE E 440 22.36 -32.62 -9.53
C ILE E 440 23.64 -32.86 -8.71
N GLU E 441 24.57 -33.63 -9.26
CA GLU E 441 25.85 -33.81 -8.58
C GLU E 441 26.56 -32.48 -8.38
N LYS E 442 26.46 -31.58 -9.36
CA LYS E 442 27.09 -30.26 -9.24
C LYS E 442 26.39 -29.42 -8.17
N ILE E 443 25.06 -29.49 -8.12
CA ILE E 443 24.31 -28.84 -7.04
C ILE E 443 24.86 -29.28 -5.69
N LEU E 444 25.13 -30.58 -5.54
CA LEU E 444 25.66 -31.05 -4.26
C LEU E 444 27.10 -30.56 -4.03
N THR E 445 27.95 -30.66 -5.05
CA THR E 445 29.39 -30.49 -4.84
C THR E 445 29.86 -29.04 -4.89
N PHE E 446 29.16 -28.16 -5.60
CA PHE E 446 29.70 -26.85 -5.88
C PHE E 446 29.88 -26.01 -4.62
N ARG E 447 31.03 -25.34 -4.53
CA ARG E 447 31.34 -24.39 -3.47
C ARG E 447 31.90 -23.12 -4.10
N ILE E 448 31.47 -21.98 -3.57
CA ILE E 448 32.10 -20.71 -3.96
C ILE E 448 33.50 -20.70 -3.34
N PRO E 449 34.55 -20.53 -4.14
CA PRO E 449 35.91 -20.53 -3.57
C PRO E 449 36.09 -19.37 -2.59
N TYR E 450 36.84 -19.62 -1.52
CA TYR E 450 37.05 -18.60 -0.50
C TYR E 450 37.70 -17.36 -1.08
N TYR E 451 38.52 -17.52 -2.12
CA TYR E 451 39.19 -16.38 -2.74
C TYR E 451 38.30 -15.63 -3.72
N VAL E 452 37.04 -16.01 -3.86
CA VAL E 452 36.10 -15.30 -4.71
C VAL E 452 35.20 -14.36 -3.91
N GLY E 453 34.67 -14.85 -2.79
CA GLY E 453 33.82 -14.04 -1.95
C GLY E 453 32.39 -13.96 -2.46
N PRO E 454 31.59 -13.08 -1.86
CA PRO E 454 30.18 -12.97 -2.24
C PRO E 454 30.01 -12.65 -3.71
N LEU E 455 28.97 -13.23 -4.31
CA LEU E 455 28.67 -13.05 -5.73
C LEU E 455 27.79 -11.81 -5.93
N ALA E 456 28.36 -10.66 -5.62
CA ALA E 456 27.63 -9.40 -5.68
C ALA E 456 27.68 -8.80 -7.08
N ARG E 457 26.93 -7.73 -7.26
CA ARG E 457 26.88 -7.00 -8.52
C ARG E 457 26.93 -5.50 -8.27
N GLY E 458 27.80 -5.07 -7.37
CA GLY E 458 28.00 -3.66 -7.10
C GLY E 458 27.27 -3.08 -5.93
N ASN E 459 26.76 -3.92 -5.01
CA ASN E 459 26.04 -3.42 -3.84
C ASN E 459 26.43 -4.17 -2.58
N SER E 460 27.65 -4.68 -2.51
CA SER E 460 28.16 -5.35 -1.31
C SER E 460 29.54 -4.80 -1.00
N ARG E 461 29.68 -4.17 0.16
CA ARG E 461 30.97 -3.66 0.60
C ARG E 461 31.95 -4.75 1.00
N PHE E 462 31.52 -6.01 0.99
CA PHE E 462 32.40 -7.13 1.30
C PHE E 462 32.95 -7.82 0.05
N ALA E 463 32.34 -7.61 -1.11
CA ALA E 463 32.69 -8.36 -2.30
C ALA E 463 33.88 -7.76 -3.02
N TRP E 464 34.64 -8.63 -3.70
CA TRP E 464 35.70 -8.22 -4.60
C TRP E 464 35.65 -8.94 -5.93
N MET E 465 34.72 -9.89 -6.10
CA MET E 465 34.64 -10.68 -7.32
C MET E 465 34.35 -9.80 -8.52
N THR E 466 34.96 -10.15 -9.66
CA THR E 466 34.70 -9.49 -10.94
C THR E 466 34.16 -10.52 -11.92
N ARG E 467 33.18 -10.11 -12.72
CA ARG E 467 32.48 -11.00 -13.62
C ARG E 467 33.03 -10.88 -15.04
N LYS E 468 33.08 -12.01 -15.75
CA LYS E 468 33.44 -11.98 -17.16
C LYS E 468 32.25 -11.55 -18.01
N SER E 469 31.05 -12.00 -17.65
CA SER E 469 29.81 -11.54 -18.25
C SER E 469 28.84 -11.23 -17.12
N GLU E 470 28.07 -10.15 -17.27
CA GLU E 470 27.16 -9.72 -16.23
C GLU E 470 25.83 -10.45 -16.41
N GLU E 471 25.66 -11.54 -15.68
CA GLU E 471 24.44 -12.33 -15.72
C GLU E 471 24.33 -13.10 -14.40
N THR E 472 23.30 -13.92 -14.29
CA THR E 472 23.10 -14.71 -13.08
C THR E 472 24.12 -15.84 -13.02
N ILE E 473 24.64 -16.08 -11.82
CA ILE E 473 25.68 -17.09 -11.59
C ILE E 473 25.03 -18.33 -11.01
N THR E 474 25.27 -19.47 -11.63
CA THR E 474 24.72 -20.75 -11.23
C THR E 474 25.86 -21.73 -10.99
N PRO E 475 25.62 -22.82 -10.26
CA PRO E 475 26.70 -23.80 -10.02
C PRO E 475 27.25 -24.40 -11.29
N TRP E 476 26.52 -24.32 -12.40
CA TRP E 476 26.95 -24.95 -13.65
C TRP E 476 27.65 -24.00 -14.60
N ASN E 477 27.40 -22.70 -14.50
CA ASN E 477 28.05 -21.71 -15.35
C ASN E 477 29.01 -20.82 -14.58
N PHE E 478 29.39 -21.25 -13.36
CA PHE E 478 30.28 -20.46 -12.53
C PHE E 478 31.61 -20.21 -13.23
N GLU E 479 32.20 -21.26 -13.81
CA GLU E 479 33.50 -21.14 -14.44
C GLU E 479 33.50 -20.16 -15.62
N GLU E 480 32.34 -19.92 -16.23
CA GLU E 480 32.26 -19.02 -17.37
C GLU E 480 31.96 -17.58 -16.97
N VAL E 481 31.21 -17.36 -15.89
CA VAL E 481 30.81 -16.02 -15.51
C VAL E 481 31.82 -15.38 -14.57
N VAL E 482 32.29 -16.11 -13.56
CA VAL E 482 33.25 -15.58 -12.60
C VAL E 482 34.65 -15.70 -13.16
N ASP E 483 35.43 -14.62 -13.05
CA ASP E 483 36.84 -14.60 -13.42
C ASP E 483 37.63 -15.01 -12.18
N LYS E 484 37.93 -16.30 -12.06
CA LYS E 484 38.62 -16.79 -10.88
C LYS E 484 39.99 -16.14 -10.72
N GLY E 485 40.66 -15.82 -11.82
CA GLY E 485 41.97 -15.19 -11.76
C GLY E 485 41.97 -13.80 -11.15
N ALA E 486 41.21 -12.89 -11.75
CA ALA E 486 41.12 -11.52 -11.22
C ALA E 486 40.57 -11.52 -9.80
N SER E 487 39.61 -12.41 -9.51
CA SER E 487 39.02 -12.45 -8.18
C SER E 487 40.03 -12.94 -7.14
N ALA E 488 40.81 -13.97 -7.46
CA ALA E 488 41.82 -14.45 -6.53
C ALA E 488 43.02 -13.52 -6.45
N GLN E 489 43.19 -12.64 -7.45
CA GLN E 489 44.19 -11.59 -7.33
C GLN E 489 43.72 -10.49 -6.37
N SER E 490 42.48 -10.03 -6.55
CA SER E 490 41.91 -9.04 -5.65
C SER E 490 41.84 -9.56 -4.22
N PHE E 491 41.54 -10.85 -4.04
CA PHE E 491 41.42 -11.42 -2.70
C PHE E 491 42.66 -11.13 -1.85
N ILE E 492 43.84 -11.13 -2.48
CA ILE E 492 45.06 -10.80 -1.77
C ILE E 492 45.35 -9.30 -1.81
N GLU E 493 45.09 -8.65 -2.95
CA GLU E 493 45.45 -7.24 -3.06
C GLU E 493 44.57 -6.33 -2.20
N ARG E 494 43.39 -6.80 -1.76
CA ARG E 494 42.59 -6.01 -0.83
C ARG E 494 43.27 -5.90 0.53
N MET E 495 44.02 -6.91 0.94
CA MET E 495 44.61 -6.96 2.28
C MET E 495 46.12 -6.74 2.27
N THR E 496 46.69 -6.28 1.17
CA THR E 496 48.10 -5.93 1.12
C THR E 496 48.26 -4.45 1.45
N ASN E 497 49.39 -4.13 2.08
CA ASN E 497 49.65 -2.75 2.48
C ASN E 497 49.86 -1.88 1.25
N PHE E 498 49.52 -0.61 1.38
CA PHE E 498 49.85 0.37 0.37
C PHE E 498 51.26 0.91 0.61
N ASP E 499 51.78 1.66 -0.35
CA ASP E 499 53.09 2.25 -0.17
C ASP E 499 53.05 3.29 0.94
N LYS E 500 54.13 3.36 1.72
CA LYS E 500 54.14 4.24 2.88
C LYS E 500 54.16 5.71 2.48
N ASN E 501 54.85 6.04 1.38
CA ASN E 501 54.94 7.43 0.94
C ASN E 501 53.83 7.82 -0.02
N LEU E 502 53.48 6.96 -0.97
CA LEU E 502 52.37 7.22 -1.89
C LEU E 502 51.26 6.21 -1.65
N PRO E 503 50.07 6.65 -1.24
CA PRO E 503 48.99 5.69 -0.95
C PRO E 503 48.28 5.14 -2.18
N ASN E 504 48.56 5.67 -3.37
CA ASN E 504 47.87 5.20 -4.57
C ASN E 504 48.62 4.07 -5.27
N GLU E 505 49.83 3.74 -4.84
CA GLU E 505 50.65 2.71 -5.49
C GLU E 505 50.73 1.50 -4.57
N LYS E 506 50.28 0.36 -5.09
CA LYS E 506 50.32 -0.90 -4.34
C LYS E 506 51.75 -1.26 -3.96
N VAL E 507 51.90 -1.90 -2.80
CA VAL E 507 53.23 -2.27 -2.33
C VAL E 507 53.79 -3.39 -3.19
N LEU E 508 55.11 -3.42 -3.30
CA LEU E 508 55.79 -4.42 -4.11
C LEU E 508 55.90 -5.75 -3.36
N PRO E 509 56.05 -6.85 -4.10
CA PRO E 509 56.40 -8.12 -3.46
C PRO E 509 57.77 -8.05 -2.80
N LYS E 510 57.95 -8.85 -1.75
CA LYS E 510 59.21 -8.84 -1.01
C LYS E 510 60.36 -9.36 -1.87
N HIS E 511 60.09 -10.36 -2.71
CA HIS E 511 61.09 -10.95 -3.59
C HIS E 511 61.12 -10.28 -4.97
N SER E 512 60.67 -9.05 -5.07
CA SER E 512 60.74 -8.34 -6.34
C SER E 512 62.19 -7.98 -6.66
N LEU E 513 62.59 -8.20 -7.91
CA LEU E 513 63.94 -7.86 -8.34
C LEU E 513 64.21 -6.37 -8.16
N LEU E 514 63.20 -5.52 -8.43
CA LEU E 514 63.35 -4.10 -8.15
C LEU E 514 63.58 -3.85 -6.66
N TYR E 515 62.80 -4.53 -5.81
CA TYR E 515 62.96 -4.37 -4.38
C TYR E 515 64.32 -4.89 -3.92
N GLU E 516 64.76 -6.02 -4.48
CA GLU E 516 66.05 -6.58 -4.10
C GLU E 516 67.19 -5.66 -4.54
N TYR E 517 67.07 -5.06 -5.72
CA TYR E 517 68.09 -4.10 -6.16
C TYR E 517 68.10 -2.87 -5.26
N PHE E 518 66.93 -2.32 -4.95
CA PHE E 518 66.85 -1.16 -4.08
C PHE E 518 67.51 -1.45 -2.73
N THR E 519 67.24 -2.63 -2.17
CA THR E 519 67.84 -2.99 -0.88
C THR E 519 69.35 -3.22 -1.00
N VAL E 520 69.77 -4.01 -1.99
CA VAL E 520 71.17 -4.39 -2.13
C VAL E 520 72.06 -3.23 -2.56
N TYR E 521 71.46 -2.13 -3.05
CA TYR E 521 72.24 -0.96 -3.42
C TYR E 521 72.02 0.24 -2.50
N ASN E 522 71.00 0.21 -1.64
CA ASN E 522 70.85 1.26 -0.64
C ASN E 522 72.00 1.25 0.36
N GLU E 523 72.75 0.15 0.44
CA GLU E 523 73.91 0.10 1.31
C GLU E 523 75.07 0.92 0.76
N LEU E 524 75.13 1.10 -0.56
CA LEU E 524 76.33 1.63 -1.21
C LEU E 524 76.34 3.14 -1.37
N THR E 525 75.20 3.81 -1.19
CA THR E 525 75.23 5.28 -1.19
C THR E 525 75.98 5.81 0.02
N LYS E 526 75.81 5.16 1.18
CA LYS E 526 76.48 5.58 2.40
C LYS E 526 76.60 4.42 3.38
N GLN E 544 82.92 -0.91 -10.35
CA GLN E 544 83.30 -1.96 -9.41
C GLN E 544 82.09 -2.74 -8.93
N LYS E 545 81.01 -2.02 -8.59
CA LYS E 545 79.80 -2.69 -8.12
C LYS E 545 79.21 -3.59 -9.20
N LYS E 546 79.17 -3.12 -10.44
CA LYS E 546 78.70 -3.95 -11.53
C LYS E 546 79.58 -5.18 -11.72
N ALA E 547 80.90 -5.00 -11.57
CA ALA E 547 81.82 -6.13 -11.72
C ALA E 547 81.64 -7.14 -10.60
N ILE E 548 81.45 -6.66 -9.37
CA ILE E 548 81.23 -7.57 -8.24
C ILE E 548 79.92 -8.32 -8.43
N VAL E 549 78.89 -7.64 -8.93
CA VAL E 549 77.60 -8.30 -9.16
C VAL E 549 77.72 -9.35 -10.25
N ASP E 550 78.42 -9.04 -11.34
CA ASP E 550 78.51 -9.98 -12.44
C ASP E 550 79.39 -11.18 -12.10
N LEU E 551 80.50 -10.95 -11.40
CA LEU E 551 81.44 -12.03 -11.13
C LEU E 551 81.01 -12.91 -9.96
N LEU E 552 80.29 -12.34 -8.99
CA LEU E 552 79.94 -13.07 -7.77
C LEU E 552 78.43 -13.22 -7.60
N PHE E 553 77.69 -12.12 -7.53
CA PHE E 553 76.24 -12.19 -7.38
C PHE E 553 75.59 -12.86 -8.59
N LEU E 564 85.55 -11.99 -1.33
CA LEU E 564 85.73 -10.65 -1.87
C LEU E 564 87.21 -10.31 -2.03
N LYS E 565 88.01 -10.64 -1.01
CA LYS E 565 89.43 -10.32 -1.05
C LYS E 565 90.17 -11.16 -2.07
N GLU E 566 89.89 -12.47 -2.09
CA GLU E 566 90.64 -13.39 -2.94
C GLU E 566 90.05 -13.49 -4.35
N ASP E 567 88.75 -13.71 -4.46
CA ASP E 567 88.12 -13.95 -5.75
C ASP E 567 87.97 -12.70 -6.60
N TYR E 568 88.10 -11.50 -6.01
CA TYR E 568 88.02 -10.27 -6.78
C TYR E 568 89.25 -9.39 -6.61
N PHE E 569 89.57 -8.94 -5.40
CA PHE E 569 90.67 -8.00 -5.22
C PHE E 569 92.01 -8.62 -5.59
N LYS E 570 92.14 -9.94 -5.48
CA LYS E 570 93.37 -10.62 -5.88
C LYS E 570 93.32 -11.08 -7.33
N LYS E 571 92.16 -11.58 -7.77
CA LYS E 571 92.06 -12.11 -9.12
C LYS E 571 91.95 -10.99 -10.16
N ILE E 572 91.26 -9.89 -9.83
CA ILE E 572 91.02 -8.83 -10.78
C ILE E 572 91.93 -7.64 -10.49
N GLU E 573 91.86 -7.11 -9.28
CA GLU E 573 92.62 -5.93 -8.91
C GLU E 573 94.08 -6.22 -8.61
N CYS E 574 94.46 -7.49 -8.49
CA CYS E 574 95.85 -7.89 -8.19
C CYS E 574 96.33 -7.27 -6.89
N PHE E 575 95.50 -7.36 -5.86
CA PHE E 575 95.85 -6.86 -4.53
C PHE E 575 96.32 -8.00 -3.63
N SER E 590 71.36 -9.69 -0.47
CA SER E 590 71.64 -10.64 -1.56
C SER E 590 70.49 -10.69 -2.57
N LEU E 591 70.82 -11.09 -3.79
CA LEU E 591 69.84 -11.21 -4.88
C LEU E 591 69.36 -12.66 -4.94
N GLY E 592 68.46 -13.00 -4.01
CA GLY E 592 68.04 -14.39 -3.90
C GLY E 592 67.16 -14.83 -5.05
N THR E 593 66.18 -14.01 -5.42
CA THR E 593 65.31 -14.36 -6.54
C THR E 593 66.11 -14.46 -7.84
N TYR E 594 67.15 -13.64 -7.97
CA TYR E 594 68.02 -13.70 -9.13
C TYR E 594 68.62 -15.10 -9.29
N HIS E 595 69.23 -15.63 -8.23
CA HIS E 595 69.85 -16.95 -8.30
C HIS E 595 68.79 -18.04 -8.45
N ASP E 596 67.66 -17.89 -7.76
CA ASP E 596 66.56 -18.85 -7.87
C ASP E 596 66.13 -19.02 -9.32
N LEU E 597 65.82 -17.90 -9.99
CA LEU E 597 65.43 -17.96 -11.39
C LEU E 597 66.58 -18.33 -12.31
N LEU E 598 67.83 -18.03 -11.90
CA LEU E 598 68.97 -18.44 -12.70
C LEU E 598 69.09 -19.95 -12.76
N LYS E 599 68.71 -20.64 -11.68
CA LYS E 599 68.69 -22.11 -11.73
C LYS E 599 67.71 -22.61 -12.79
N ILE E 600 66.55 -21.97 -12.91
CA ILE E 600 65.49 -22.49 -13.76
C ILE E 600 65.71 -22.09 -15.22
N ILE E 601 65.98 -20.81 -15.49
CA ILE E 601 65.94 -20.28 -16.85
C ILE E 601 67.33 -20.23 -17.46
N LYS E 602 68.36 -20.05 -16.62
CA LYS E 602 69.77 -20.13 -17.05
C LYS E 602 70.08 -19.11 -18.15
N ASP E 603 69.71 -17.84 -17.91
CA ASP E 603 69.99 -16.78 -18.89
C ASP E 603 70.29 -15.49 -18.13
N LYS E 604 71.57 -15.28 -17.81
CA LYS E 604 71.98 -14.06 -17.11
C LYS E 604 71.66 -12.81 -17.92
N ASP E 605 71.84 -12.86 -19.24
CA ASP E 605 71.56 -11.70 -20.08
C ASP E 605 70.08 -11.37 -20.11
N PHE E 606 69.22 -12.39 -19.96
CA PHE E 606 67.79 -12.13 -19.87
C PHE E 606 67.45 -11.37 -18.59
N LEU E 607 68.10 -11.73 -17.48
CA LEU E 607 67.84 -11.07 -16.21
C LEU E 607 68.40 -9.64 -16.20
N ASP E 608 69.55 -9.44 -16.83
CA ASP E 608 70.22 -8.14 -16.76
C ASP E 608 69.69 -7.14 -17.78
N ASN E 609 68.98 -7.60 -18.81
CA ASN E 609 68.39 -6.70 -19.81
C ASN E 609 67.23 -5.94 -19.19
N GLU E 610 67.39 -4.63 -18.97
CA GLU E 610 66.30 -3.82 -18.44
C GLU E 610 65.23 -3.65 -19.51
N GLU E 611 64.55 -4.75 -19.83
CA GLU E 611 63.50 -4.85 -20.83
C GLU E 611 62.54 -5.95 -20.40
N ASN E 612 63.07 -7.17 -20.26
CA ASN E 612 62.33 -8.29 -19.71
C ASN E 612 61.96 -8.08 -18.25
N GLU E 613 62.44 -7.00 -17.63
CA GLU E 613 62.09 -6.65 -16.26
C GLU E 613 60.60 -6.76 -16.00
N ASP E 614 59.79 -6.02 -16.73
CA ASP E 614 58.36 -6.04 -16.47
C ASP E 614 57.82 -7.47 -16.51
N ILE E 615 58.37 -8.32 -17.39
CA ILE E 615 57.99 -9.72 -17.41
C ILE E 615 58.40 -10.43 -16.13
N LEU E 616 59.70 -10.40 -15.81
CA LEU E 616 60.22 -11.07 -14.63
C LEU E 616 59.50 -10.64 -13.36
N GLU E 617 59.41 -9.32 -13.14
CA GLU E 617 58.62 -8.77 -12.05
C GLU E 617 57.24 -9.40 -11.99
N ASP E 618 56.51 -9.36 -13.12
CA ASP E 618 55.19 -9.95 -13.18
C ASP E 618 55.20 -11.41 -12.75
N ILE E 619 56.18 -12.17 -13.24
CA ILE E 619 56.31 -13.59 -12.89
C ILE E 619 56.45 -13.76 -11.38
N VAL E 620 57.36 -13.00 -10.77
CA VAL E 620 57.54 -13.07 -9.32
C VAL E 620 56.24 -12.73 -8.60
N LEU E 621 55.55 -11.69 -9.09
CA LEU E 621 54.22 -11.36 -8.57
C LEU E 621 53.29 -12.57 -8.63
N THR E 622 53.24 -13.23 -9.78
CA THR E 622 52.38 -14.40 -9.93
C THR E 622 52.78 -15.51 -8.95
N LEU E 623 54.08 -15.65 -8.69
CA LEU E 623 54.55 -16.69 -7.78
C LEU E 623 54.27 -16.36 -6.33
N THR E 624 54.08 -15.08 -6.00
CA THR E 624 53.76 -14.67 -4.63
C THR E 624 52.27 -14.46 -4.39
N LEU E 625 51.59 -13.85 -5.35
CA LEU E 625 50.17 -13.50 -5.22
C LEU E 625 49.30 -14.75 -5.15
N PHE E 626 49.63 -15.77 -5.93
CA PHE E 626 48.82 -16.97 -6.01
C PHE E 626 49.56 -18.15 -5.40
N GLU E 627 48.79 -19.13 -4.94
CA GLU E 627 49.30 -20.39 -4.44
C GLU E 627 48.72 -21.61 -5.15
N ASP E 628 47.65 -21.45 -5.94
CA ASP E 628 47.11 -22.56 -6.71
C ASP E 628 47.93 -22.75 -7.97
N ARG E 629 48.38 -23.99 -8.18
CA ARG E 629 49.30 -24.27 -9.28
C ARG E 629 48.64 -24.05 -10.64
N GLU E 630 47.35 -24.39 -10.76
CA GLU E 630 46.66 -24.22 -12.04
C GLU E 630 46.52 -22.75 -12.40
N MET E 631 46.21 -21.89 -11.43
CA MET E 631 46.09 -20.46 -11.71
C MET E 631 47.46 -19.85 -12.04
N ILE E 632 48.50 -20.29 -11.33
CA ILE E 632 49.86 -19.85 -11.65
C ILE E 632 50.19 -20.21 -13.10
N GLU E 633 49.85 -21.44 -13.50
CA GLU E 633 50.06 -21.85 -14.89
C GLU E 633 49.26 -20.98 -15.86
N GLU E 634 47.99 -20.71 -15.53
CA GLU E 634 47.13 -19.93 -16.40
C GLU E 634 47.71 -18.53 -16.60
N ARG E 635 48.31 -17.95 -15.57
CA ARG E 635 48.88 -16.62 -15.72
C ARG E 635 50.23 -16.64 -16.43
N LEU E 636 51.05 -17.67 -16.19
CA LEU E 636 52.33 -17.80 -16.88
C LEU E 636 52.19 -18.31 -18.32
N LYS E 637 50.97 -18.63 -18.74
CA LYS E 637 50.76 -19.08 -20.11
C LYS E 637 51.18 -18.01 -21.12
N THR E 638 51.08 -16.73 -20.77
CA THR E 638 51.50 -15.68 -21.68
C THR E 638 53.00 -15.73 -21.96
N TYR E 639 53.79 -16.16 -20.98
CA TYR E 639 55.23 -16.29 -21.14
C TYR E 639 55.64 -17.71 -21.51
N ALA E 640 54.68 -18.61 -21.66
CA ALA E 640 54.99 -19.96 -22.14
C ALA E 640 55.79 -19.94 -23.44
N HIS E 641 55.48 -19.02 -24.36
CA HIS E 641 56.17 -19.00 -25.64
C HIS E 641 57.62 -18.55 -25.54
N LEU E 642 58.06 -18.01 -24.40
CA LEU E 642 59.45 -17.60 -24.23
C LEU E 642 60.35 -18.72 -23.74
N PHE E 643 59.80 -19.75 -23.11
CA PHE E 643 60.57 -20.85 -22.56
C PHE E 643 60.03 -22.17 -23.08
N ASP E 644 60.78 -23.24 -22.84
CA ASP E 644 60.31 -24.58 -23.15
C ASP E 644 59.35 -25.06 -22.06
N ASP E 645 58.53 -26.05 -22.43
CA ASP E 645 57.51 -26.56 -21.52
C ASP E 645 58.11 -27.19 -20.27
N LYS E 646 59.28 -27.80 -20.38
CA LYS E 646 59.99 -28.29 -19.19
C LYS E 646 60.34 -27.13 -18.26
N VAL E 647 60.86 -26.04 -18.83
CA VAL E 647 61.14 -24.84 -18.05
C VAL E 647 59.86 -24.28 -17.46
N MET E 648 58.75 -24.36 -18.22
CA MET E 648 57.47 -23.88 -17.72
C MET E 648 57.00 -24.69 -16.52
N LYS E 649 57.20 -26.00 -16.54
CA LYS E 649 56.83 -26.84 -15.41
C LYS E 649 57.68 -26.51 -14.18
N GLN E 650 59.00 -26.41 -14.38
CA GLN E 650 59.87 -26.06 -13.26
C GLN E 650 59.54 -24.69 -12.70
N LEU E 651 59.07 -23.76 -13.55
CA LEU E 651 58.64 -22.45 -13.06
C LEU E 651 57.33 -22.57 -12.28
N LYS E 652 56.38 -23.35 -12.79
CA LYS E 652 55.14 -23.61 -12.07
C LYS E 652 55.40 -24.09 -10.67
N ARG E 653 56.41 -24.96 -10.49
CA ARG E 653 56.65 -25.54 -9.17
C ARG E 653 57.16 -24.50 -8.17
N ARG E 654 57.81 -23.43 -8.64
CA ARG E 654 58.36 -22.42 -7.75
C ARG E 654 57.31 -21.42 -7.29
N ARG E 655 57.31 -21.10 -5.99
CA ARG E 655 56.37 -20.17 -5.39
C ARG E 655 57.06 -19.41 -4.27
N TYR E 656 56.60 -18.17 -4.02
CA TYR E 656 57.19 -17.29 -3.02
C TYR E 656 56.11 -16.72 -2.10
N THR E 657 56.56 -16.12 -0.99
CA THR E 657 55.70 -15.43 -0.04
C THR E 657 56.42 -14.19 0.48
N GLY E 658 55.64 -13.20 0.89
CA GLY E 658 56.20 -12.00 1.50
C GLY E 658 55.97 -10.73 0.70
N TRP E 659 55.92 -9.59 1.40
CA TRP E 659 55.75 -8.29 0.74
C TRP E 659 56.69 -7.27 1.37
N GLY E 660 57.15 -6.33 0.55
CA GLY E 660 58.01 -5.26 1.01
C GLY E 660 57.21 -4.13 1.62
N ARG E 661 57.80 -2.93 1.62
CA ARG E 661 57.16 -1.76 2.17
C ARG E 661 57.13 -0.55 1.25
N LEU E 662 57.80 -0.60 0.10
CA LEU E 662 57.84 0.51 -0.84
C LEU E 662 57.32 0.07 -2.21
N SER E 663 56.63 0.98 -2.88
CA SER E 663 56.02 0.69 -4.18
C SER E 663 57.05 0.88 -5.31
N ARG E 664 56.59 0.57 -6.53
CA ARG E 664 57.45 0.61 -7.71
C ARG E 664 57.79 2.03 -8.15
N LYS E 665 56.88 2.99 -7.98
CA LYS E 665 57.14 4.34 -8.47
C LYS E 665 58.36 4.94 -7.78
N LEU E 666 58.39 4.86 -6.46
CA LEU E 666 59.44 5.47 -5.66
C LEU E 666 60.78 4.77 -5.85
N ILE E 667 60.77 3.44 -5.95
CA ILE E 667 62.01 2.67 -6.05
C ILE E 667 62.73 2.97 -7.36
N ASN E 668 61.99 3.02 -8.47
CA ASN E 668 62.57 3.41 -9.74
C ASN E 668 61.74 4.51 -10.40
N ILE E 670 61.65 7.04 -8.30
CA ILE E 670 61.33 7.97 -9.37
C ILE E 670 62.55 8.79 -9.78
N ARG E 671 62.35 9.68 -10.73
CA ARG E 671 63.38 10.59 -11.20
C ARG E 671 63.04 12.01 -10.75
N ASP E 672 64.02 12.69 -10.17
CA ASP E 672 63.79 14.06 -9.73
C ASP E 672 63.46 14.94 -10.94
N LYS E 673 62.48 15.84 -10.75
CA LYS E 673 62.00 16.67 -11.84
C LYS E 673 63.10 17.57 -12.41
N GLN E 674 64.12 17.89 -11.62
CA GLN E 674 65.16 18.80 -12.09
C GLN E 674 66.22 18.08 -12.90
N SER E 675 66.80 17.01 -12.34
CA SER E 675 67.90 16.31 -12.99
C SER E 675 67.50 14.98 -13.61
N GLY E 676 66.58 14.25 -13.00
CA GLY E 676 66.07 13.03 -13.62
C GLY E 676 66.92 11.80 -13.43
N LYS E 677 67.51 11.62 -12.26
CA LYS E 677 68.23 10.40 -11.92
C LYS E 677 67.33 9.52 -11.06
N THR E 678 67.13 8.27 -11.46
CA THR E 678 66.31 7.37 -10.67
C THR E 678 67.08 6.94 -9.42
N ILE E 679 66.31 6.55 -8.40
CA ILE E 679 66.91 6.24 -7.09
C ILE E 679 67.85 5.04 -7.20
N LEU E 680 67.45 4.04 -7.98
CA LEU E 680 68.30 2.86 -8.12
C LEU E 680 69.61 3.19 -8.82
N ASP E 681 69.63 4.24 -9.66
CA ASP E 681 70.90 4.67 -10.23
C ASP E 681 71.74 5.47 -9.25
N PHE E 682 71.09 6.25 -8.37
CA PHE E 682 71.81 6.85 -7.26
C PHE E 682 72.52 5.79 -6.44
N LEU E 683 71.80 4.72 -6.10
CA LEU E 683 72.38 3.66 -5.30
C LEU E 683 73.39 2.83 -6.08
N LYS E 684 73.20 2.71 -7.40
CA LYS E 684 73.99 1.80 -8.21
C LYS E 684 75.29 2.44 -8.69
N SER E 685 75.29 3.75 -8.93
CA SER E 685 76.49 4.47 -9.32
C SER E 685 76.26 5.98 -9.26
N ALA E 689 76.17 8.36 -4.45
CA ALA E 689 76.47 8.18 -3.04
C ALA E 689 76.02 9.39 -2.23
N ASN E 690 75.15 10.21 -2.82
CA ASN E 690 74.82 11.51 -2.24
C ASN E 690 73.89 11.37 -1.05
N ARG E 691 72.62 11.10 -1.30
CA ARG E 691 71.60 11.09 -0.26
C ARG E 691 70.82 9.78 -0.24
N ASN E 692 70.31 9.45 0.93
CA ASN E 692 69.51 8.26 1.15
C ASN E 692 68.04 8.64 1.11
N PHE E 693 67.19 7.61 1.18
CA PHE E 693 65.74 7.75 1.01
C PHE E 693 65.16 8.92 1.80
N MET E 694 65.38 8.92 3.12
CA MET E 694 64.82 9.97 3.98
C MET E 694 65.36 11.34 3.58
N GLN E 695 66.66 11.42 3.29
CA GLN E 695 67.25 12.67 2.82
C GLN E 695 66.58 13.14 1.54
N LEU E 696 66.28 12.21 0.63
CA LEU E 696 65.72 12.58 -0.67
C LEU E 696 64.29 13.08 -0.53
N ILE E 697 63.44 12.35 0.21
CA ILE E 697 62.05 12.78 0.32
C ILE E 697 61.88 13.95 1.28
N HIS E 698 62.84 14.21 2.15
CA HIS E 698 62.73 15.33 3.09
C HIS E 698 63.79 16.39 2.82
N ASP E 718 42.94 13.16 7.30
CA ASP E 718 41.56 12.67 7.22
C ASP E 718 40.87 12.74 8.58
N SER E 719 39.67 12.16 8.66
CA SER E 719 38.87 12.26 9.87
C SER E 719 39.56 11.58 11.05
N LEU E 720 39.40 12.16 12.23
CA LEU E 720 39.95 11.55 13.45
C LEU E 720 39.38 10.15 13.66
N HIS E 721 38.08 9.98 13.43
CA HIS E 721 37.46 8.67 13.55
C HIS E 721 38.12 7.66 12.64
N GLU E 722 38.42 8.05 11.40
CA GLU E 722 39.08 7.15 10.46
C GLU E 722 40.49 6.81 10.92
N HIS E 723 41.23 7.80 11.41
CA HIS E 723 42.58 7.53 11.90
C HIS E 723 42.56 6.59 13.10
N ILE E 724 41.56 6.73 13.97
CA ILE E 724 41.47 5.86 15.14
C ILE E 724 41.13 4.43 14.70
N ALA E 725 40.17 4.29 13.78
CA ALA E 725 39.75 2.97 13.34
C ALA E 725 40.90 2.21 12.67
N ASN E 726 41.76 2.92 11.95
CA ASN E 726 42.86 2.28 11.24
C ASN E 726 44.00 1.83 12.15
N LEU E 727 43.95 2.16 13.43
CA LEU E 727 44.99 1.74 14.35
C LEU E 727 44.92 0.23 14.58
N ALA E 728 46.05 -0.35 14.96
CA ALA E 728 46.15 -1.78 15.26
C ALA E 728 45.92 -2.00 16.75
N GLY E 729 44.86 -2.71 17.09
CA GLY E 729 44.52 -2.94 18.47
C GLY E 729 43.08 -3.40 18.60
N SER E 730 42.69 -3.63 19.85
CA SER E 730 41.32 -4.07 20.11
C SER E 730 40.34 -2.92 19.92
N PRO E 731 39.12 -3.22 19.48
CA PRO E 731 38.12 -2.15 19.32
C PRO E 731 37.75 -1.45 20.62
N ALA E 732 37.86 -2.14 21.75
CA ALA E 732 37.51 -1.53 23.03
C ALA E 732 38.49 -0.43 23.41
N ILE E 733 39.79 -0.71 23.30
CA ILE E 733 40.78 0.31 23.60
C ILE E 733 40.69 1.45 22.60
N LYS E 734 40.27 1.17 21.35
CA LYS E 734 40.09 2.24 20.39
C LYS E 734 38.92 3.15 20.77
N LYS E 735 37.81 2.55 21.24
CA LYS E 735 36.72 3.32 21.82
C LYS E 735 37.24 4.22 22.94
N GLY E 736 38.04 3.65 23.84
CA GLY E 736 38.63 4.43 24.90
C GLY E 736 39.46 5.59 24.40
N ILE E 737 40.25 5.36 23.34
CA ILE E 737 41.12 6.40 22.82
C ILE E 737 40.30 7.53 22.19
N LEU E 738 39.25 7.19 21.45
CA LEU E 738 38.39 8.22 20.88
C LEU E 738 37.72 9.04 21.97
N GLN E 739 37.22 8.38 23.02
CA GLN E 739 36.64 9.11 24.13
C GLN E 739 37.67 10.00 24.80
N THR E 740 38.92 9.52 24.90
CA THR E 740 39.99 10.32 25.49
C THR E 740 40.23 11.60 24.68
N VAL E 741 40.30 11.47 23.35
CA VAL E 741 40.51 12.65 22.51
C VAL E 741 39.36 13.63 22.67
N LYS E 742 38.12 13.14 22.70
CA LYS E 742 36.99 14.04 22.86
C LYS E 742 37.01 14.72 24.24
N VAL E 743 37.40 13.99 25.28
CA VAL E 743 37.52 14.57 26.61
C VAL E 743 38.56 15.68 26.61
N VAL E 744 39.71 15.45 25.97
CA VAL E 744 40.75 16.47 25.91
C VAL E 744 40.26 17.70 25.17
N ASP E 745 39.51 17.50 24.08
CA ASP E 745 38.94 18.63 23.35
C ASP E 745 38.03 19.44 24.26
N GLU E 746 37.14 18.76 24.98
CA GLU E 746 36.22 19.48 25.85
C GLU E 746 36.96 20.21 26.96
N LEU E 747 38.00 19.59 27.52
CA LEU E 747 38.75 20.23 28.61
C LEU E 747 39.49 21.47 28.11
N VAL E 748 40.08 21.41 26.92
CA VAL E 748 40.73 22.58 26.36
C VAL E 748 39.71 23.69 26.12
N LYS E 749 38.51 23.32 25.64
CA LYS E 749 37.46 24.33 25.46
C LYS E 749 37.00 24.90 26.79
N VAL E 750 37.07 24.11 27.87
CA VAL E 750 36.69 24.61 29.19
C VAL E 750 37.64 25.72 29.64
N MET E 751 38.92 25.62 29.27
CA MET E 751 39.90 26.63 29.60
C MET E 751 39.97 27.74 28.55
N GLY E 752 38.85 28.07 27.92
CA GLY E 752 38.83 29.11 26.91
C GLY E 752 39.73 28.81 25.72
N ARG E 753 39.77 27.56 25.28
CA ARG E 753 40.60 27.13 24.17
C ARG E 753 42.09 27.42 24.41
N HIS E 754 42.49 27.48 25.68
CA HIS E 754 43.89 27.59 26.05
C HIS E 754 44.49 26.19 26.15
N LYS E 755 45.61 25.99 25.48
CA LYS E 755 46.21 24.68 25.41
C LYS E 755 46.98 24.37 26.69
N PRO E 756 46.98 23.11 27.12
CA PRO E 756 47.65 22.75 28.37
C PRO E 756 49.16 22.80 28.24
N GLU E 757 49.82 22.75 29.40
CA GLU E 757 51.29 22.67 29.41
C GLU E 757 51.76 21.29 29.01
N ASN E 758 51.32 20.26 29.74
CA ASN E 758 51.68 18.89 29.46
C ASN E 758 50.43 18.03 29.43
N ILE E 759 50.56 16.84 28.85
CA ILE E 759 49.49 15.84 28.86
C ILE E 759 50.12 14.51 29.24
N VAL E 760 49.83 14.03 30.44
CA VAL E 760 50.39 12.77 30.94
C VAL E 760 49.35 11.69 30.75
N ILE E 761 49.73 10.61 30.06
CA ILE E 761 48.82 9.51 29.75
C ILE E 761 49.37 8.23 30.34
N GLU E 762 48.47 7.41 30.86
CA GLU E 762 48.77 6.08 31.38
C GLU E 762 47.71 5.11 30.88
N MET E 763 48.16 3.98 30.35
CA MET E 763 47.28 2.97 29.76
C MET E 763 47.30 1.71 30.60
N ALA E 764 46.13 1.10 30.77
CA ALA E 764 45.99 -0.15 31.52
C ALA E 764 46.90 -1.25 30.98
N ALA E 840 66.05 -9.16 48.99
CA ALA E 840 66.16 -8.27 47.83
C ALA E 840 67.55 -8.35 47.21
N ILE E 841 67.64 -9.02 46.06
CA ILE E 841 68.93 -9.14 45.38
C ILE E 841 69.43 -7.76 44.95
N VAL E 842 68.61 -7.02 44.22
CA VAL E 842 68.90 -5.62 43.95
C VAL E 842 68.15 -4.79 44.99
N PRO E 843 68.80 -3.81 45.61
CA PRO E 843 68.09 -2.99 46.60
C PRO E 843 66.95 -2.23 45.96
N GLN E 844 65.89 -2.01 46.75
CA GLN E 844 64.76 -1.22 46.26
C GLN E 844 65.17 0.22 45.96
N SER E 845 66.33 0.65 46.46
CA SER E 845 66.89 1.93 46.04
C SER E 845 67.29 1.92 44.58
N PHE E 846 67.56 0.75 44.02
CA PHE E 846 67.87 0.65 42.59
C PHE E 846 66.62 0.41 41.76
N LEU E 847 65.82 -0.58 42.16
CA LEU E 847 64.59 -0.93 41.45
C LEU E 847 63.65 -1.64 42.40
N LYS E 848 62.40 -1.18 42.46
CA LYS E 848 61.39 -1.80 43.32
C LYS E 848 60.79 -3.00 42.59
N ASP E 849 61.62 -4.02 42.40
CA ASP E 849 61.21 -5.27 41.79
C ASP E 849 60.77 -6.19 42.92
N ASP E 850 59.45 -6.39 43.05
CA ASP E 850 58.89 -7.20 44.12
C ASP E 850 58.27 -8.49 43.58
N SER E 851 58.94 -9.13 42.63
CA SER E 851 58.45 -10.37 42.04
C SER E 851 59.33 -11.54 42.49
N ILE E 852 59.09 -12.70 41.88
CA ILE E 852 59.85 -13.91 42.21
C ILE E 852 61.29 -13.79 41.75
N ASP E 853 61.53 -13.12 40.62
CA ASP E 853 62.87 -13.07 40.04
C ASP E 853 63.84 -12.24 40.85
N ASN E 854 63.35 -11.38 41.73
CA ASN E 854 64.20 -10.54 42.55
C ASN E 854 64.22 -10.92 44.01
N LYS E 855 63.15 -11.52 44.52
CA LYS E 855 63.14 -12.07 45.87
C LYS E 855 62.62 -13.50 45.86
N SER E 909 76.93 -0.90 41.59
CA SER E 909 77.96 -1.75 40.98
C SER E 909 78.43 -1.18 39.65
N GLU E 910 77.55 -1.20 38.65
CA GLU E 910 77.85 -0.71 37.32
C GLU E 910 76.92 0.43 36.95
N LEU E 911 77.49 1.48 36.37
CA LEU E 911 76.69 2.64 35.95
C LEU E 911 75.74 2.28 34.82
N ASP E 912 76.21 1.49 33.85
CA ASP E 912 75.37 1.11 32.73
C ASP E 912 74.20 0.24 33.18
N LYS E 913 74.42 -0.61 34.19
CA LYS E 913 73.33 -1.40 34.74
C LYS E 913 72.26 -0.52 35.35
N ALA E 914 72.68 0.53 36.08
CA ALA E 914 71.72 1.46 36.64
C ALA E 914 70.95 2.19 35.54
N GLY E 915 71.65 2.55 34.46
CA GLY E 915 70.96 3.18 33.34
C GLY E 915 69.94 2.27 32.70
N PHE E 916 70.25 0.97 32.59
CA PHE E 916 69.29 0.02 32.04
C PHE E 916 68.07 -0.14 32.96
N ILE E 917 68.31 -0.29 34.26
CA ILE E 917 67.21 -0.32 35.22
C ILE E 917 66.32 0.91 35.04
N LYS E 918 66.93 2.08 34.91
CA LYS E 918 66.20 3.32 34.68
C LYS E 918 65.43 3.28 33.37
N ARG E 919 65.99 2.63 32.35
CA ARG E 919 65.28 2.47 31.08
C ARG E 919 64.01 1.67 31.25
N GLN E 920 63.98 0.74 32.20
CA GLN E 920 62.78 -0.06 32.41
C GLN E 920 61.56 0.77 32.81
N LEU E 921 61.71 2.09 32.87
CA LEU E 921 60.60 3.00 33.17
C LEU E 921 60.14 3.74 31.91
N VAL E 922 60.08 3.02 30.80
CA VAL E 922 59.59 3.51 29.52
C VAL E 922 58.48 2.59 29.07
N GLU E 923 57.51 3.15 28.35
CA GLU E 923 56.35 2.38 27.90
C GLU E 923 56.64 1.84 26.51
N THR E 924 56.91 0.54 26.42
CA THR E 924 57.21 -0.11 25.15
C THR E 924 55.97 -0.37 24.31
N ARG E 925 54.79 -0.43 24.93
CA ARG E 925 53.56 -0.67 24.19
C ARG E 925 53.38 0.41 23.13
N GLN E 926 53.09 -0.02 21.90
CA GLN E 926 53.10 0.89 20.77
C GLN E 926 51.76 1.58 20.54
N ILE E 927 50.65 0.96 20.96
CA ILE E 927 49.37 1.64 20.92
C ILE E 927 49.42 2.92 21.75
N THR E 928 50.18 2.91 22.85
CA THR E 928 50.36 4.13 23.63
C THR E 928 51.14 5.17 22.84
N LYS E 929 52.14 4.74 22.08
CA LYS E 929 52.86 5.68 21.21
C LYS E 929 51.93 6.28 20.17
N HIS E 930 51.00 5.49 19.63
CA HIS E 930 50.05 6.03 18.67
C HIS E 930 49.10 7.02 19.31
N VAL E 931 48.64 6.73 20.53
CA VAL E 931 47.80 7.68 21.26
C VAL E 931 48.55 8.99 21.50
N ALA E 932 49.81 8.88 21.93
CA ALA E 932 50.63 10.06 22.14
C ALA E 932 50.80 10.85 20.85
N GLN E 933 51.02 10.16 19.73
CA GLN E 933 51.17 10.83 18.45
C GLN E 933 49.89 11.56 18.06
N ILE E 934 48.73 10.93 18.30
CA ILE E 934 47.45 11.56 17.97
C ILE E 934 47.27 12.84 18.78
N LEU E 935 47.41 12.74 20.11
CA LEU E 935 47.25 13.94 20.94
C LEU E 935 48.28 15.01 20.59
N ASP E 936 49.52 14.60 20.32
CA ASP E 936 50.58 15.56 20.02
C ASP E 936 50.32 16.29 18.71
N SER E 937 49.93 15.54 17.67
CA SER E 937 49.63 16.16 16.38
C SER E 937 48.39 17.03 16.47
N ARG E 938 47.46 16.71 17.38
CA ARG E 938 46.32 17.61 17.58
C ARG E 938 46.72 18.88 18.30
N MET E 939 47.70 18.80 19.22
CA MET E 939 48.05 19.97 20.03
C MET E 939 49.05 20.87 19.31
N ASN E 940 50.13 20.31 18.78
CA ASN E 940 51.23 21.09 18.24
C ASN E 940 51.13 21.11 16.72
N THR E 941 50.81 22.28 16.15
CA THR E 941 50.55 22.39 14.72
C THR E 941 51.35 23.48 14.01
N LYS E 942 52.12 24.30 14.73
CA LYS E 942 52.85 25.40 14.10
C LYS E 942 54.33 25.09 14.04
N TYR E 943 55.01 25.72 13.08
CA TYR E 943 56.43 25.51 12.83
C TYR E 943 57.16 26.85 12.91
N ASP E 944 58.43 26.80 13.33
CA ASP E 944 59.22 28.00 13.55
C ASP E 944 59.95 28.41 12.27
N GLU E 945 60.95 29.28 12.40
CA GLU E 945 61.68 29.77 11.23
C GLU E 945 62.51 28.67 10.58
N ASN E 946 62.93 27.67 11.35
CA ASN E 946 63.71 26.56 10.81
C ASN E 946 62.83 25.40 10.37
N ASP E 947 61.52 25.62 10.25
CA ASP E 947 60.56 24.59 9.80
C ASP E 947 60.56 23.37 10.71
N LYS E 948 60.83 23.57 12.00
CA LYS E 948 60.72 22.52 12.99
C LYS E 948 59.48 22.75 13.83
N LEU E 949 58.86 21.65 14.26
CA LEU E 949 57.58 21.74 14.97
C LEU E 949 57.76 22.48 16.30
N ILE E 950 56.79 23.35 16.60
CA ILE E 950 56.78 24.12 17.83
C ILE E 950 55.92 23.35 18.82
N ARG E 951 56.56 22.62 19.72
CA ARG E 951 55.86 21.80 20.71
C ARG E 951 55.39 22.68 21.85
N GLU E 952 54.19 23.26 21.68
CA GLU E 952 53.59 24.00 22.78
C GLU E 952 53.17 23.06 23.90
N VAL E 953 52.71 21.86 23.54
CA VAL E 953 52.23 20.85 24.48
C VAL E 953 53.15 19.64 24.40
N LYS E 954 53.68 19.22 25.55
CA LYS E 954 54.50 18.01 25.63
C LYS E 954 53.64 16.86 26.13
N VAL E 955 53.63 15.76 25.37
CA VAL E 955 52.84 14.58 25.69
C VAL E 955 53.75 13.55 26.36
N ILE E 956 53.46 13.25 27.62
CA ILE E 956 54.26 12.35 28.43
C ILE E 956 53.48 11.05 28.59
N THR E 957 54.20 9.93 28.55
CA THR E 957 53.62 8.60 28.74
C THR E 957 54.28 7.94 29.95
N LEU E 958 53.46 7.49 30.90
CA LEU E 958 53.96 6.86 32.11
C LEU E 958 53.51 5.41 32.19
N LYS E 959 54.34 4.58 32.81
CA LYS E 959 53.92 3.22 33.12
C LYS E 959 53.08 3.22 34.38
N SER E 960 52.08 2.32 34.41
CA SER E 960 51.19 2.25 35.56
C SER E 960 51.94 1.91 36.85
N LYS E 961 53.08 1.23 36.73
CA LYS E 961 53.84 0.86 37.92
C LYS E 961 54.30 2.08 38.69
N LEU E 962 54.58 3.20 38.02
CA LEU E 962 55.04 4.40 38.71
C LEU E 962 53.99 4.88 39.71
N VAL E 963 52.77 5.13 39.22
CA VAL E 963 51.71 5.61 40.09
C VAL E 963 51.30 4.53 41.09
N SER E 964 51.37 3.25 40.71
CA SER E 964 51.08 2.17 41.65
C SER E 964 52.04 2.19 42.83
N ASP E 965 53.34 2.26 42.54
CA ASP E 965 54.35 2.34 43.59
C ASP E 965 54.18 3.61 44.42
N PHE E 966 53.83 4.73 43.78
CA PHE E 966 53.58 5.97 44.51
C PHE E 966 52.46 5.80 45.52
N ARG E 967 51.33 5.23 45.07
CA ARG E 967 50.19 4.99 45.96
C ARG E 967 50.58 4.07 47.10
N LYS E 968 51.32 2.99 46.82
CA LYS E 968 51.65 2.05 47.87
C LYS E 968 52.71 2.59 48.83
N ASP E 969 53.57 3.50 48.36
CA ASP E 969 54.63 4.03 49.22
C ASP E 969 54.14 5.16 50.10
N PHE E 970 53.26 6.02 49.59
CA PHE E 970 52.79 7.17 50.37
C PHE E 970 51.36 7.00 50.84
N GLN E 971 50.86 5.77 50.85
CA GLN E 971 49.59 5.41 51.50
C GLN E 971 48.41 6.18 50.90
N PHE E 972 48.46 6.39 49.59
CA PHE E 972 47.28 6.83 48.84
C PHE E 972 46.62 5.62 48.17
N TYR E 973 46.16 4.71 49.02
CA TYR E 973 45.68 3.42 48.55
C TYR E 973 44.38 3.57 47.77
N LYS E 974 44.16 2.64 46.84
CA LYS E 974 42.93 2.56 46.08
C LYS E 974 42.19 1.28 46.44
N VAL E 975 40.86 1.39 46.53
CA VAL E 975 39.98 0.25 46.70
C VAL E 975 38.93 0.36 45.60
N ARG E 976 39.06 -0.46 44.56
CA ARG E 976 38.22 -0.32 43.38
C ARG E 976 36.75 -0.52 43.72
N GLU E 977 36.45 -1.44 44.65
CA GLU E 977 35.07 -1.82 44.92
C GLU E 977 34.26 -0.70 45.59
N ILE E 978 34.90 0.34 46.08
CA ILE E 978 34.17 1.37 46.83
C ILE E 978 33.34 2.23 45.88
N ASN E 979 33.96 2.76 44.83
CA ASN E 979 33.27 3.58 43.85
C ASN E 979 34.12 3.67 42.60
N ASN E 980 33.77 4.59 41.70
CA ASN E 980 34.49 4.80 40.45
C ASN E 980 35.44 5.98 40.51
N TYR E 981 35.69 6.51 41.71
CA TYR E 981 36.58 7.67 41.83
C TYR E 981 38.02 7.32 41.49
N HIS E 982 38.41 6.05 41.65
CA HIS E 982 39.82 5.69 41.54
C HIS E 982 40.35 5.95 40.14
N HIS E 983 39.49 5.96 39.12
CA HIS E 983 39.95 6.32 37.77
C HIS E 983 40.38 7.78 37.72
N ALA E 984 39.54 8.68 38.22
CA ALA E 984 39.90 10.10 38.27
C ALA E 984 41.13 10.32 39.13
N HIS E 985 41.22 9.61 40.26
CA HIS E 985 42.39 9.74 41.11
C HIS E 985 43.66 9.25 40.40
N ASP E 986 43.55 8.16 39.64
CA ASP E 986 44.68 7.69 38.85
C ASP E 986 45.11 8.75 37.84
N ALA E 987 44.14 9.39 37.19
CA ALA E 987 44.48 10.45 36.24
C ALA E 987 45.20 11.60 36.93
N TYR E 988 44.70 12.02 38.09
CA TYR E 988 45.34 13.12 38.82
C TYR E 988 46.75 12.75 39.25
N LEU E 989 46.93 11.55 39.80
CA LEU E 989 48.25 11.12 40.22
C LEU E 989 49.20 10.98 39.03
N ASN E 990 48.68 10.54 37.88
CA ASN E 990 49.49 10.50 36.67
C ASN E 990 49.97 11.90 36.31
N ALA E 991 49.07 12.87 36.28
CA ALA E 991 49.45 14.24 36.00
C ALA E 991 50.55 14.71 36.95
N VAL E 992 50.33 14.52 38.26
CA VAL E 992 51.27 15.01 39.26
C VAL E 992 52.64 14.36 39.07
N VAL E 993 52.68 13.03 39.03
CA VAL E 993 53.95 12.32 38.95
C VAL E 993 54.68 12.66 37.65
N GLY E 994 53.96 12.70 36.53
CA GLY E 994 54.61 12.98 35.26
C GLY E 994 55.18 14.38 35.19
N THR E 995 54.39 15.38 35.62
CA THR E 995 54.88 16.75 35.58
C THR E 995 56.07 16.95 36.53
N ALA E 996 55.98 16.37 37.73
CA ALA E 996 57.11 16.45 38.66
C ALA E 996 58.34 15.78 38.06
N LEU E 997 58.16 14.64 37.38
CA LEU E 997 59.28 13.92 36.80
C LEU E 997 59.95 14.71 35.69
N ILE E 998 59.16 15.34 34.82
CA ILE E 998 59.77 16.09 33.73
C ILE E 998 60.40 17.39 34.25
N LYS E 999 59.82 18.00 35.28
CA LYS E 999 60.43 19.20 35.85
C LYS E 999 61.74 18.88 36.56
N LYS E 1000 61.79 17.74 37.27
CA LYS E 1000 63.01 17.37 37.98
C LYS E 1000 64.10 16.96 37.00
N TYR E 1001 63.75 16.19 35.97
CA TYR E 1001 64.71 15.68 34.98
C TYR E 1001 64.29 16.15 33.59
N PRO E 1002 64.65 17.38 33.20
CA PRO E 1002 64.34 17.82 31.83
C PRO E 1002 65.11 17.07 30.77
N LYS E 1003 66.27 16.52 31.10
CA LYS E 1003 67.09 15.82 30.10
C LYS E 1003 66.40 14.55 29.60
N LEU E 1004 65.66 13.86 30.47
CA LEU E 1004 64.99 12.61 30.14
C LEU E 1004 63.76 12.77 29.25
N GLU E 1005 63.47 13.93 28.66
CA GLU E 1005 62.30 14.05 27.80
C GLU E 1005 62.25 12.94 26.76
N SER E 1006 63.38 12.70 26.08
CA SER E 1006 63.42 11.69 25.02
C SER E 1006 62.91 10.33 25.47
N GLU E 1007 62.93 10.06 26.78
CA GLU E 1007 62.46 8.77 27.26
C GLU E 1007 60.94 8.72 27.38
N PHE E 1008 60.31 9.81 27.82
CA PHE E 1008 58.87 9.75 28.09
C PHE E 1008 58.04 10.85 27.43
N VAL E 1009 58.65 11.72 26.63
CA VAL E 1009 57.91 12.77 25.92
C VAL E 1009 57.96 12.45 24.43
N TYR E 1010 56.80 12.50 23.78
CA TYR E 1010 56.73 12.21 22.35
C TYR E 1010 57.36 13.35 21.54
N GLY E 1011 58.25 12.98 20.63
CA GLY E 1011 58.94 13.93 19.80
C GLY E 1011 60.40 13.55 19.63
N ASP E 1012 61.04 14.14 18.63
CA ASP E 1012 62.46 13.92 18.38
C ASP E 1012 63.27 14.78 19.33
N TYR E 1013 63.92 14.15 20.31
CA TYR E 1013 64.63 14.87 21.36
C TYR E 1013 66.03 14.31 21.52
N LYS E 1014 66.90 15.11 22.13
CA LYS E 1014 68.29 14.74 22.33
C LYS E 1014 68.40 13.60 23.34
N VAL E 1015 69.33 12.67 23.09
CA VAL E 1015 69.55 11.53 23.96
C VAL E 1015 70.63 11.89 24.97
N TYR E 1016 70.55 11.29 26.16
CA TYR E 1016 71.52 11.54 27.22
C TYR E 1016 71.95 10.22 27.86
N ASP E 1017 73.25 10.05 28.01
CA ASP E 1017 73.87 8.81 28.50
C ASP E 1017 73.35 7.57 27.78
N MET E 1021 75.02 10.96 32.99
CA MET E 1021 73.96 11.38 33.88
C MET E 1021 74.11 10.77 35.27
N ILE E 1022 74.40 9.47 35.32
CA ILE E 1022 74.64 8.79 36.59
C ILE E 1022 76.01 9.20 37.11
N ALA E 1023 76.07 9.56 38.38
CA ALA E 1023 77.34 9.91 39.00
C ALA E 1023 78.17 8.66 39.25
N LYS E 1024 79.44 8.86 39.59
CA LYS E 1024 80.32 7.77 39.96
C LYS E 1024 79.90 7.24 41.33
N SER E 1025 80.76 6.42 41.94
CA SER E 1025 80.46 5.84 43.24
C SER E 1025 80.27 6.88 44.33
N GLU E 1026 80.53 8.16 44.04
CA GLU E 1026 80.38 9.23 45.02
C GLU E 1026 78.90 9.50 45.26
N GLN E 1027 78.36 8.94 46.35
CA GLN E 1027 76.99 9.26 46.75
C GLN E 1027 76.88 10.71 47.22
N GLU E 1028 77.95 11.26 47.79
CA GLU E 1028 77.95 12.62 48.31
C GLU E 1028 77.75 13.65 47.19
N LYS E 1035 75.42 16.10 36.66
CA LYS E 1035 74.91 14.75 36.79
C LYS E 1035 73.71 14.73 37.74
N TYR E 1036 72.59 14.20 37.26
CA TYR E 1036 71.35 14.27 38.01
C TYR E 1036 71.35 13.37 39.24
N PHE E 1037 71.33 12.05 39.05
CA PHE E 1037 71.20 11.13 40.17
C PHE E 1037 72.17 9.98 40.05
N PHE E 1038 72.45 9.35 41.20
CA PHE E 1038 73.32 8.18 41.28
C PHE E 1038 72.54 6.91 41.61
N TYR E 1039 71.68 6.96 42.63
CA TYR E 1039 70.79 5.84 42.91
C TYR E 1039 69.78 5.68 41.79
N SER E 1040 69.41 4.43 41.52
CA SER E 1040 68.75 4.10 40.27
C SER E 1040 67.24 4.25 40.34
N ASN E 1041 66.66 4.35 41.52
CA ASN E 1041 65.22 4.60 41.65
C ASN E 1041 64.94 6.04 41.27
N ILE E 1042 64.21 6.23 40.16
CA ILE E 1042 63.85 7.57 39.71
C ILE E 1042 62.79 8.20 40.61
N MET E 1043 62.23 7.43 41.54
CA MET E 1043 61.21 7.90 42.45
C MET E 1043 61.74 8.15 43.86
N ASN E 1044 63.05 8.31 44.01
CA ASN E 1044 63.62 8.55 45.33
C ASN E 1044 63.45 9.98 45.80
N PHE E 1045 63.45 10.94 44.87
CA PHE E 1045 63.29 12.34 45.26
C PHE E 1045 61.93 12.63 45.89
N PHE E 1046 61.00 11.67 45.86
CA PHE E 1046 59.71 11.86 46.49
C PHE E 1046 59.71 11.53 47.97
N LYS E 1047 60.52 10.56 48.41
CA LYS E 1047 60.59 10.22 49.82
C LYS E 1047 61.57 11.15 50.55
N THR E 1048 61.32 11.31 51.85
CA THR E 1048 62.20 12.10 52.69
C THR E 1048 63.38 11.32 53.24
N GLU E 1049 63.22 10.00 53.41
CA GLU E 1049 64.31 9.13 53.87
C GLU E 1049 64.29 7.85 53.05
N ILE E 1050 65.47 7.26 52.88
CA ILE E 1050 65.65 6.04 52.10
C ILE E 1050 66.36 5.03 52.98
N THR E 1051 65.88 3.78 52.96
CA THR E 1051 66.39 2.70 53.80
C THR E 1051 66.79 1.54 52.91
N LEU E 1052 68.09 1.27 52.83
CA LEU E 1052 68.56 0.11 52.10
C LEU E 1052 68.51 -1.15 52.97
N ALA E 1053 68.76 -2.29 52.36
CA ALA E 1053 68.71 -3.57 53.06
C ALA E 1053 69.91 -3.66 53.99
N ASN E 1054 69.66 -3.66 55.30
CA ASN E 1054 70.70 -3.68 56.33
C ASN E 1054 71.67 -2.52 56.18
N GLY E 1055 71.18 -1.39 55.68
CA GLY E 1055 71.97 -0.18 55.57
C GLY E 1055 71.32 0.95 56.36
N GLU E 1056 72.08 2.03 56.54
CA GLU E 1056 71.58 3.17 57.27
C GLU E 1056 70.57 3.95 56.43
N ILE E 1057 70.04 5.02 57.01
CA ILE E 1057 69.00 5.82 56.38
C ILE E 1057 69.65 7.04 55.73
N ARG E 1058 69.56 7.11 54.40
CA ARG E 1058 69.92 8.34 53.72
C ARG E 1058 68.74 9.30 53.78
N LYS E 1059 69.01 10.60 53.70
CA LYS E 1059 67.97 11.60 53.87
C LYS E 1059 68.05 12.64 52.76
N ARG E 1060 66.88 13.04 52.28
CA ARG E 1060 66.72 14.08 51.27
C ARG E 1060 65.95 15.26 51.83
N PRO E 1061 66.14 16.45 51.27
CA PRO E 1061 65.49 17.65 51.82
C PRO E 1061 63.98 17.64 51.60
N LEU E 1062 63.31 18.54 52.32
CA LEU E 1062 61.87 18.71 52.15
C LEU E 1062 61.54 19.25 50.76
N ILE E 1063 62.27 20.26 50.30
CA ILE E 1063 62.06 20.85 49.00
C ILE E 1063 63.06 20.25 48.02
N GLU E 1064 62.54 19.65 46.95
CA GLU E 1064 63.32 19.11 45.85
C GLU E 1064 63.16 20.02 44.66
N THR E 1065 64.27 20.36 44.01
CA THR E 1065 64.30 21.30 42.90
C THR E 1065 65.17 20.76 41.78
N ASN E 1066 65.05 21.40 40.61
CA ASN E 1066 65.93 21.12 39.48
C ASN E 1066 67.29 21.78 39.69
N GLY E 1067 68.34 21.08 39.27
CA GLY E 1067 69.69 21.58 39.51
C GLY E 1067 70.00 22.86 38.76
N GLU E 1068 69.54 22.98 37.51
CA GLU E 1068 69.89 24.13 36.69
C GLU E 1068 68.87 25.26 36.82
N THR E 1069 67.62 25.01 36.40
CA THR E 1069 66.64 26.09 36.39
C THR E 1069 66.24 26.51 37.80
N GLY E 1070 66.36 25.60 38.77
CA GLY E 1070 66.06 25.92 40.14
C GLY E 1070 64.60 25.97 40.53
N GLU E 1071 63.69 25.74 39.59
CA GLU E 1071 62.27 25.82 39.91
C GLU E 1071 61.89 24.72 40.90
N ILE E 1072 60.96 25.05 41.80
CA ILE E 1072 60.51 24.08 42.80
C ILE E 1072 59.77 22.95 42.09
N VAL E 1073 60.15 21.71 42.40
CA VAL E 1073 59.50 20.56 41.80
C VAL E 1073 58.70 19.75 42.82
N TRP E 1074 59.12 19.70 44.09
CA TRP E 1074 58.33 18.93 45.06
C TRP E 1074 58.66 19.36 46.47
N ASP E 1075 57.74 20.06 47.13
CA ASP E 1075 57.86 20.39 48.54
C ASP E 1075 57.19 19.29 49.35
N LYS E 1076 57.99 18.49 50.06
CA LYS E 1076 57.45 17.37 50.81
C LYS E 1076 56.55 17.80 51.97
N GLY E 1077 56.63 19.05 52.41
CA GLY E 1077 55.80 19.48 53.53
C GLY E 1077 54.39 19.86 53.14
N ARG E 1078 54.17 20.28 51.89
CA ARG E 1078 52.86 20.75 51.45
C ARG E 1078 52.27 20.04 50.25
N ASP E 1079 53.06 19.31 49.46
CA ASP E 1079 52.49 18.73 48.26
C ASP E 1079 51.77 17.42 48.57
N PHE E 1080 52.26 16.64 49.53
CA PHE E 1080 51.53 15.45 49.95
C PHE E 1080 50.17 15.83 50.53
N ALA E 1081 50.11 16.92 51.29
CA ALA E 1081 48.83 17.39 51.80
C ALA E 1081 47.89 17.80 50.68
N THR E 1082 48.43 18.44 49.64
CA THR E 1082 47.61 18.80 48.48
C THR E 1082 47.05 17.55 47.82
N VAL E 1083 47.89 16.53 47.60
CA VAL E 1083 47.42 15.28 47.01
C VAL E 1083 46.34 14.64 47.86
N ARG E 1084 46.53 14.66 49.19
CA ARG E 1084 45.55 14.04 50.07
C ARG E 1084 44.22 14.78 50.04
N LYS E 1085 44.25 16.11 50.08
CA LYS E 1085 43.02 16.89 50.00
C LYS E 1085 42.31 16.66 48.67
N VAL E 1086 43.07 16.59 47.57
CA VAL E 1086 42.48 16.31 46.27
C VAL E 1086 41.80 14.95 46.27
N LEU E 1087 42.50 13.92 46.74
CA LEU E 1087 41.94 12.58 46.80
C LEU E 1087 40.79 12.49 47.80
N SER E 1088 40.62 13.47 48.68
CA SER E 1088 39.53 13.47 49.65
C SER E 1088 38.32 14.25 49.20
N MET E 1089 38.39 14.96 48.08
CA MET E 1089 37.25 15.73 47.60
C MET E 1089 36.11 14.79 47.25
N PRO E 1090 34.90 15.03 47.78
CA PRO E 1090 33.77 14.14 47.45
C PRO E 1090 33.12 14.43 46.11
N GLN E 1091 33.34 15.62 45.55
CA GLN E 1091 32.72 16.00 44.28
C GLN E 1091 33.66 15.60 43.14
N VAL E 1092 33.38 14.46 42.53
CA VAL E 1092 34.13 13.97 41.37
C VAL E 1092 33.13 13.72 40.26
N ASN E 1093 33.48 14.16 39.04
CA ASN E 1093 32.56 14.11 37.91
C ASN E 1093 32.61 12.73 37.28
N ILE E 1094 31.72 11.85 37.73
CA ILE E 1094 31.58 10.51 37.17
C ILE E 1094 30.42 10.52 36.19
N VAL E 1095 30.72 10.32 34.92
CA VAL E 1095 29.73 10.39 33.84
C VAL E 1095 29.70 9.05 33.12
N LYS E 1096 28.54 8.39 33.15
CA LYS E 1096 28.33 7.14 32.43
C LYS E 1096 27.81 7.47 31.04
N LYS E 1097 28.59 7.10 30.02
CA LYS E 1097 28.27 7.39 28.63
C LYS E 1097 26.93 6.79 28.21
N THR E 1098 25.94 7.65 27.94
CA THR E 1098 24.65 7.17 27.46
C THR E 1098 24.77 6.65 26.04
N GLU E 1099 24.09 5.54 25.76
CA GLU E 1099 24.30 4.83 24.51
C GLU E 1099 22.99 4.20 24.02
N VAL E 1100 22.67 4.45 22.75
CA VAL E 1100 21.57 3.74 22.11
C VAL E 1100 21.97 2.29 21.93
N GLN E 1101 21.06 1.38 22.26
CA GLN E 1101 21.35 -0.06 22.21
C GLN E 1101 21.19 -0.59 20.79
N THR E 1102 22.21 -1.33 20.33
CA THR E 1102 22.23 -1.90 19.00
C THR E 1102 22.48 -3.40 19.11
N GLY E 1103 22.23 -4.11 18.00
CA GLY E 1103 22.52 -5.53 17.92
C GLY E 1103 21.29 -6.34 17.57
N GLY E 1104 21.25 -7.57 18.09
CA GLY E 1104 20.17 -8.47 17.75
C GLY E 1104 18.84 -7.95 18.26
N PHE E 1105 17.79 -8.21 17.47
CA PHE E 1105 16.45 -7.71 17.81
C PHE E 1105 16.03 -8.15 19.21
N SER E 1106 16.28 -9.40 19.57
CA SER E 1106 15.76 -9.94 20.82
C SER E 1106 16.58 -11.17 21.20
N LYS E 1107 16.02 -12.01 22.05
CA LYS E 1107 16.66 -13.26 22.43
C LYS E 1107 16.46 -14.30 21.34
N GLU E 1108 17.56 -14.92 20.90
CA GLU E 1108 17.53 -15.82 19.75
C GLU E 1108 16.66 -17.05 20.00
N SER E 1109 16.38 -17.40 21.25
CA SER E 1109 15.56 -18.56 21.55
C SER E 1109 14.22 -18.49 20.84
N ILE E 1110 13.93 -19.52 20.05
CA ILE E 1110 12.62 -19.66 19.41
C ILE E 1110 11.73 -20.39 20.42
N LEU E 1111 10.89 -19.63 21.11
CA LEU E 1111 10.09 -20.19 22.20
C LEU E 1111 8.85 -20.90 21.65
N PRO E 1112 8.29 -21.82 22.43
CA PRO E 1112 7.07 -22.50 21.98
C PRO E 1112 5.86 -21.58 22.00
N LYS E 1113 4.74 -22.09 21.49
CA LYS E 1113 3.52 -21.30 21.45
C LYS E 1113 3.02 -21.01 22.86
N ARG E 1114 2.60 -19.77 23.06
CA ARG E 1114 2.18 -19.30 24.38
C ARG E 1114 1.18 -18.17 24.19
N ASN E 1115 0.14 -18.14 25.03
CA ASN E 1115 -0.89 -17.12 24.94
C ASN E 1115 -0.41 -15.87 25.67
N SER E 1116 0.54 -15.18 25.05
CA SER E 1116 1.15 -14.00 25.63
C SER E 1116 1.42 -12.98 24.53
N ASP E 1117 1.14 -11.71 24.83
CA ASP E 1117 1.45 -10.64 23.90
C ASP E 1117 2.94 -10.36 23.81
N LYS E 1118 3.75 -10.90 24.73
CA LYS E 1118 5.19 -10.74 24.69
C LYS E 1118 5.84 -11.53 23.55
N LEU E 1119 5.10 -12.42 22.90
CA LEU E 1119 5.67 -13.22 21.83
C LEU E 1119 5.75 -12.42 20.53
N ILE E 1120 6.82 -12.65 19.78
CA ILE E 1120 7.11 -11.92 18.55
C ILE E 1120 7.07 -12.90 17.38
N ALA E 1121 6.34 -12.53 16.33
CA ALA E 1121 6.18 -13.42 15.19
C ALA E 1121 7.50 -13.58 14.45
N ARG E 1122 7.90 -14.84 14.22
CA ARG E 1122 9.15 -15.11 13.53
C ARG E 1122 9.04 -14.81 12.04
N LYS E 1123 7.83 -14.86 11.48
CA LYS E 1123 7.56 -14.40 10.14
C LYS E 1123 6.25 -13.63 10.18
N LYS E 1124 5.98 -12.84 9.13
CA LYS E 1124 4.83 -11.94 9.14
C LYS E 1124 3.54 -12.68 9.44
N ASP E 1125 3.37 -13.88 8.88
CA ASP E 1125 2.11 -14.61 9.00
C ASP E 1125 2.15 -15.71 10.06
N TRP E 1126 3.21 -15.79 10.85
CA TRP E 1126 3.36 -16.85 11.84
C TRP E 1126 2.92 -16.34 13.21
N ASP E 1127 1.61 -16.40 13.44
CA ASP E 1127 0.99 -16.01 14.70
C ASP E 1127 1.58 -16.83 15.84
N PRO E 1128 2.32 -16.19 16.75
CA PRO E 1128 3.06 -16.96 17.77
C PRO E 1128 2.17 -17.78 18.70
N LYS E 1129 0.89 -17.44 18.83
CA LYS E 1129 -0.01 -18.30 19.57
C LYS E 1129 -0.16 -19.67 18.90
N LYS E 1130 0.09 -19.75 17.60
CA LYS E 1130 0.05 -21.02 16.87
C LYS E 1130 1.41 -21.60 16.60
N TYR E 1131 2.45 -20.77 16.45
CA TYR E 1131 3.75 -21.24 16.00
C TYR E 1131 4.89 -20.86 16.94
N GLY E 1132 4.61 -20.26 18.09
CA GLY E 1132 5.66 -19.79 18.97
C GLY E 1132 6.40 -18.60 18.35
N GLY E 1133 7.50 -18.22 19.00
CA GLY E 1133 8.28 -17.11 18.49
C GLY E 1133 9.32 -16.65 19.49
N PHE E 1134 9.69 -15.38 19.38
CA PHE E 1134 10.68 -14.74 20.23
C PHE E 1134 10.02 -13.99 21.38
N ASP E 1135 10.82 -13.71 22.40
CA ASP E 1135 10.47 -12.70 23.40
C ASP E 1135 11.74 -11.95 23.77
N SER E 1136 11.63 -11.06 24.76
CA SER E 1136 12.75 -10.33 25.32
C SER E 1136 13.45 -9.46 24.29
N PRO E 1137 12.78 -8.46 23.71
CA PRO E 1137 13.48 -7.57 22.78
C PRO E 1137 14.40 -6.62 23.54
N THR E 1138 15.42 -6.14 22.83
CA THR E 1138 16.33 -5.14 23.38
C THR E 1138 15.84 -3.76 22.98
N VAL E 1139 15.63 -2.90 23.98
CA VAL E 1139 15.15 -1.54 23.72
C VAL E 1139 16.32 -0.69 23.26
N ALA E 1140 16.21 -0.14 22.04
CA ALA E 1140 17.25 0.74 21.54
C ALA E 1140 17.34 2.01 22.38
N TYR E 1141 16.18 2.59 22.69
CA TYR E 1141 16.09 3.78 23.53
C TYR E 1141 14.62 3.99 23.88
N SER E 1142 14.38 4.58 25.03
CA SER E 1142 13.02 4.86 25.46
C SER E 1142 12.59 6.23 24.95
N VAL E 1143 11.28 6.49 25.03
CA VAL E 1143 10.72 7.75 24.53
C VAL E 1143 9.66 8.23 25.52
N LEU E 1144 9.82 9.47 25.98
CA LEU E 1144 8.81 10.11 26.81
C LEU E 1144 7.74 10.69 25.89
N VAL E 1145 6.53 10.14 25.98
CA VAL E 1145 5.39 10.52 25.16
C VAL E 1145 4.38 11.27 26.03
N VAL E 1146 3.86 12.37 25.50
CA VAL E 1146 2.77 13.11 26.14
C VAL E 1146 1.59 13.10 25.18
N ALA E 1147 0.53 12.37 25.54
CA ALA E 1147 -0.63 12.20 24.68
C ALA E 1147 -1.79 11.69 25.54
N LYS E 1148 -2.85 11.23 24.88
CA LYS E 1148 -4.02 10.69 25.57
C LYS E 1148 -4.38 9.33 25.00
N VAL E 1149 -4.81 8.42 25.87
CA VAL E 1149 -5.23 7.09 25.47
C VAL E 1149 -6.67 6.88 25.92
N GLU E 1150 -7.42 6.10 25.14
CA GLU E 1150 -8.79 5.76 25.48
C GLU E 1150 -8.85 4.88 26.73
N LYS E 1151 -9.95 4.99 27.46
CA LYS E 1151 -10.10 4.31 28.73
C LYS E 1151 -11.51 3.73 28.86
N GLY E 1152 -11.60 2.48 29.30
CA GLY E 1152 -12.88 1.84 29.55
C GLY E 1152 -13.61 1.47 28.27
N LYS E 1153 -14.79 0.88 28.47
CA LYS E 1153 -15.63 0.47 27.34
C LYS E 1153 -16.18 1.67 26.57
N SER E 1154 -16.21 2.84 27.19
CA SER E 1154 -16.66 4.05 26.50
C SER E 1154 -15.59 4.69 25.64
N LYS E 1155 -14.34 4.21 25.75
CA LYS E 1155 -13.22 4.75 24.97
C LYS E 1155 -13.05 6.25 25.19
N LYS E 1156 -13.09 6.66 26.46
CA LYS E 1156 -12.89 8.05 26.83
C LYS E 1156 -11.40 8.38 26.91
N LEU E 1157 -11.04 9.55 26.38
CA LEU E 1157 -9.64 9.96 26.32
C LEU E 1157 -9.15 10.40 27.69
N LYS E 1158 -7.97 9.89 28.08
CA LYS E 1158 -7.37 10.19 29.37
C LYS E 1158 -5.93 10.61 29.17
N SER E 1159 -5.55 11.74 29.75
CA SER E 1159 -4.18 12.24 29.59
C SER E 1159 -3.18 11.36 30.33
N VAL E 1160 -2.06 11.06 29.67
CA VAL E 1160 -1.04 10.19 30.21
C VAL E 1160 0.34 10.77 29.91
N LYS E 1161 1.31 10.32 30.69
CA LYS E 1161 2.72 10.65 30.47
C LYS E 1161 3.51 9.42 30.90
N GLU E 1162 4.14 8.75 29.95
CA GLU E 1162 4.76 7.46 30.24
C GLU E 1162 5.96 7.25 29.34
N LEU E 1163 6.71 6.19 29.65
CA LEU E 1163 7.91 5.82 28.90
C LEU E 1163 7.58 4.62 28.01
N LEU E 1164 7.82 4.77 26.72
CA LEU E 1164 7.61 3.71 25.74
C LEU E 1164 8.97 3.25 25.24
N GLY E 1165 9.24 1.95 25.37
CA GLY E 1165 10.50 1.40 24.90
C GLY E 1165 10.51 1.05 23.43
N ILE E 1166 11.14 1.91 22.62
CA ILE E 1166 11.30 1.62 21.20
C ILE E 1166 12.35 0.52 21.04
N THR E 1167 11.91 -0.64 20.55
CA THR E 1167 12.82 -1.75 20.37
C THR E 1167 13.74 -1.52 19.17
N ILE E 1168 14.82 -2.29 19.12
CA ILE E 1168 15.73 -2.20 17.99
C ILE E 1168 15.01 -2.53 16.68
N MET E 1169 14.10 -3.49 16.73
CA MET E 1169 13.34 -3.86 15.53
C MET E 1169 12.36 -2.75 15.15
N GLU E 1170 11.77 -2.08 16.13
CA GLU E 1170 10.81 -1.01 15.88
C GLU E 1170 11.45 0.32 15.48
N ARG E 1171 12.77 0.46 15.64
CA ARG E 1171 13.40 1.78 15.58
C ARG E 1171 13.15 2.47 14.25
N SER E 1172 13.45 1.80 13.13
CA SER E 1172 13.37 2.46 11.83
C SER E 1172 11.94 2.91 11.51
N SER E 1173 10.95 2.07 11.86
CA SER E 1173 9.56 2.45 11.62
C SER E 1173 9.19 3.68 12.46
N PHE E 1174 9.62 3.71 13.72
CA PHE E 1174 9.32 4.85 14.58
C PHE E 1174 9.97 6.12 14.07
N GLU E 1175 11.24 6.05 13.67
CA GLU E 1175 11.93 7.25 13.20
C GLU E 1175 11.41 7.72 11.85
N LYS E 1176 10.93 6.82 11.01
CA LYS E 1176 10.39 7.22 9.72
C LYS E 1176 9.15 8.10 9.90
N ASN E 1177 8.31 7.76 10.87
CA ASN E 1177 7.14 8.56 11.19
C ASN E 1177 6.71 8.30 12.63
N PRO E 1178 7.13 9.12 13.59
CA PRO E 1178 6.83 8.82 15.00
C PRO E 1178 5.35 8.94 15.34
N ILE E 1179 4.64 9.89 14.75
CA ILE E 1179 3.24 10.12 15.13
C ILE E 1179 2.38 8.93 14.74
N ASP E 1180 2.55 8.42 13.52
CA ASP E 1180 1.77 7.27 13.10
C ASP E 1180 2.13 6.04 13.92
N PHE E 1181 3.41 5.89 14.27
CA PHE E 1181 3.86 4.79 15.12
C PHE E 1181 3.15 4.83 16.47
N LEU E 1182 3.17 5.99 17.13
CA LEU E 1182 2.55 6.12 18.45
C LEU E 1182 1.05 5.95 18.37
N GLU E 1183 0.42 6.47 17.33
CA GLU E 1183 -1.03 6.31 17.16
C GLU E 1183 -1.39 4.85 16.95
N ALA E 1184 -0.57 4.11 16.21
CA ALA E 1184 -0.77 2.67 16.09
C ALA E 1184 -0.56 1.98 17.43
N LYS E 1185 0.34 2.49 18.26
CA LYS E 1185 0.50 1.93 19.61
C LYS E 1185 -0.69 2.22 20.51
N GLY E 1186 -1.49 3.24 20.19
CA GLY E 1186 -2.67 3.53 21.00
C GLY E 1186 -2.78 4.94 21.53
N TYR E 1187 -1.75 5.76 21.32
CA TYR E 1187 -1.80 7.15 21.80
C TYR E 1187 -2.54 8.03 20.80
N LYS E 1188 -3.16 9.08 21.31
CA LYS E 1188 -3.91 10.03 20.49
C LYS E 1188 -3.44 11.45 20.80
N GLU E 1189 -3.35 12.27 19.75
CA GLU E 1189 -2.98 13.68 19.86
C GLU E 1189 -1.63 13.84 20.57
N VAL E 1190 -0.60 13.26 19.98
CA VAL E 1190 0.73 13.28 20.58
C VAL E 1190 1.39 14.62 20.30
N LYS E 1191 1.96 15.21 21.35
CA LYS E 1191 2.76 16.44 21.20
C LYS E 1191 4.13 16.05 20.65
N LYS E 1192 4.32 16.26 19.35
CA LYS E 1192 5.55 15.83 18.71
C LYS E 1192 6.77 16.51 19.31
N ASP E 1193 6.63 17.78 19.72
CA ASP E 1193 7.73 18.49 20.34
C ASP E 1193 7.98 18.08 21.79
N LEU E 1194 7.01 17.42 22.44
CA LEU E 1194 7.22 16.92 23.78
C LEU E 1194 7.77 15.50 23.79
N ILE E 1195 7.84 14.83 22.64
CA ILE E 1195 8.47 13.52 22.56
C ILE E 1195 9.94 13.68 22.88
N ILE E 1196 10.42 12.94 23.88
CA ILE E 1196 11.82 13.05 24.29
C ILE E 1196 12.51 11.69 24.12
N LYS E 1197 13.61 11.69 23.38
CA LYS E 1197 14.43 10.50 23.19
C LYS E 1197 15.37 10.31 24.36
N LEU E 1198 15.39 9.11 24.93
CA LEU E 1198 16.18 8.81 26.13
C LEU E 1198 16.98 7.53 25.90
N PRO E 1199 18.28 7.65 25.63
CA PRO E 1199 19.11 6.45 25.49
C PRO E 1199 19.32 5.78 26.84
N LYS E 1200 19.91 4.59 26.79
CA LYS E 1200 20.24 3.88 28.03
C LYS E 1200 21.22 4.72 28.84
N TYR E 1201 21.08 4.64 30.17
CA TYR E 1201 21.87 5.37 31.15
C TYR E 1201 21.56 6.86 31.19
N SER E 1202 20.40 7.27 30.67
CA SER E 1202 19.95 8.64 30.86
C SER E 1202 19.76 8.90 32.36
N LEU E 1203 20.17 10.09 32.80
CA LEU E 1203 20.29 10.38 34.23
C LEU E 1203 19.11 11.21 34.71
N PHE E 1204 18.52 10.80 35.84
CA PHE E 1204 17.49 11.56 36.52
C PHE E 1204 17.91 11.74 37.96
N GLU E 1205 17.60 12.92 38.52
CA GLU E 1205 17.74 13.19 39.93
C GLU E 1205 16.36 13.38 40.53
N LEU E 1206 16.10 12.68 41.63
CA LEU E 1206 14.81 12.69 42.30
C LEU E 1206 14.93 13.50 43.60
N GLU E 1207 14.50 12.98 44.74
CA GLU E 1207 14.51 13.73 45.99
C GLU E 1207 15.75 13.39 46.81
N ASN E 1208 16.24 14.40 47.54
CA ASN E 1208 17.36 14.26 48.46
C ASN E 1208 18.63 13.79 47.77
N GLY E 1209 18.76 14.09 46.48
CA GLY E 1209 19.92 13.69 45.72
C GLY E 1209 19.91 12.27 45.19
N ARG E 1210 18.77 11.58 45.27
CA ARG E 1210 18.69 10.23 44.74
C ARG E 1210 18.72 10.26 43.22
N LYS E 1211 19.66 9.53 42.63
CA LYS E 1211 19.83 9.50 41.19
C LYS E 1211 19.50 8.13 40.63
N ARG E 1212 19.02 8.12 39.39
CA ARG E 1212 18.69 6.89 38.69
C ARG E 1212 19.15 7.01 37.25
N MET E 1213 19.59 5.89 36.68
CA MET E 1213 19.97 5.82 35.29
C MET E 1213 18.99 4.89 34.55
N LEU E 1214 18.70 5.22 33.30
CA LEU E 1214 17.77 4.43 32.52
C LEU E 1214 18.46 3.14 32.07
N ALA E 1215 18.01 1.99 32.59
CA ALA E 1215 18.42 0.70 32.06
C ALA E 1215 17.59 0.29 30.86
N SER E 1216 16.31 0.65 30.88
CA SER E 1216 15.38 0.43 29.77
C SER E 1216 14.14 1.26 30.02
N ALA E 1217 13.04 0.96 29.34
CA ALA E 1217 11.79 1.66 29.61
C ALA E 1217 11.10 1.16 30.87
N GLY E 1218 11.56 0.05 31.44
CA GLY E 1218 10.88 -0.54 32.58
C GLY E 1218 11.77 -0.91 33.76
N GLU E 1219 13.03 -0.49 33.74
CA GLU E 1219 13.94 -0.76 34.83
C GLU E 1219 14.95 0.38 34.94
N LEU E 1220 15.42 0.61 36.16
CA LEU E 1220 16.38 1.65 36.46
C LEU E 1220 17.62 1.07 37.13
N GLN E 1221 18.71 1.83 37.06
CA GLN E 1221 19.97 1.50 37.72
C GLN E 1221 20.31 2.57 38.75
N LYS E 1222 21.06 2.17 39.77
CA LYS E 1222 21.57 3.12 40.75
C LYS E 1222 22.41 4.20 40.08
N GLY E 1223 22.15 5.45 40.42
CA GLY E 1223 22.78 6.57 39.76
C GLY E 1223 23.64 7.43 40.64
N ASN E 1224 23.91 6.99 41.87
CA ASN E 1224 24.68 7.76 42.83
C ASN E 1224 26.00 7.08 43.17
N GLU E 1225 27.00 7.90 43.50
CA GLU E 1225 28.29 7.43 43.96
C GLU E 1225 28.41 7.64 45.46
N LEU E 1226 29.08 6.70 46.13
CA LEU E 1226 29.31 6.77 47.58
C LEU E 1226 30.71 7.31 47.81
N ALA E 1227 30.81 8.59 48.17
CA ALA E 1227 32.10 9.23 48.43
C ALA E 1227 32.52 8.89 49.85
N LEU E 1228 33.25 7.78 49.99
CA LEU E 1228 33.74 7.38 51.30
C LEU E 1228 34.99 8.18 51.66
N PRO E 1229 35.11 8.61 52.91
CA PRO E 1229 36.31 9.38 53.32
C PRO E 1229 37.59 8.58 53.12
N SER E 1230 38.69 9.32 52.96
CA SER E 1230 39.96 8.68 52.62
C SER E 1230 40.45 7.79 53.76
N LYS E 1231 40.20 8.18 55.01
CA LYS E 1231 40.65 7.38 56.14
C LYS E 1231 40.02 6.01 56.15
N TYR E 1232 38.72 5.92 55.84
CA TYR E 1232 38.05 4.63 55.78
C TYR E 1232 38.60 3.78 54.63
N VAL E 1233 38.91 4.43 53.50
CA VAL E 1233 39.46 3.70 52.36
C VAL E 1233 40.80 3.08 52.73
N ASN E 1234 41.68 3.88 53.35
CA ASN E 1234 42.99 3.36 53.74
C ASN E 1234 42.88 2.29 54.81
N PHE E 1235 41.93 2.46 55.75
CA PHE E 1235 41.73 1.45 56.77
C PHE E 1235 41.28 0.13 56.16
N LEU E 1236 40.35 0.18 55.21
CA LEU E 1236 39.90 -1.04 54.54
C LEU E 1236 41.03 -1.70 53.76
N TYR E 1237 41.82 -0.90 53.03
CA TYR E 1237 42.96 -1.44 52.30
C TYR E 1237 43.90 -2.16 53.24
N LEU E 1238 44.34 -1.49 54.31
CA LEU E 1238 45.33 -2.06 55.20
C LEU E 1238 44.77 -3.27 55.95
N ALA E 1239 43.49 -3.23 56.32
CA ALA E 1239 42.92 -4.34 57.08
C ALA E 1239 42.74 -5.58 56.21
N SER E 1240 42.33 -5.41 54.95
CA SER E 1240 42.20 -6.57 54.09
C SER E 1240 43.56 -7.08 53.64
N HIS E 1241 44.43 -6.18 53.20
CA HIS E 1241 45.80 -6.52 52.79
C HIS E 1241 46.72 -6.62 54.01
N TYR E 1242 46.38 -7.51 54.95
CA TYR E 1242 47.10 -7.55 56.22
C TYR E 1242 48.15 -8.65 56.30
N GLU E 1243 48.06 -9.68 55.45
CA GLU E 1243 48.98 -10.81 55.51
C GLU E 1243 50.10 -10.73 54.49
N LYS E 1244 49.80 -10.28 53.27
CA LYS E 1244 50.77 -10.22 52.19
C LYS E 1244 51.31 -8.82 51.94
N LEU E 1245 51.01 -7.85 52.81
CA LEU E 1245 51.40 -6.47 52.55
C LEU E 1245 52.93 -6.35 52.53
N LYS E 1246 53.40 -5.40 51.74
CA LYS E 1246 54.83 -5.16 51.59
C LYS E 1246 55.29 -4.09 52.58
N GLY E 1247 56.58 -3.80 52.56
CA GLY E 1247 57.18 -2.82 53.45
C GLY E 1247 57.99 -3.48 54.56
N SER E 1248 58.78 -2.65 55.23
CA SER E 1248 59.59 -3.13 56.34
C SER E 1248 58.70 -3.83 57.38
N PRO E 1249 59.15 -4.95 57.96
CA PRO E 1249 58.34 -5.59 59.00
C PRO E 1249 58.00 -4.67 60.16
N GLU E 1250 58.85 -3.69 60.45
CA GLU E 1250 58.51 -2.70 61.46
C GLU E 1250 57.45 -1.73 60.94
N ASP E 1251 57.56 -1.31 59.68
CA ASP E 1251 56.48 -0.53 59.08
C ASP E 1251 55.22 -1.36 58.94
N ASN E 1252 55.37 -2.66 58.67
CA ASN E 1252 54.21 -3.55 58.68
C ASN E 1252 53.55 -3.59 60.05
N GLU E 1253 54.37 -3.61 61.11
CA GLU E 1253 53.83 -3.56 62.46
C GLU E 1253 53.12 -2.23 62.72
N GLN E 1254 53.67 -1.13 62.20
CA GLN E 1254 53.00 0.16 62.35
C GLN E 1254 51.64 0.16 61.65
N LYS E 1255 51.58 -0.42 60.45
CA LYS E 1255 50.31 -0.49 59.73
C LYS E 1255 49.31 -1.38 60.46
N GLN E 1256 49.79 -2.50 61.01
CA GLN E 1256 48.91 -3.38 61.79
C GLN E 1256 48.38 -2.66 63.03
N LEU E 1257 49.24 -1.88 63.69
CA LEU E 1257 48.81 -1.14 64.88
C LEU E 1257 47.81 -0.06 64.51
N PHE E 1258 47.98 0.57 63.34
CA PHE E 1258 46.96 1.52 62.89
C PHE E 1258 45.64 0.82 62.61
N VAL E 1259 45.70 -0.37 62.00
CA VAL E 1259 44.48 -1.15 61.75
C VAL E 1259 43.76 -1.46 63.05
N GLU E 1260 44.51 -1.89 64.07
CA GLU E 1260 43.89 -2.30 65.32
C GLU E 1260 43.45 -1.11 66.18
N GLN E 1261 44.13 0.04 66.06
CA GLN E 1261 43.73 1.22 66.82
C GLN E 1261 42.49 1.88 66.25
N HIS E 1262 42.16 1.63 64.98
CA HIS E 1262 40.99 2.24 64.36
C HIS E 1262 39.96 1.17 64.01
N LYS E 1263 39.67 0.28 64.96
CA LYS E 1263 38.68 -0.76 64.69
C LYS E 1263 37.27 -0.19 64.64
N HIS E 1264 36.99 0.85 65.43
CA HIS E 1264 35.69 1.51 65.41
C HIS E 1264 35.34 1.99 64.00
N TYR E 1265 36.36 2.30 63.19
CA TYR E 1265 36.14 2.64 61.79
C TYR E 1265 35.18 1.67 61.11
N LEU E 1266 35.29 0.38 61.43
CA LEU E 1266 34.35 -0.61 60.88
C LEU E 1266 32.90 -0.17 61.08
N ASP E 1267 32.52 0.03 62.35
CA ASP E 1267 31.17 0.49 62.66
C ASP E 1267 30.84 1.77 61.90
N GLU E 1268 31.77 2.72 61.91
CA GLU E 1268 31.55 4.00 61.23
C GLU E 1268 31.29 3.79 59.73
N ILE E 1269 32.05 2.91 59.10
CA ILE E 1269 31.86 2.59 57.68
C ILE E 1269 30.47 2.02 57.45
N ILE E 1270 30.06 1.08 58.31
CA ILE E 1270 28.71 0.53 58.24
C ILE E 1270 27.67 1.64 58.30
N GLU E 1271 27.85 2.57 59.25
CA GLU E 1271 26.97 3.73 59.37
C GLU E 1271 26.93 4.55 58.09
N GLN E 1272 28.10 4.84 57.52
CA GLN E 1272 28.16 5.60 56.29
C GLN E 1272 27.36 4.90 55.20
N ILE E 1273 27.44 3.57 55.16
CA ILE E 1273 26.69 2.80 54.18
C ILE E 1273 25.20 2.94 54.44
N SER E 1274 24.79 2.77 55.70
CA SER E 1274 23.38 2.77 56.05
C SER E 1274 22.73 4.11 55.73
N GLU E 1275 23.32 5.19 56.24
CA GLU E 1275 22.82 6.52 55.88
C GLU E 1275 22.69 6.66 54.37
N PHE E 1276 23.70 6.16 53.62
CA PHE E 1276 23.65 6.27 52.18
C PHE E 1276 22.45 5.50 51.61
N SER E 1277 22.32 4.23 51.99
CA SER E 1277 21.27 3.38 51.45
C SER E 1277 19.88 3.92 51.79
N LYS E 1278 19.64 4.22 53.07
CA LYS E 1278 18.36 4.81 53.47
C LYS E 1278 18.06 6.06 52.65
N ARG E 1279 19.08 6.78 52.21
CA ARG E 1279 18.81 7.98 51.44
C ARG E 1279 18.58 7.69 49.96
N VAL E 1280 19.32 6.73 49.40
CA VAL E 1280 19.50 6.61 47.97
C VAL E 1280 19.12 5.21 47.44
N ILE E 1281 19.60 4.16 48.11
CA ILE E 1281 19.44 2.82 47.55
C ILE E 1281 18.02 2.31 47.74
N LEU E 1282 17.46 2.50 48.94
CA LEU E 1282 16.08 2.09 49.26
C LEU E 1282 15.88 0.59 49.06
N ALA E 1283 16.72 -0.19 49.75
CA ALA E 1283 16.64 -1.65 49.77
C ALA E 1283 16.45 -2.06 51.22
N ASP E 1284 15.22 -1.93 51.72
CA ASP E 1284 14.97 -2.08 53.14
C ASP E 1284 15.29 -3.48 53.64
N ALA E 1285 14.75 -4.51 52.97
CA ALA E 1285 15.01 -5.88 53.39
C ALA E 1285 16.50 -6.21 53.28
N ASN E 1286 17.12 -5.82 52.16
CA ASN E 1286 18.55 -6.08 51.99
C ASN E 1286 19.38 -5.35 53.03
N LEU E 1287 19.06 -4.08 53.29
CA LEU E 1287 19.83 -3.31 54.26
C LEU E 1287 19.68 -3.90 55.67
N ASP E 1288 18.47 -4.36 56.02
CA ASP E 1288 18.27 -4.97 57.32
C ASP E 1288 19.03 -6.29 57.44
N LYS E 1289 19.00 -7.10 56.37
CA LYS E 1289 19.77 -8.34 56.38
C LYS E 1289 21.26 -8.05 56.51
N VAL E 1290 21.73 -6.99 55.85
CA VAL E 1290 23.15 -6.64 55.91
C VAL E 1290 23.53 -6.19 57.31
N LEU E 1291 22.70 -5.34 57.93
CA LEU E 1291 22.98 -4.90 59.30
C LEU E 1291 22.96 -6.08 60.27
N SER E 1292 22.00 -6.99 60.11
CA SER E 1292 21.94 -8.15 60.98
C SER E 1292 23.14 -9.07 60.78
N ALA E 1293 23.61 -9.21 59.54
CA ALA E 1293 24.80 -10.01 59.28
C ALA E 1293 26.03 -9.37 59.87
N TYR E 1294 26.12 -8.04 59.82
CA TYR E 1294 27.25 -7.35 60.44
C TYR E 1294 27.23 -7.51 61.96
N ASN E 1295 26.06 -7.35 62.57
CA ASN E 1295 25.95 -7.54 64.02
C ASN E 1295 26.13 -9.00 64.43
N LYS E 1296 25.91 -9.93 63.51
CA LYS E 1296 26.10 -11.35 63.83
C LYS E 1296 27.58 -11.69 63.93
N HIS E 1297 28.41 -11.07 63.09
CA HIS E 1297 29.83 -11.39 62.99
C HIS E 1297 30.71 -10.27 63.55
N ARG E 1298 30.26 -9.63 64.64
CA ARG E 1298 31.06 -8.56 65.24
C ARG E 1298 32.29 -9.11 65.94
N ASP E 1299 32.32 -10.41 66.26
CA ASP E 1299 33.46 -11.03 66.90
C ASP E 1299 34.45 -11.61 65.89
N LYS E 1300 34.11 -11.60 64.60
CA LYS E 1300 35.01 -12.09 63.57
C LYS E 1300 36.26 -11.21 63.47
N PRO E 1301 37.36 -11.75 62.94
CA PRO E 1301 38.58 -10.95 62.79
C PRO E 1301 38.35 -9.72 61.91
N ILE E 1302 39.23 -8.73 62.09
CA ILE E 1302 39.09 -7.46 61.39
C ILE E 1302 39.31 -7.64 59.89
N ARG E 1303 40.24 -8.51 59.50
CA ARG E 1303 40.54 -8.69 58.08
C ARG E 1303 39.33 -9.18 57.31
N GLU E 1304 38.67 -10.22 57.82
CA GLU E 1304 37.53 -10.81 57.11
C GLU E 1304 36.35 -9.86 57.10
N GLN E 1305 36.13 -9.14 58.21
CA GLN E 1305 35.08 -8.13 58.24
C GLN E 1305 35.34 -7.04 57.21
N ALA E 1306 36.60 -6.62 57.06
CA ALA E 1306 36.92 -5.59 56.07
C ALA E 1306 36.71 -6.11 54.66
N GLU E 1307 37.12 -7.35 54.39
CA GLU E 1307 36.89 -7.94 53.07
C GLU E 1307 35.40 -8.02 52.75
N ASN E 1308 34.60 -8.42 53.74
CA ASN E 1308 33.17 -8.51 53.50
C ASN E 1308 32.50 -7.14 53.42
N ILE E 1309 33.11 -6.11 54.00
CA ILE E 1309 32.62 -4.74 53.77
C ILE E 1309 32.94 -4.28 52.34
N ILE E 1310 34.15 -4.61 51.87
CA ILE E 1310 34.48 -4.42 50.46
C ILE E 1310 33.41 -5.07 49.60
N HIS E 1311 32.99 -6.27 49.97
CA HIS E 1311 31.86 -6.91 49.29
C HIS E 1311 30.57 -6.12 49.46
N LEU E 1312 30.34 -5.56 50.66
CA LEU E 1312 29.12 -4.85 50.95
C LEU E 1312 28.92 -3.65 50.05
N PHE E 1313 30.03 -3.02 49.63
CA PHE E 1313 29.91 -1.82 48.81
C PHE E 1313 29.14 -2.05 47.51
N THR E 1314 28.90 -3.31 47.13
CA THR E 1314 28.09 -3.60 45.95
C THR E 1314 26.67 -3.04 46.10
N LEU E 1315 26.17 -2.96 47.33
CA LEU E 1315 24.82 -2.40 47.55
C LEU E 1315 24.74 -0.95 47.12
N THR E 1316 25.84 -0.21 47.22
CA THR E 1316 25.85 1.23 46.99
C THR E 1316 26.51 1.63 45.67
N ASN E 1317 27.03 0.68 44.91
CA ASN E 1317 27.76 0.99 43.69
C ASN E 1317 26.84 1.62 42.64
N LEU E 1318 27.45 2.37 41.74
CA LEU E 1318 26.73 2.93 40.60
C LEU E 1318 26.36 1.83 39.61
N GLY E 1319 25.17 1.94 39.02
CA GLY E 1319 24.78 1.05 37.96
C GLY E 1319 23.77 0.00 38.33
N ALA E 1320 23.83 -1.15 37.65
CA ALA E 1320 22.83 -2.20 37.86
C ALA E 1320 23.05 -2.87 39.22
N PRO E 1321 21.97 -3.13 39.95
CA PRO E 1321 22.11 -3.87 41.21
C PRO E 1321 22.66 -5.27 40.95
N ALA E 1322 23.38 -5.79 41.94
CA ALA E 1322 24.04 -7.08 41.80
C ALA E 1322 24.02 -7.82 43.14
N ALA E 1323 23.87 -9.13 43.07
CA ALA E 1323 23.93 -9.95 44.25
C ALA E 1323 25.34 -10.01 44.81
N PHE E 1324 25.45 -10.09 46.14
CA PHE E 1324 26.75 -10.14 46.78
C PHE E 1324 26.66 -11.07 47.99
N LYS E 1325 27.78 -11.23 48.69
CA LYS E 1325 27.85 -12.13 49.83
C LYS E 1325 28.54 -11.45 51.00
N TYR E 1326 27.93 -11.56 52.17
CA TYR E 1326 28.57 -11.22 53.44
C TYR E 1326 28.88 -12.56 54.13
N PHE E 1327 30.15 -12.97 54.05
CA PHE E 1327 30.58 -14.29 54.49
C PHE E 1327 29.82 -15.38 53.73
N ASP E 1328 28.93 -16.09 54.41
CA ASP E 1328 28.12 -17.12 53.77
C ASP E 1328 26.70 -16.66 53.48
N THR E 1329 26.34 -15.44 53.83
CA THR E 1329 25.00 -14.90 53.57
C THR E 1329 24.95 -14.29 52.17
N THR E 1330 23.97 -14.73 51.38
CA THR E 1330 23.80 -14.26 50.01
C THR E 1330 22.70 -13.20 50.00
N ILE E 1331 23.04 -12.00 49.51
CA ILE E 1331 22.11 -10.90 49.35
C ILE E 1331 21.78 -10.74 47.87
N ASP E 1332 20.51 -10.98 47.53
CA ASP E 1332 20.04 -10.79 46.17
C ASP E 1332 19.99 -9.30 45.81
N ARG E 1333 19.89 -9.03 44.52
CA ARG E 1333 19.86 -7.66 44.04
C ARG E 1333 18.45 -7.11 44.20
N LYS E 1334 18.35 -5.90 44.74
CA LYS E 1334 17.09 -5.18 44.80
C LYS E 1334 16.99 -4.33 43.54
N ARG E 1335 16.12 -4.74 42.63
CA ARG E 1335 16.02 -4.09 41.33
C ARG E 1335 14.87 -3.09 41.33
N TYR E 1336 15.00 -2.08 40.49
CA TYR E 1336 14.03 -1.00 40.39
C TYR E 1336 13.16 -1.25 39.17
N THR E 1337 12.17 -2.14 39.35
CA THR E 1337 11.34 -2.66 38.27
C THR E 1337 10.33 -1.66 37.74
N SER E 1338 10.42 -0.37 38.07
CA SER E 1338 9.48 0.62 37.58
C SER E 1338 10.22 1.91 37.23
N THR E 1339 9.88 2.49 36.08
CA THR E 1339 10.44 3.76 35.65
C THR E 1339 9.42 4.89 35.77
N LYS E 1340 8.36 4.70 36.56
CA LYS E 1340 7.31 5.71 36.67
C LYS E 1340 7.85 6.97 37.34
N GLU E 1341 8.75 6.82 38.31
CA GLU E 1341 9.23 7.96 39.07
C GLU E 1341 9.92 8.99 38.17
N VAL E 1342 10.84 8.54 37.32
CA VAL E 1342 11.65 9.44 36.53
C VAL E 1342 10.82 10.32 35.60
N LEU E 1343 9.53 10.01 35.42
CA LEU E 1343 8.68 10.86 34.60
C LEU E 1343 8.40 12.21 35.24
N ASP E 1344 8.67 12.37 36.54
CA ASP E 1344 8.44 13.63 37.23
C ASP E 1344 9.70 14.15 37.92
N ALA E 1345 10.85 13.52 37.68
CA ALA E 1345 12.10 13.91 38.32
C ALA E 1345 12.78 14.98 37.46
N THR E 1346 14.10 15.16 37.65
CA THR E 1346 14.86 16.15 36.89
C THR E 1346 15.87 15.42 36.01
N LEU E 1347 15.64 15.47 34.70
CA LEU E 1347 16.55 14.86 33.74
C LEU E 1347 17.80 15.72 33.58
N ILE E 1348 18.96 15.06 33.57
CA ILE E 1348 20.26 15.74 33.52
C ILE E 1348 20.95 15.33 32.23
N HIS E 1349 21.10 16.28 31.31
CA HIS E 1349 21.91 16.09 30.11
C HIS E 1349 23.32 16.56 30.40
N GLN E 1350 24.29 15.65 30.40
CA GLN E 1350 25.66 15.93 30.77
C GLN E 1350 26.57 15.93 29.54
N SER E 1351 27.47 16.91 29.47
CA SER E 1351 28.52 16.84 28.46
C SER E 1351 29.45 15.67 28.77
N ILE E 1352 30.44 15.46 27.91
CA ILE E 1352 31.29 14.28 28.05
C ILE E 1352 32.05 14.29 29.37
N THR E 1353 32.44 15.47 29.84
CA THR E 1353 33.07 15.59 31.16
C THR E 1353 32.06 15.77 32.27
N GLY E 1354 30.79 16.01 31.94
CA GLY E 1354 29.78 16.32 32.92
C GLY E 1354 29.87 17.71 33.51
N LEU E 1355 30.82 18.53 33.07
CA LEU E 1355 30.95 19.89 33.58
C LEU E 1355 29.83 20.79 33.05
N TYR E 1356 29.35 20.53 31.84
CA TYR E 1356 28.24 21.27 31.26
C TYR E 1356 26.97 20.45 31.42
N GLU E 1357 25.94 21.08 32.00
CA GLU E 1357 24.69 20.40 32.30
C GLU E 1357 23.52 21.13 31.67
N THR E 1358 22.46 20.36 31.38
CA THR E 1358 21.15 20.91 31.04
C THR E 1358 20.13 20.11 31.83
N ARG E 1359 19.47 20.74 32.79
CA ARG E 1359 18.52 20.06 33.66
C ARG E 1359 17.11 20.44 33.26
N ILE E 1360 16.28 19.42 33.02
CA ILE E 1360 14.90 19.59 32.61
C ILE E 1360 14.01 18.97 33.67
N ASP E 1361 13.19 19.78 34.33
CA ASP E 1361 12.22 19.29 35.29
C ASP E 1361 11.04 18.71 34.51
N LEU E 1362 10.87 17.40 34.58
CA LEU E 1362 9.82 16.74 33.81
C LEU E 1362 8.43 16.94 34.40
N SER E 1363 8.31 17.42 35.64
CA SER E 1363 7.00 17.69 36.21
C SER E 1363 6.29 18.82 35.47
N GLN E 1364 7.03 19.72 34.84
CA GLN E 1364 6.43 20.79 34.04
C GLN E 1364 5.71 20.23 32.82
N LEU E 1365 6.14 19.08 32.32
CA LEU E 1365 5.61 18.56 31.06
C LEU E 1365 4.17 18.07 31.20
N GLY E 1366 3.31 18.59 30.34
CA GLY E 1366 1.92 18.19 30.30
C GLY E 1366 1.23 18.84 29.11
N GLY E 1367 0.12 18.23 28.71
CA GLY E 1367 -0.67 18.79 27.62
C GLY E 1367 -1.87 19.55 28.12
N ASP E 1368 -1.71 20.21 29.27
CA ASP E 1368 -2.79 20.94 29.91
C ASP E 1368 -2.57 22.44 29.81
K K I . -1.47 -33.76 -48.66
K K J . -18.43 -1.22 -17.44
K K K . -13.74 28.07 -19.10
K K L . -18.31 17.64 -17.17
K K M . -15.00 -5.60 -7.83
K K N . -26.49 -11.03 -14.14
K K O . -26.04 7.12 -10.69
K K P . -13.20 16.78 -11.30
K K Q . -35.92 -11.49 -16.89
K K R . -27.78 -3.33 -17.37
K K S . 31.49 -7.41 10.93
K K T . 22.97 4.40 16.71
K K U . -9.19 -48.02 34.59
K K V . 20.35 -15.10 15.19
K K W . 18.05 -14.33 3.39
K K X . 28.49 -20.50 14.56
#